data_5QXZ
# 
_entry.id   5QXZ 
# 
_audit_conform.dict_name       mmcif_pdbx.dic 
_audit_conform.dict_version    5.387 
_audit_conform.dict_location   http://mmcif.pdb.org/dictionaries/ascii/mmcif_pdbx.dic 
# 
loop_
_database_2.database_id 
_database_2.database_code 
_database_2.pdbx_database_accession 
_database_2.pdbx_DOI 
PDB   5QXZ         pdb_00005qxz 10.2210/pdb5qxz/pdb 
WWPDB D_1001402468 ?            ?                   
# 
loop_
_pdbx_audit_revision_history.ordinal 
_pdbx_audit_revision_history.data_content_type 
_pdbx_audit_revision_history.major_revision 
_pdbx_audit_revision_history.minor_revision 
_pdbx_audit_revision_history.revision_date 
1 'Structure model' 1 0 2020-04-08 
2 'Structure model' 1 1 2024-03-06 
# 
_pdbx_audit_revision_details.ordinal             1 
_pdbx_audit_revision_details.revision_ordinal    1 
_pdbx_audit_revision_details.data_content_type   'Structure model' 
_pdbx_audit_revision_details.provider            repository 
_pdbx_audit_revision_details.type                'Initial release' 
_pdbx_audit_revision_details.description         ? 
_pdbx_audit_revision_details.details             ? 
# 
loop_
_pdbx_audit_revision_group.ordinal 
_pdbx_audit_revision_group.revision_ordinal 
_pdbx_audit_revision_group.data_content_type 
_pdbx_audit_revision_group.group 
1 2 'Structure model' 'Data collection'     
2 2 'Structure model' 'Database references' 
# 
loop_
_pdbx_audit_revision_category.ordinal 
_pdbx_audit_revision_category.revision_ordinal 
_pdbx_audit_revision_category.data_content_type 
_pdbx_audit_revision_category.category 
1 2 'Structure model' chem_comp_atom 
2 2 'Structure model' chem_comp_bond 
3 2 'Structure model' database_2     
# 
loop_
_pdbx_audit_revision_item.ordinal 
_pdbx_audit_revision_item.revision_ordinal 
_pdbx_audit_revision_item.data_content_type 
_pdbx_audit_revision_item.item 
1 2 'Structure model' '_database_2.pdbx_DOI'                
2 2 'Structure model' '_database_2.pdbx_database_accession' 
# 
_pdbx_database_status.entry_id                        5QXZ 
_pdbx_database_status.status_code                     REL 
_pdbx_database_status.status_code_sf                  REL 
_pdbx_database_status.status_code_mr                  ? 
_pdbx_database_status.status_code_cs                  ? 
_pdbx_database_status.recvd_initial_deposition_date   2020-02-11 
_pdbx_database_status.deposit_site                    RCSB 
_pdbx_database_status.process_site                    RCSB 
_pdbx_database_status.SG_entry                        ? 
_pdbx_database_status.pdb_format_compatible           Y 
_pdbx_database_status.methods_development_category    ? 
_pdbx_database_status.status_code_nmr_data            ? 
# 
loop_
_audit_author.name 
_audit_author.pdbx_ordinal 
'Snee, M.'         1 
'Talon, R.'        2 
'Fowley, D.'       3 
'Collins, P.'      4 
'Nelson, A.'       5 
'Arrowsmith, C.H.' 6 
'Bountra, C.'      7 
'Edwards, A.'      8 
'Von-Delft, F.'    9 
# 
_citation.id                        primary 
_citation.title                     'PanDDA analysis group deposition - Bromodomain of human ATAD2 fragment screening' 
_citation.journal_abbrev            'To Be Published' 
_citation.journal_volume            ? 
_citation.page_first                ? 
_citation.page_last                 ? 
_citation.year                      ? 
_citation.journal_id_ASTM           ? 
_citation.country                   ? 
_citation.journal_id_ISSN           ? 
_citation.journal_id_CSD            0353 
_citation.book_publisher            ? 
_citation.pdbx_database_id_PubMed   ? 
_citation.pdbx_database_id_DOI      ? 
# 
loop_
_citation_author.citation_id 
_citation_author.name 
_citation_author.identifier_ORCID 
_citation_author.ordinal 
primary 'Snee, M.'         ? 1 
primary 'Talon, R.'        ? 2 
primary 'Fowley, D.'       ? 3 
primary 'Collins, P.'      ? 4 
primary 'Nelson, A.'       ? 5 
primary 'Arrowsmith, C.H.' ? 6 
primary 'Bountra, C.'      ? 7 
primary 'Edwards, A.'      ? 8 
primary 'Von-Delft, F.'    ? 9 
# 
loop_
_entity.id 
_entity.type 
_entity.src_method 
_entity.pdbx_description 
_entity.formula_weight 
_entity.pdbx_number_of_molecules 
_entity.pdbx_ec 
_entity.pdbx_mutation 
_entity.pdbx_fragment 
_entity.details 
1 polymer     man 'ATPase family AAA domain-containing protein 2' 15512.562 1   3.6.1.3 ? ? ? 
2 non-polymer syn 'SULFATE ION' 96.063    2   ?       ? ? ? 
3 non-polymer syn 1,2-ETHANEDIOL 62.068    5   ?       ? ? ? 
4 non-polymer syn 
;methyl (4aS,7aS,9S)-3,4,7,7a,8,9-hexahydro-4a,9-epoxypyrrolo[3',4':4,5]cyclohepta[1,2-d]imidazole-6(5H)-carboxylate
;
249.266   1   ?       ? ? ? 
5 water       nat water 18.015    223 ?       ? ? ? 
# 
_entity_name_com.entity_id   1 
_entity_name_com.name        'AAA nuclear coregulator cancer-associated protein,ANCCA' 
# 
_entity_poly.entity_id                      1 
_entity_poly.type                           'polypeptide(L)' 
_entity_poly.nstd_linkage                   no 
_entity_poly.nstd_monomer                   no 
_entity_poly.pdbx_seq_one_letter_code       
;SMQEEDTFRELRIFLRNVTHRLAIDKRFRVFTKPVDPDEVPDYRTVIKEPMDLSSVISKIDLHKYLTVKDYLRDIDLICS
NALEYNPDRDPGDRLIRHRACALRDTAYAIIKEELDEDFEQLCEEIQESR
;
_entity_poly.pdbx_seq_one_letter_code_can   
;SMQEEDTFRELRIFLRNVTHRLAIDKRFRVFTKPVDPDEVPDYRTVIKEPMDLSSVISKIDLHKYLTVKDYLRDIDLICS
NALEYNPDRDPGDRLIRHRACALRDTAYAIIKEELDEDFEQLCEEIQESR
;
_entity_poly.pdbx_strand_id                 A 
_entity_poly.pdbx_target_identifier         ? 
# 
loop_
_pdbx_entity_nonpoly.entity_id 
_pdbx_entity_nonpoly.name 
_pdbx_entity_nonpoly.comp_id 
2 'SULFATE ION'                                                                                                         SO4 
3 1,2-ETHANEDIOL                                                                                                        EDO 
4 
;methyl (4aS,7aS,9S)-3,4,7,7a,8,9-hexahydro-4a,9-epoxypyrrolo[3',4':4,5]cyclohepta[1,2-d]imidazole-6(5H)-carboxylate
;
RKG 
5 water                                                                                                                 HOH 
# 
loop_
_entity_poly_seq.entity_id 
_entity_poly_seq.num 
_entity_poly_seq.mon_id 
_entity_poly_seq.hetero 
1 1   SER n 
1 2   MET n 
1 3   GLN n 
1 4   GLU n 
1 5   GLU n 
1 6   ASP n 
1 7   THR n 
1 8   PHE n 
1 9   ARG n 
1 10  GLU n 
1 11  LEU n 
1 12  ARG n 
1 13  ILE n 
1 14  PHE n 
1 15  LEU n 
1 16  ARG n 
1 17  ASN n 
1 18  VAL n 
1 19  THR n 
1 20  HIS n 
1 21  ARG n 
1 22  LEU n 
1 23  ALA n 
1 24  ILE n 
1 25  ASP n 
1 26  LYS n 
1 27  ARG n 
1 28  PHE n 
1 29  ARG n 
1 30  VAL n 
1 31  PHE n 
1 32  THR n 
1 33  LYS n 
1 34  PRO n 
1 35  VAL n 
1 36  ASP n 
1 37  PRO n 
1 38  ASP n 
1 39  GLU n 
1 40  VAL n 
1 41  PRO n 
1 42  ASP n 
1 43  TYR n 
1 44  ARG n 
1 45  THR n 
1 46  VAL n 
1 47  ILE n 
1 48  LYS n 
1 49  GLU n 
1 50  PRO n 
1 51  MET n 
1 52  ASP n 
1 53  LEU n 
1 54  SER n 
1 55  SER n 
1 56  VAL n 
1 57  ILE n 
1 58  SER n 
1 59  LYS n 
1 60  ILE n 
1 61  ASP n 
1 62  LEU n 
1 63  HIS n 
1 64  LYS n 
1 65  TYR n 
1 66  LEU n 
1 67  THR n 
1 68  VAL n 
1 69  LYS n 
1 70  ASP n 
1 71  TYR n 
1 72  LEU n 
1 73  ARG n 
1 74  ASP n 
1 75  ILE n 
1 76  ASP n 
1 77  LEU n 
1 78  ILE n 
1 79  CYS n 
1 80  SER n 
1 81  ASN n 
1 82  ALA n 
1 83  LEU n 
1 84  GLU n 
1 85  TYR n 
1 86  ASN n 
1 87  PRO n 
1 88  ASP n 
1 89  ARG n 
1 90  ASP n 
1 91  PRO n 
1 92  GLY n 
1 93  ASP n 
1 94  ARG n 
1 95  LEU n 
1 96  ILE n 
1 97  ARG n 
1 98  HIS n 
1 99  ARG n 
1 100 ALA n 
1 101 CYS n 
1 102 ALA n 
1 103 LEU n 
1 104 ARG n 
1 105 ASP n 
1 106 THR n 
1 107 ALA n 
1 108 TYR n 
1 109 ALA n 
1 110 ILE n 
1 111 ILE n 
1 112 LYS n 
1 113 GLU n 
1 114 GLU n 
1 115 LEU n 
1 116 ASP n 
1 117 GLU n 
1 118 ASP n 
1 119 PHE n 
1 120 GLU n 
1 121 GLN n 
1 122 LEU n 
1 123 CYS n 
1 124 GLU n 
1 125 GLU n 
1 126 ILE n 
1 127 GLN n 
1 128 GLU n 
1 129 SER n 
1 130 ARG n 
# 
_entity_src_gen.entity_id                          1 
_entity_src_gen.pdbx_src_id                        1 
_entity_src_gen.pdbx_alt_source_flag               sample 
_entity_src_gen.pdbx_seq_type                      'Biological sequence' 
_entity_src_gen.pdbx_beg_seq_num                   1 
_entity_src_gen.pdbx_end_seq_num                   130 
_entity_src_gen.gene_src_common_name               Human 
_entity_src_gen.gene_src_genus                     ? 
_entity_src_gen.pdbx_gene_src_gene                 'ATAD2, L16, PRO2000' 
_entity_src_gen.gene_src_species                   ? 
_entity_src_gen.gene_src_strain                    ? 
_entity_src_gen.gene_src_tissue                    ? 
_entity_src_gen.gene_src_tissue_fraction           ? 
_entity_src_gen.gene_src_details                   ? 
_entity_src_gen.pdbx_gene_src_fragment             ? 
_entity_src_gen.pdbx_gene_src_scientific_name      'Homo sapiens' 
_entity_src_gen.pdbx_gene_src_ncbi_taxonomy_id     9606 
_entity_src_gen.pdbx_gene_src_variant              ? 
_entity_src_gen.pdbx_gene_src_cell_line            ? 
_entity_src_gen.pdbx_gene_src_atcc                 ? 
_entity_src_gen.pdbx_gene_src_organ                ? 
_entity_src_gen.pdbx_gene_src_organelle            ? 
_entity_src_gen.pdbx_gene_src_cell                 ? 
_entity_src_gen.pdbx_gene_src_cellular_location    ? 
_entity_src_gen.host_org_common_name               ? 
_entity_src_gen.pdbx_host_org_scientific_name      'Escherichia coli' 
_entity_src_gen.pdbx_host_org_ncbi_taxonomy_id     562 
_entity_src_gen.host_org_genus                     ? 
_entity_src_gen.pdbx_host_org_gene                 ? 
_entity_src_gen.pdbx_host_org_organ                ? 
_entity_src_gen.host_org_species                   ? 
_entity_src_gen.pdbx_host_org_tissue               ? 
_entity_src_gen.pdbx_host_org_tissue_fraction      ? 
_entity_src_gen.pdbx_host_org_strain               ? 
_entity_src_gen.pdbx_host_org_variant              ? 
_entity_src_gen.pdbx_host_org_cell_line            ? 
_entity_src_gen.pdbx_host_org_atcc                 ? 
_entity_src_gen.pdbx_host_org_culture_collection   ? 
_entity_src_gen.pdbx_host_org_cell                 ? 
_entity_src_gen.pdbx_host_org_organelle            ? 
_entity_src_gen.pdbx_host_org_cellular_location    ? 
_entity_src_gen.pdbx_host_org_vector_type          ? 
_entity_src_gen.pdbx_host_org_vector               ? 
_entity_src_gen.host_org_details                   ? 
_entity_src_gen.expression_system_id               ? 
_entity_src_gen.plasmid_name                       ? 
_entity_src_gen.plasmid_details                    ? 
_entity_src_gen.pdbx_description                   ? 
# 
loop_
_chem_comp.id 
_chem_comp.type 
_chem_comp.mon_nstd_flag 
_chem_comp.name 
_chem_comp.pdbx_synonyms 
_chem_comp.formula 
_chem_comp.formula_weight 
ALA 'L-peptide linking' y ALANINE ?                 'C3 H7 N O2'     89.093  
ARG 'L-peptide linking' y ARGININE ?                 'C6 H15 N4 O2 1' 175.209 
ASN 'L-peptide linking' y ASPARAGINE ?                 'C4 H8 N2 O3'    132.118 
ASP 'L-peptide linking' y 'ASPARTIC ACID' ?                 'C4 H7 N O4'     133.103 
CYS 'L-peptide linking' y CYSTEINE ?                 'C3 H7 N O2 S'   121.158 
EDO non-polymer         . 1,2-ETHANEDIOL 'ETHYLENE GLYCOL' 'C2 H6 O2'       62.068  
GLN 'L-peptide linking' y GLUTAMINE ?                 'C5 H10 N2 O3'   146.144 
GLU 'L-peptide linking' y 'GLUTAMIC ACID' ?                 'C5 H9 N O4'     147.129 
GLY 'peptide linking'   y GLYCINE ?                 'C2 H5 N O2'     75.067  
HIS 'L-peptide linking' y HISTIDINE ?                 'C6 H10 N3 O2 1' 156.162 
HOH non-polymer         . WATER ?                 'H2 O'           18.015  
ILE 'L-peptide linking' y ISOLEUCINE ?                 'C6 H13 N O2'    131.173 
LEU 'L-peptide linking' y LEUCINE ?                 'C6 H13 N O2'    131.173 
LYS 'L-peptide linking' y LYSINE ?                 'C6 H15 N2 O2 1' 147.195 
MET 'L-peptide linking' y METHIONINE ?                 'C5 H11 N O2 S'  149.211 
PHE 'L-peptide linking' y PHENYLALANINE ?                 'C9 H11 N O2'    165.189 
PRO 'L-peptide linking' y PROLINE ?                 'C5 H9 N O2'     115.130 
RKG non-polymer         . 
;methyl (4aS,7aS,9S)-3,4,7,7a,8,9-hexahydro-4a,9-epoxypyrrolo[3',4':4,5]cyclohepta[1,2-d]imidazole-6(5H)-carboxylate
;
?                 'C12 H15 N3 O3'  249.266 
SER 'L-peptide linking' y SERINE ?                 'C3 H7 N O3'     105.093 
SO4 non-polymer         . 'SULFATE ION' ?                 'O4 S -2'        96.063  
THR 'L-peptide linking' y THREONINE ?                 'C4 H9 N O3'     119.119 
TYR 'L-peptide linking' y TYROSINE ?                 'C9 H11 N O3'    181.189 
VAL 'L-peptide linking' y VALINE ?                 'C5 H11 N O2'    117.146 
# 
loop_
_pdbx_poly_seq_scheme.asym_id 
_pdbx_poly_seq_scheme.entity_id 
_pdbx_poly_seq_scheme.seq_id 
_pdbx_poly_seq_scheme.mon_id 
_pdbx_poly_seq_scheme.ndb_seq_num 
_pdbx_poly_seq_scheme.pdb_seq_num 
_pdbx_poly_seq_scheme.auth_seq_num 
_pdbx_poly_seq_scheme.pdb_mon_id 
_pdbx_poly_seq_scheme.auth_mon_id 
_pdbx_poly_seq_scheme.pdb_strand_id 
_pdbx_poly_seq_scheme.pdb_ins_code 
_pdbx_poly_seq_scheme.hetero 
A 1 1   SER 1   979  979  SER SER A . n 
A 1 2   MET 2   980  980  MET MET A . n 
A 1 3   GLN 3   981  981  GLN GLN A . n 
A 1 4   GLU 4   982  982  GLU GLU A . n 
A 1 5   GLU 5   983  983  GLU GLU A . n 
A 1 6   ASP 6   984  984  ASP ASP A . n 
A 1 7   THR 7   985  985  THR THR A . n 
A 1 8   PHE 8   986  986  PHE PHE A . n 
A 1 9   ARG 9   987  987  ARG ARG A . n 
A 1 10  GLU 10  988  988  GLU GLU A . n 
A 1 11  LEU 11  989  989  LEU LEU A . n 
A 1 12  ARG 12  990  990  ARG ARG A . n 
A 1 13  ILE 13  991  991  ILE ILE A . n 
A 1 14  PHE 14  992  992  PHE PHE A . n 
A 1 15  LEU 15  993  993  LEU LEU A . n 
A 1 16  ARG 16  994  994  ARG ARG A . n 
A 1 17  ASN 17  995  995  ASN ASN A . n 
A 1 18  VAL 18  996  996  VAL VAL A . n 
A 1 19  THR 19  997  997  THR THR A . n 
A 1 20  HIS 20  998  998  HIS HIS A . n 
A 1 21  ARG 21  999  999  ARG ARG A . n 
A 1 22  LEU 22  1000 1000 LEU LEU A . n 
A 1 23  ALA 23  1001 1001 ALA ALA A . n 
A 1 24  ILE 24  1002 1002 ILE ILE A . n 
A 1 25  ASP 25  1003 1003 ASP ASP A . n 
A 1 26  LYS 26  1004 1004 LYS LYS A . n 
A 1 27  ARG 27  1005 1005 ARG ARG A . n 
A 1 28  PHE 28  1006 1006 PHE PHE A . n 
A 1 29  ARG 29  1007 1007 ARG ARG A . n 
A 1 30  VAL 30  1008 1008 VAL VAL A . n 
A 1 31  PHE 31  1009 1009 PHE PHE A . n 
A 1 32  THR 32  1010 1010 THR THR A . n 
A 1 33  LYS 33  1011 1011 LYS LYS A . n 
A 1 34  PRO 34  1012 1012 PRO PRO A . n 
A 1 35  VAL 35  1013 1013 VAL VAL A . n 
A 1 36  ASP 36  1014 1014 ASP ASP A . n 
A 1 37  PRO 37  1015 1015 PRO PRO A . n 
A 1 38  ASP 38  1016 1016 ASP ASP A . n 
A 1 39  GLU 39  1017 1017 GLU GLU A . n 
A 1 40  VAL 40  1018 1018 VAL VAL A . n 
A 1 41  PRO 41  1019 1019 PRO PRO A . n 
A 1 42  ASP 42  1020 1020 ASP ASP A . n 
A 1 43  TYR 43  1021 1021 TYR TYR A . n 
A 1 44  ARG 44  1022 1022 ARG ARG A . n 
A 1 45  THR 45  1023 1023 THR THR A . n 
A 1 46  VAL 46  1024 1024 VAL VAL A . n 
A 1 47  ILE 47  1025 1025 ILE ILE A . n 
A 1 48  LYS 48  1026 1026 LYS LYS A . n 
A 1 49  GLU 49  1027 1027 GLU GLU A . n 
A 1 50  PRO 50  1028 1028 PRO PRO A . n 
A 1 51  MET 51  1029 1029 MET MET A . n 
A 1 52  ASP 52  1030 1030 ASP ASP A . n 
A 1 53  LEU 53  1031 1031 LEU LEU A . n 
A 1 54  SER 54  1032 1032 SER SER A . n 
A 1 55  SER 55  1033 1033 SER SER A . n 
A 1 56  VAL 56  1034 1034 VAL VAL A . n 
A 1 57  ILE 57  1035 1035 ILE ILE A . n 
A 1 58  SER 58  1036 1036 SER SER A . n 
A 1 59  LYS 59  1037 1037 LYS LYS A . n 
A 1 60  ILE 60  1038 1038 ILE ILE A . n 
A 1 61  ASP 61  1039 1039 ASP ASP A . n 
A 1 62  LEU 62  1040 1040 LEU LEU A . n 
A 1 63  HIS 63  1041 1041 HIS HIS A . n 
A 1 64  LYS 64  1042 1042 LYS LYS A . n 
A 1 65  TYR 65  1043 1043 TYR TYR A . n 
A 1 66  LEU 66  1044 1044 LEU LEU A . n 
A 1 67  THR 67  1045 1045 THR THR A . n 
A 1 68  VAL 68  1046 1046 VAL VAL A . n 
A 1 69  LYS 69  1047 1047 LYS LYS A . n 
A 1 70  ASP 70  1048 1048 ASP ASP A . n 
A 1 71  TYR 71  1049 1049 TYR TYR A . n 
A 1 72  LEU 72  1050 1050 LEU LEU A . n 
A 1 73  ARG 73  1051 1051 ARG ARG A . n 
A 1 74  ASP 74  1052 1052 ASP ASP A . n 
A 1 75  ILE 75  1053 1053 ILE ILE A . n 
A 1 76  ASP 76  1054 1054 ASP ASP A . n 
A 1 77  LEU 77  1055 1055 LEU LEU A . n 
A 1 78  ILE 78  1056 1056 ILE ILE A . n 
A 1 79  CYS 79  1057 1057 CYS CYS A . n 
A 1 80  SER 80  1058 1058 SER SER A . n 
A 1 81  ASN 81  1059 1059 ASN ASN A . n 
A 1 82  ALA 82  1060 1060 ALA ALA A . n 
A 1 83  LEU 83  1061 1061 LEU LEU A . n 
A 1 84  GLU 84  1062 1062 GLU GLU A . n 
A 1 85  TYR 85  1063 1063 TYR TYR A . n 
A 1 86  ASN 86  1064 1064 ASN ASN A . n 
A 1 87  PRO 87  1065 1065 PRO PRO A . n 
A 1 88  ASP 88  1066 1066 ASP ASP A . n 
A 1 89  ARG 89  1067 1067 ARG ARG A . n 
A 1 90  ASP 90  1068 1068 ASP ASP A . n 
A 1 91  PRO 91  1069 1069 PRO PRO A . n 
A 1 92  GLY 92  1070 1070 GLY GLY A . n 
A 1 93  ASP 93  1071 1071 ASP ASP A . n 
A 1 94  ARG 94  1072 1072 ARG ARG A . n 
A 1 95  LEU 95  1073 1073 LEU LEU A . n 
A 1 96  ILE 96  1074 1074 ILE ILE A . n 
A 1 97  ARG 97  1075 1075 ARG ARG A . n 
A 1 98  HIS 98  1076 1076 HIS HIS A . n 
A 1 99  ARG 99  1077 1077 ARG ARG A . n 
A 1 100 ALA 100 1078 1078 ALA ALA A . n 
A 1 101 CYS 101 1079 1079 CYS CYS A . n 
A 1 102 ALA 102 1080 1080 ALA ALA A . n 
A 1 103 LEU 103 1081 1081 LEU LEU A . n 
A 1 104 ARG 104 1082 1082 ARG ARG A . n 
A 1 105 ASP 105 1083 1083 ASP ASP A . n 
A 1 106 THR 106 1084 1084 THR THR A . n 
A 1 107 ALA 107 1085 1085 ALA ALA A . n 
A 1 108 TYR 108 1086 1086 TYR TYR A . n 
A 1 109 ALA 109 1087 1087 ALA ALA A . n 
A 1 110 ILE 110 1088 1088 ILE ILE A . n 
A 1 111 ILE 111 1089 1089 ILE ILE A . n 
A 1 112 LYS 112 1090 1090 LYS LYS A . n 
A 1 113 GLU 113 1091 1091 GLU GLU A . n 
A 1 114 GLU 114 1092 1092 GLU GLU A . n 
A 1 115 LEU 115 1093 1093 LEU LEU A . n 
A 1 116 ASP 116 1094 1094 ASP ASP A . n 
A 1 117 GLU 117 1095 1095 GLU GLU A . n 
A 1 118 ASP 118 1096 1096 ASP ASP A . n 
A 1 119 PHE 119 1097 1097 PHE PHE A . n 
A 1 120 GLU 120 1098 1098 GLU GLU A . n 
A 1 121 GLN 121 1099 1099 GLN GLN A . n 
A 1 122 LEU 122 1100 1100 LEU LEU A . n 
A 1 123 CYS 123 1101 1101 CYS CYS A . n 
A 1 124 GLU 124 1102 1102 GLU GLU A . n 
A 1 125 GLU 125 1103 1103 GLU GLU A . n 
A 1 126 ILE 126 1104 1104 ILE ILE A . n 
A 1 127 GLN 127 1105 1105 GLN GLN A . n 
A 1 128 GLU 128 1106 1106 GLU GLU A . n 
A 1 129 SER 129 1107 1107 SER SER A . n 
A 1 130 ARG 130 1108 1108 ARG ARG A . n 
# 
loop_
_pdbx_nonpoly_scheme.asym_id 
_pdbx_nonpoly_scheme.entity_id 
_pdbx_nonpoly_scheme.mon_id 
_pdbx_nonpoly_scheme.ndb_seq_num 
_pdbx_nonpoly_scheme.pdb_seq_num 
_pdbx_nonpoly_scheme.auth_seq_num 
_pdbx_nonpoly_scheme.pdb_mon_id 
_pdbx_nonpoly_scheme.auth_mon_id 
_pdbx_nonpoly_scheme.pdb_strand_id 
_pdbx_nonpoly_scheme.pdb_ins_code 
B 2 SO4 1   1201 1   SO4 SO4 A . 
C 2 SO4 1   1202 2   SO4 SO4 A . 
D 3 EDO 1   1203 3   EDO EDO A . 
E 3 EDO 1   1204 5   EDO EDO A . 
F 3 EDO 1   1205 6   EDO EDO A . 
G 3 EDO 1   1206 7   EDO EDO A . 
H 4 RKG 1   1207 1   RKG LIG A . 
I 3 EDO 1   1208 101 EDO EDO A . 
J 5 HOH 1   1301 155 HOH HOH A . 
J 5 HOH 2   1302 158 HOH HOH A . 
J 5 HOH 3   1303 256 HOH HOH A . 
J 5 HOH 4   1304 184 HOH HOH A . 
J 5 HOH 5   1305 243 HOH HOH A . 
J 5 HOH 6   1306 134 HOH HOH A . 
J 5 HOH 7   1307 32  HOH HOH A . 
J 5 HOH 8   1308 79  HOH HOH A . 
J 5 HOH 9   1309 118 HOH HOH A . 
J 5 HOH 10  1310 144 HOH HOH A . 
J 5 HOH 11  1311 161 HOH HOH A . 
J 5 HOH 12  1312 191 HOH HOH A . 
J 5 HOH 13  1313 128 HOH HOH A . 
J 5 HOH 14  1314 221 HOH HOH A . 
J 5 HOH 15  1315 68  HOH HOH A . 
J 5 HOH 16  1316 98  HOH HOH A . 
J 5 HOH 17  1317 106 HOH HOH A . 
J 5 HOH 18  1318 87  HOH HOH A . 
J 5 HOH 19  1319 27  HOH HOH A . 
J 5 HOH 20  1320 50  HOH HOH A . 
J 5 HOH 21  1321 200 HOH HOH A . 
J 5 HOH 22  1322 171 HOH HOH A . 
J 5 HOH 23  1323 129 HOH HOH A . 
J 5 HOH 24  1324 52  HOH HOH A . 
J 5 HOH 25  1325 202 HOH HOH A . 
J 5 HOH 26  1326 194 HOH HOH A . 
J 5 HOH 27  1327 64  HOH HOH A . 
J 5 HOH 28  1328 163 HOH HOH A . 
J 5 HOH 29  1329 28  HOH HOH A . 
J 5 HOH 30  1330 59  HOH HOH A . 
J 5 HOH 31  1331 201 HOH HOH A . 
J 5 HOH 32  1332 5   HOH HOH A . 
J 5 HOH 33  1333 109 HOH HOH A . 
J 5 HOH 34  1334 189 HOH HOH A . 
J 5 HOH 35  1335 192 HOH HOH A . 
J 5 HOH 36  1336 162 HOH HOH A . 
J 5 HOH 37  1337 111 HOH HOH A . 
J 5 HOH 38  1338 29  HOH HOH A . 
J 5 HOH 39  1339 34  HOH HOH A . 
J 5 HOH 40  1340 23  HOH HOH A . 
J 5 HOH 41  1341 113 HOH HOH A . 
J 5 HOH 42  1342 19  HOH HOH A . 
J 5 HOH 43  1343 56  HOH HOH A . 
J 5 HOH 44  1344 47  HOH HOH A . 
J 5 HOH 45  1345 61  HOH HOH A . 
J 5 HOH 46  1346 22  HOH HOH A . 
J 5 HOH 47  1347 55  HOH HOH A . 
J 5 HOH 48  1348 42  HOH HOH A . 
J 5 HOH 49  1349 16  HOH HOH A . 
J 5 HOH 50  1350 203 HOH HOH A . 
J 5 HOH 51  1351 132 HOH HOH A . 
J 5 HOH 52  1352 77  HOH HOH A . 
J 5 HOH 53  1353 80  HOH HOH A . 
J 5 HOH 54  1354 17  HOH HOH A . 
J 5 HOH 55  1355 43  HOH HOH A . 
J 5 HOH 56  1356 33  HOH HOH A . 
J 5 HOH 57  1357 13  HOH HOH A . 
J 5 HOH 58  1358 9   HOH HOH A . 
J 5 HOH 59  1359 31  HOH HOH A . 
J 5 HOH 60  1360 75  HOH HOH A . 
J 5 HOH 61  1361 25  HOH HOH A . 
J 5 HOH 62  1362 99  HOH HOH A . 
J 5 HOH 63  1363 21  HOH HOH A . 
J 5 HOH 64  1364 236 HOH HOH A . 
J 5 HOH 65  1365 2   HOH HOH A . 
J 5 HOH 66  1366 1   HOH HOH A . 
J 5 HOH 67  1367 24  HOH HOH A . 
J 5 HOH 68  1368 20  HOH HOH A . 
J 5 HOH 69  1369 206 HOH HOH A . 
J 5 HOH 70  1370 142 HOH HOH A . 
J 5 HOH 71  1371 165 HOH HOH A . 
J 5 HOH 72  1372 131 HOH HOH A . 
J 5 HOH 73  1373 141 HOH HOH A . 
J 5 HOH 74  1374 160 HOH HOH A . 
J 5 HOH 75  1375 67  HOH HOH A . 
J 5 HOH 76  1376 116 HOH HOH A . 
J 5 HOH 77  1377 197 HOH HOH A . 
J 5 HOH 78  1378 14  HOH HOH A . 
J 5 HOH 79  1379 172 HOH HOH A . 
J 5 HOH 80  1380 7   HOH HOH A . 
J 5 HOH 81  1381 76  HOH HOH A . 
J 5 HOH 82  1382 58  HOH HOH A . 
J 5 HOH 83  1383 187 HOH HOH A . 
J 5 HOH 84  1384 48  HOH HOH A . 
J 5 HOH 85  1385 92  HOH HOH A . 
J 5 HOH 86  1386 73  HOH HOH A . 
J 5 HOH 87  1387 45  HOH HOH A . 
J 5 HOH 88  1388 46  HOH HOH A . 
J 5 HOH 89  1389 139 HOH HOH A . 
J 5 HOH 90  1390 89  HOH HOH A . 
J 5 HOH 91  1391 107 HOH HOH A . 
J 5 HOH 92  1392 40  HOH HOH A . 
J 5 HOH 93  1393 70  HOH HOH A . 
J 5 HOH 94  1394 85  HOH HOH A . 
J 5 HOH 95  1395 36  HOH HOH A . 
J 5 HOH 96  1396 102 HOH HOH A . 
J 5 HOH 97  1397 12  HOH HOH A . 
J 5 HOH 98  1398 124 HOH HOH A . 
J 5 HOH 99  1399 257 HOH HOH A . 
J 5 HOH 100 1400 104 HOH HOH A . 
J 5 HOH 101 1401 120 HOH HOH A . 
J 5 HOH 102 1402 147 HOH HOH A . 
J 5 HOH 103 1403 6   HOH HOH A . 
J 5 HOH 104 1404 100 HOH HOH A . 
J 5 HOH 105 1405 95  HOH HOH A . 
J 5 HOH 106 1406 54  HOH HOH A . 
J 5 HOH 107 1407 83  HOH HOH A . 
J 5 HOH 108 1408 101 HOH HOH A . 
J 5 HOH 109 1409 88  HOH HOH A . 
J 5 HOH 110 1410 30  HOH HOH A . 
J 5 HOH 111 1411 175 HOH HOH A . 
J 5 HOH 112 1412 15  HOH HOH A . 
J 5 HOH 113 1413 4   HOH HOH A . 
J 5 HOH 114 1414 49  HOH HOH A . 
J 5 HOH 115 1415 62  HOH HOH A . 
J 5 HOH 116 1416 154 HOH HOH A . 
J 5 HOH 117 1417 216 HOH HOH A . 
J 5 HOH 118 1418 247 HOH HOH A . 
J 5 HOH 119 1419 145 HOH HOH A . 
J 5 HOH 120 1420 105 HOH HOH A . 
J 5 HOH 121 1421 39  HOH HOH A . 
J 5 HOH 122 1422 3   HOH HOH A . 
J 5 HOH 123 1423 90  HOH HOH A . 
J 5 HOH 124 1424 123 HOH HOH A . 
J 5 HOH 125 1425 18  HOH HOH A . 
J 5 HOH 126 1426 38  HOH HOH A . 
J 5 HOH 127 1427 82  HOH HOH A . 
J 5 HOH 128 1428 53  HOH HOH A . 
J 5 HOH 129 1429 72  HOH HOH A . 
J 5 HOH 130 1430 130 HOH HOH A . 
J 5 HOH 131 1431 190 HOH HOH A . 
J 5 HOH 132 1432 176 HOH HOH A . 
J 5 HOH 133 1433 97  HOH HOH A . 
J 5 HOH 134 1434 209 HOH HOH A . 
J 5 HOH 135 1435 207 HOH HOH A . 
J 5 HOH 136 1436 10  HOH HOH A . 
J 5 HOH 137 1437 51  HOH HOH A . 
J 5 HOH 138 1438 177 HOH HOH A . 
J 5 HOH 139 1439 78  HOH HOH A . 
J 5 HOH 140 1440 11  HOH HOH A . 
J 5 HOH 141 1441 237 HOH HOH A . 
J 5 HOH 142 1442 26  HOH HOH A . 
J 5 HOH 143 1443 234 HOH HOH A . 
J 5 HOH 144 1444 57  HOH HOH A . 
J 5 HOH 145 1445 246 HOH HOH A . 
J 5 HOH 146 1446 196 HOH HOH A . 
J 5 HOH 147 1447 254 HOH HOH A . 
J 5 HOH 148 1448 86  HOH HOH A . 
J 5 HOH 149 1449 230 HOH HOH A . 
J 5 HOH 150 1450 122 HOH HOH A . 
J 5 HOH 151 1451 240 HOH HOH A . 
J 5 HOH 152 1452 180 HOH HOH A . 
J 5 HOH 153 1453 178 HOH HOH A . 
J 5 HOH 154 1454 96  HOH HOH A . 
J 5 HOH 155 1455 215 HOH HOH A . 
J 5 HOH 156 1456 164 HOH HOH A . 
J 5 HOH 157 1457 114 HOH HOH A . 
J 5 HOH 158 1458 199 HOH HOH A . 
J 5 HOH 159 1459 179 HOH HOH A . 
J 5 HOH 160 1460 93  HOH HOH A . 
J 5 HOH 161 1461 188 HOH HOH A . 
J 5 HOH 162 1462 181 HOH HOH A . 
J 5 HOH 163 1463 41  HOH HOH A . 
J 5 HOH 164 1464 110 HOH HOH A . 
J 5 HOH 165 1465 81  HOH HOH A . 
J 5 HOH 166 1466 186 HOH HOH A . 
J 5 HOH 167 1467 167 HOH HOH A . 
J 5 HOH 168 1468 69  HOH HOH A . 
J 5 HOH 169 1469 152 HOH HOH A . 
J 5 HOH 170 1470 224 HOH HOH A . 
J 5 HOH 171 1471 91  HOH HOH A . 
J 5 HOH 172 1472 66  HOH HOH A . 
J 5 HOH 173 1473 60  HOH HOH A . 
J 5 HOH 174 1474 135 HOH HOH A . 
J 5 HOH 175 1475 217 HOH HOH A . 
J 5 HOH 176 1476 115 HOH HOH A . 
J 5 HOH 177 1477 150 HOH HOH A . 
J 5 HOH 178 1478 220 HOH HOH A . 
J 5 HOH 179 1479 159 HOH HOH A . 
J 5 HOH 180 1480 250 HOH HOH A . 
J 5 HOH 181 1481 37  HOH HOH A . 
J 5 HOH 182 1482 225 HOH HOH A . 
J 5 HOH 183 1483 103 HOH HOH A . 
J 5 HOH 184 1484 151 HOH HOH A . 
J 5 HOH 185 1485 205 HOH HOH A . 
J 5 HOH 186 1486 210 HOH HOH A . 
J 5 HOH 187 1487 157 HOH HOH A . 
J 5 HOH 188 1488 248 HOH HOH A . 
J 5 HOH 189 1489 233 HOH HOH A . 
J 5 HOH 190 1490 146 HOH HOH A . 
J 5 HOH 191 1491 8   HOH HOH A . 
J 5 HOH 192 1492 84  HOH HOH A . 
J 5 HOH 193 1493 174 HOH HOH A . 
J 5 HOH 194 1494 119 HOH HOH A . 
J 5 HOH 195 1495 112 HOH HOH A . 
J 5 HOH 196 1496 125 HOH HOH A . 
J 5 HOH 197 1497 143 HOH HOH A . 
J 5 HOH 198 1498 183 HOH HOH A . 
J 5 HOH 199 1499 71  HOH HOH A . 
J 5 HOH 200 1500 244 HOH HOH A . 
J 5 HOH 201 1501 44  HOH HOH A . 
J 5 HOH 202 1502 137 HOH HOH A . 
J 5 HOH 203 1503 74  HOH HOH A . 
J 5 HOH 204 1504 127 HOH HOH A . 
J 5 HOH 205 1505 117 HOH HOH A . 
J 5 HOH 206 1506 63  HOH HOH A . 
J 5 HOH 207 1507 149 HOH HOH A . 
J 5 HOH 208 1508 185 HOH HOH A . 
J 5 HOH 209 1509 249 HOH HOH A . 
J 5 HOH 210 1510 251 HOH HOH A . 
J 5 HOH 211 1511 258 HOH HOH A . 
J 5 HOH 212 1512 211 HOH HOH A . 
J 5 HOH 213 1513 245 HOH HOH A . 
J 5 HOH 214 1514 148 HOH HOH A . 
J 5 HOH 215 1515 168 HOH HOH A . 
J 5 HOH 216 1516 35  HOH HOH A . 
J 5 HOH 217 1517 255 HOH HOH A . 
J 5 HOH 218 1518 219 HOH HOH A . 
J 5 HOH 219 1519 213 HOH HOH A . 
J 5 HOH 220 1520 121 HOH HOH A . 
J 5 HOH 221 1521 136 HOH HOH A . 
J 5 HOH 222 1522 214 HOH HOH A . 
J 5 HOH 223 1523 204 HOH HOH A . 
# 
loop_
_pdbx_unobs_or_zero_occ_atoms.id 
_pdbx_unobs_or_zero_occ_atoms.PDB_model_num 
_pdbx_unobs_or_zero_occ_atoms.polymer_flag 
_pdbx_unobs_or_zero_occ_atoms.occupancy_flag 
_pdbx_unobs_or_zero_occ_atoms.auth_asym_id 
_pdbx_unobs_or_zero_occ_atoms.auth_comp_id 
_pdbx_unobs_or_zero_occ_atoms.auth_seq_id 
_pdbx_unobs_or_zero_occ_atoms.PDB_ins_code 
_pdbx_unobs_or_zero_occ_atoms.auth_atom_id 
_pdbx_unobs_or_zero_occ_atoms.label_alt_id 
_pdbx_unobs_or_zero_occ_atoms.label_asym_id 
_pdbx_unobs_or_zero_occ_atoms.label_comp_id 
_pdbx_unobs_or_zero_occ_atoms.label_seq_id 
_pdbx_unobs_or_zero_occ_atoms.label_atom_id 
1 1 Y 1 A LYS 1004 ? CG ? A LYS 26 CG 
2 1 Y 1 A LYS 1004 ? CD ? A LYS 26 CD 
3 1 Y 1 A LYS 1004 ? CE ? A LYS 26 CE 
4 1 Y 1 A LYS 1004 ? NZ ? A LYS 26 NZ 
# 
loop_
_software.pdbx_ordinal 
_software.name 
_software.version 
_software.date 
_software.type 
_software.contact_author 
_software.contact_author_email 
_software.classification 
_software.location 
_software.language 
_software.citation_id 
1 REFMAC      5.8.0238 ?               program 'Garib N. Murshudov' garib@ysbl.york.ac.uk    refinement        
http://www.ccp4.ac.uk/dist/html/refmac5.html        Fortran_77 ? 
2 Aimless     0.5.23   02/02/16        program 'Phil Evans'         ?                        'data scaling'    
http://www.mrc-lmb.cam.ac.uk/harry/pre/aimless.html ?          ? 
3 PDB_EXTRACT 3.23     'SEP. 23, 2016' package PDB                  deposit@deposit.rcsb.org 'data extraction' 
http://sw-tools.pdb.org/apps/PDB_EXTRACT/           C++        ? 
4 XDS         .        ?               program ?                    ?                        'data reduction'  ? ?          ? 
5 REFMAC      .        ?               program ?                    ?                        phasing           ? ?          ? 
# 
_cell.entry_id           5QXZ 
_cell.length_a           80.366 
_cell.length_b           80.366 
_cell.length_c           140.157 
_cell.angle_alpha        90.000 
_cell.angle_beta         90.000 
_cell.angle_gamma        120.000 
_cell.Z_PDB              12 
_cell.pdbx_unique_axis   ? 
# 
_symmetry.entry_id                         5QXZ 
_symmetry.space_group_name_H-M             'P 65 2 2' 
_symmetry.pdbx_full_space_group_name_H-M   ? 
_symmetry.cell_setting                     ? 
_symmetry.Int_Tables_number                179 
# 
_exptl.crystals_number   1 
_exptl.entry_id          5QXZ 
_exptl.method            'X-RAY DIFFRACTION' 
# 
_exptl_crystal.id                    1 
_exptl_crystal.pdbx_mosaicity        0.180 
_exptl_crystal.pdbx_mosaicity_esd    ? 
_exptl_crystal.density_Matthews      4.2 
_exptl_crystal.density_diffrn        ? 
_exptl_crystal.density_meas          ? 
_exptl_crystal.density_meas_temp     ? 
_exptl_crystal.density_percent_sol   70.7 
_exptl_crystal.size_max              ? 
_exptl_crystal.size_mid              ? 
_exptl_crystal.size_min              ? 
_exptl_crystal.size_rad              ? 
_exptl_crystal.description           ? 
# 
_exptl_crystal_grow.crystal_id      1 
_exptl_crystal_grow.method          'VAPOR DIFFUSION, SITTING DROP' 
_exptl_crystal_grow.pH              5.5 
_exptl_crystal_grow.temp            277 
_exptl_crystal_grow.pdbx_details    '1.6M Ammonium Sulfate, 0.1M bis-tris pH 5.5' 
_exptl_crystal_grow.temp_details    ? 
_exptl_crystal_grow.pdbx_pH_range   ? 
# 
_diffrn.id                     1 
_diffrn.ambient_temp           100 
_diffrn.crystal_id             1 
_diffrn.ambient_temp_details   ? 
# 
_diffrn_detector.detector               PIXEL 
_diffrn_detector.type                   'DECTRIS PILATUS 6M' 
_diffrn_detector.pdbx_collection_date   2016-04-26 
_diffrn_detector.diffrn_id              1 
_diffrn_detector.details                ? 
# 
_diffrn_radiation.diffrn_id                        1 
_diffrn_radiation.wavelength_id                    1 
_diffrn_radiation.pdbx_diffrn_protocol             'SINGLE WAVELENGTH' 
_diffrn_radiation.pdbx_monochromatic_or_laue_m_l   ? 
_diffrn_radiation.monochromator                    ? 
_diffrn_radiation.pdbx_scattering_type             x-ray 
# 
_diffrn_radiation_wavelength.id           1 
_diffrn_radiation_wavelength.wavelength   0.92819 
_diffrn_radiation_wavelength.wt           1.0 
# 
_diffrn_source.diffrn_id                   1 
_diffrn_source.source                      SYNCHROTRON 
_diffrn_source.type                        'DIAMOND BEAMLINE I04-1' 
_diffrn_source.pdbx_wavelength_list        0.92819 
_diffrn_source.pdbx_synchrotron_site       Diamond 
_diffrn_source.pdbx_synchrotron_beamline   I04-1 
_diffrn_source.pdbx_wavelength             ? 
# 
_reflns.entry_id                     5QXZ 
_reflns.pdbx_diffrn_id               1 
_reflns.pdbx_ordinal                 1 
_reflns.observed_criterion_sigma_I   ? 
_reflns.observed_criterion_sigma_F   ? 
_reflns.d_resolution_low             28.030 
_reflns.d_resolution_high            1.640 
_reflns.number_obs                   33725 
_reflns.number_all                   ? 
_reflns.percent_possible_obs         99.700 
_reflns.pdbx_Rmerge_I_obs            0.093 
_reflns.pdbx_Rsym_value              ? 
_reflns.pdbx_netI_over_sigmaI        22.200 
_reflns.B_iso_Wilson_estimate        ? 
_reflns.pdbx_redundancy              18.700 
_reflns.pdbx_Rrim_I_all              0.096 
_reflns.pdbx_Rpim_I_all              0.022 
_reflns.pdbx_CC_half                 1.000 
_reflns.pdbx_netI_over_av_sigmaI     ? 
_reflns.pdbx_number_measured_all     631545 
_reflns.pdbx_scaling_rejects         0 
_reflns.pdbx_chi_squared             ? 
_reflns.Rmerge_F_all                 ? 
_reflns.Rmerge_F_obs                 ? 
_reflns.observed_criterion_F_max     ? 
_reflns.observed_criterion_F_min     ? 
_reflns.observed_criterion_I_max     ? 
_reflns.observed_criterion_I_min     ? 
_reflns.pdbx_d_res_high_opt          ? 
_reflns.pdbx_d_res_low_opt           ? 
_reflns.details                      ? 
# 
loop_
_reflns_shell.pdbx_diffrn_id 
_reflns_shell.pdbx_ordinal 
_reflns_shell.d_res_high 
_reflns_shell.d_res_low 
_reflns_shell.number_measured_obs 
_reflns_shell.number_measured_all 
_reflns_shell.number_unique_obs 
_reflns_shell.pdbx_rejects 
_reflns_shell.Rmerge_I_obs 
_reflns_shell.meanI_over_sigI_obs 
_reflns_shell.pdbx_Rsym_value 
_reflns_shell.pdbx_chi_squared 
_reflns_shell.pdbx_redundancy 
_reflns_shell.percent_possible_obs 
_reflns_shell.pdbx_netI_over_sigmaI_obs 
_reflns_shell.number_possible 
_reflns_shell.number_unique_all 
_reflns_shell.Rmerge_F_all 
_reflns_shell.Rmerge_F_obs 
_reflns_shell.Rmerge_I_all 
_reflns_shell.meanI_over_sigI_all 
_reflns_shell.percent_possible_all 
_reflns_shell.pdbx_Rrim_I_all 
_reflns_shell.pdbx_Rpim_I_all 
_reflns_shell.pdbx_CC_half 
1 1 1.640 1.680  ? 40868 ? ? 0.866 ? ? ? 17.400 ? 3.100  ? 2353 ? ? ? ? 96.600 0.892 0.209 0.865 
1 2 7.320 28.030 ? 7877  ? ? 0.033 ? ? ? 16.900 ? 67.000 ? 466  ? ? ? ? 98.400 0.034 0.008 1.000 
# 
_refine.entry_id                                 5QXZ 
_refine.pdbx_refine_id                           'X-RAY DIFFRACTION' 
_refine.ls_d_res_high                            1.6400 
_refine.ls_d_res_low                             27.9200 
_refine.pdbx_ls_sigma_F                          0.000 
_refine.pdbx_data_cutoff_high_absF               ? 
_refine.pdbx_data_cutoff_low_absF                ? 
_refine.ls_percent_reflns_obs                    99.7200 
_refine.ls_number_reflns_obs                     31977 
_refine.ls_number_reflns_all                     ? 
_refine.pdbx_ls_cross_valid_method               THROUGHOUT 
_refine.ls_matrix_type                           ? 
_refine.pdbx_R_Free_selection_details            RANDOM 
_refine.details                                  
'HYDROGENS HAVE BEEN ADDED IN THE RIDING POSITIONS U VALUES      : REFINED INDIVIDUALLY' 
_refine.ls_R_factor_all                          ? 
_refine.ls_R_factor_obs                          0.1597 
_refine.ls_R_factor_R_work                       0.1587 
_refine.ls_wR_factor_R_work                      ? 
_refine.ls_R_factor_R_free                       0.1797 
_refine.ls_wR_factor_R_free                      ? 
_refine.ls_percent_reflns_R_free                 5.0000 
_refine.ls_number_reflns_R_free                  1682 
_refine.ls_number_reflns_R_work                  ? 
_refine.ls_R_factor_R_free_error                 ? 
_refine.B_iso_mean                               25.0150 
_refine.solvent_model_param_bsol                 ? 
_refine.solvent_model_param_ksol                 ? 
_refine.pdbx_isotropic_thermal_model             ? 
_refine.aniso_B[1][1]                            0.1600 
_refine.aniso_B[2][2]                            0.1600 
_refine.aniso_B[3][3]                            -0.5300 
_refine.aniso_B[1][2]                            0.0800 
_refine.aniso_B[1][3]                            0.0000 
_refine.aniso_B[2][3]                            0.0000 
_refine.correlation_coeff_Fo_to_Fc               0.9680 
_refine.correlation_coeff_Fo_to_Fc_free          0.9630 
_refine.overall_SU_R_Cruickshank_DPI             ? 
_refine.pdbx_overall_SU_R_free_Cruickshank_DPI   ? 
_refine.pdbx_overall_SU_R_Blow_DPI               ? 
_refine.pdbx_overall_SU_R_free_Blow_DPI          ? 
_refine.overall_SU_R_free                        ? 
_refine.pdbx_overall_ESU_R                       0.0850 
_refine.pdbx_overall_ESU_R_Free                  0.0810 
_refine.overall_SU_ML                            0.0520 
_refine.overall_SU_B                             1.5290 
_refine.solvent_model_details                    MASK 
_refine.pdbx_solvent_vdw_probe_radii             1.2000 
_refine.pdbx_solvent_ion_probe_radii             0.8000 
_refine.pdbx_solvent_shrinkage_radii             0.8000 
_refine.ls_number_parameters                     ? 
_refine.ls_number_restraints                     ? 
_refine.pdbx_starting_model                      3DAI 
_refine.pdbx_method_to_determine_struct          'FOURIER SYNTHESIS' 
_refine.pdbx_stereochemistry_target_values       'MAXIMUM LIKELIHOOD' 
_refine.pdbx_stereochem_target_val_spec_case     ? 
_refine.overall_FOM_work_R_set                   ? 
_refine.B_iso_max                                96.210 
_refine.B_iso_min                                11.810 
_refine.pdbx_overall_phase_error                 ? 
_refine.occupancy_max                            ? 
_refine.occupancy_min                            ? 
_refine.pdbx_diffrn_id                           1 
_refine.pdbx_TLS_residual_ADP_flag               ? 
_refine.pdbx_ls_sigma_I                          ? 
_refine.pdbx_data_cutoff_high_rms_absF           ? 
_refine.ls_R_factor_R_free_error_details         ? 
# 
_refine_hist.cycle_id                         final 
_refine_hist.pdbx_refine_id                   'X-RAY DIFFRACTION' 
_refine_hist.d_res_high                       1.6400 
_refine_hist.d_res_low                        27.9200 
_refine_hist.pdbx_number_atoms_ligand         48 
_refine_hist.number_atoms_solvent             223 
_refine_hist.number_atoms_total               1355 
_refine_hist.pdbx_number_residues_total       130 
_refine_hist.pdbx_B_iso_mean_ligand           33.34 
_refine_hist.pdbx_B_iso_mean_solvent          37.93 
_refine_hist.pdbx_number_atoms_protein        1084 
_refine_hist.pdbx_number_atoms_nucleic_acid   0 
# 
loop_
_refine_ls_restr.pdbx_refine_id 
_refine_ls_restr.type 
_refine_ls_restr.number 
_refine_ls_restr.dev_ideal 
_refine_ls_restr.dev_ideal_target 
_refine_ls_restr.weight 
_refine_ls_restr.pdbx_restraint_function 
'X-RAY DIFFRACTION' r_bond_refined_d       3275 0.011  0.016  ? ? 
'X-RAY DIFFRACTION' r_bond_other_d         1917 0.002  0.017  ? ? 
'X-RAY DIFFRACTION' r_angle_refined_deg    2953 1.865  1.713  ? ? 
'X-RAY DIFFRACTION' r_angle_other_deg      4504 1.395  1.624  ? ? 
'X-RAY DIFFRACTION' r_dihedral_angle_1_deg 279  4.847  5.000  ? ? 
'X-RAY DIFFRACTION' r_dihedral_angle_2_deg 136  28.504 21.618 ? ? 
'X-RAY DIFFRACTION' r_dihedral_angle_3_deg 366  13.775 15.000 ? ? 
'X-RAY DIFFRACTION' r_dihedral_angle_4_deg 24   16.730 15.000 ? ? 
'X-RAY DIFFRACTION' r_chiral_restr         270  0.092  0.200  ? ? 
'X-RAY DIFFRACTION' r_gen_planes_refined   2562 0.008  0.020  ? ? 
'X-RAY DIFFRACTION' r_gen_planes_other     465  0.002  0.020  ? ? 
'X-RAY DIFFRACTION' r_mcbond_it            1502 1.515  2.268  ? ? 
'X-RAY DIFFRACTION' r_mcbond_other         1440 1.528  2.231  ? ? 
'X-RAY DIFFRACTION' r_mcangle_it           1297 2.808  3.159  ? ? 
# 
_refine_ls_shell.d_res_high                       1.6360 
_refine_ls_shell.d_res_low                        1.6790 
_refine_ls_shell.pdbx_total_number_of_bins_used   20 
_refine_ls_shell.percent_reflns_obs               96.8900 
_refine_ls_shell.number_reflns_R_work             2250 
_refine_ls_shell.R_factor_all                     ? 
_refine_ls_shell.R_factor_R_work                  0.2320 
_refine_ls_shell.R_factor_R_free                  0.2590 
_refine_ls_shell.percent_reflns_R_free            ? 
_refine_ls_shell.number_reflns_R_free             119 
_refine_ls_shell.R_factor_R_free_error            ? 
_refine_ls_shell.number_reflns_all                2369 
_refine_ls_shell.number_reflns_obs                ? 
_refine_ls_shell.pdbx_refine_id                   'X-RAY DIFFRACTION' 
# 
_struct.entry_id                  5QXZ 
_struct.title                     'PanDDA analysis group deposition -- Crystal Structure of ATAD2 in complex with DF853' 
_struct.pdbx_model_details        ? 
_struct.pdbx_CASP_flag            ? 
_struct.pdbx_model_type_details   ? 
# 
_struct_keywords.entry_id        5QXZ 
_struct_keywords.text            
'SGC - Diamond I04-1 fragment screening, PanDDA, XChemExplorer, HYDROLASE-HYDROLASE INHIBITOR complex' 
_struct_keywords.pdbx_keywords   'HYDROLASE/HYDROLASE INHIBITOR' 
# 
loop_
_struct_asym.id 
_struct_asym.pdbx_blank_PDB_chainid_flag 
_struct_asym.pdbx_modified 
_struct_asym.entity_id 
_struct_asym.details 
A N N 1 ? 
B N N 2 ? 
C N N 2 ? 
D N N 3 ? 
E N N 3 ? 
F N N 3 ? 
G N N 3 ? 
H N N 4 ? 
I N N 3 ? 
J N N 5 ? 
# 
_struct_ref.id                         1 
_struct_ref.db_name                    UNP 
_struct_ref.db_code                    ATAD2_HUMAN 
_struct_ref.pdbx_db_accession          Q6PL18 
_struct_ref.pdbx_db_isoform            ? 
_struct_ref.entity_id                  1 
_struct_ref.pdbx_seq_one_letter_code   
;QEEDTFRELRIFLRNVTHRLAIDKRFRVFTKPVDPDEVPDYVTVIKQPMDLSSVISKIDLHKYLTVKDYLRDIDLICSNA
LEYNPDRDPGDRLIRHRACALRDTAYAIIKEELDEDFEQLCEEIQESR
;
_struct_ref.pdbx_align_begin           981 
# 
_struct_ref_seq.align_id                      1 
_struct_ref_seq.ref_id                        1 
_struct_ref_seq.pdbx_PDB_id_code              5QXZ 
_struct_ref_seq.pdbx_strand_id                A 
_struct_ref_seq.seq_align_beg                 3 
_struct_ref_seq.pdbx_seq_align_beg_ins_code   ? 
_struct_ref_seq.seq_align_end                 130 
_struct_ref_seq.pdbx_seq_align_end_ins_code   ? 
_struct_ref_seq.pdbx_db_accession             Q6PL18 
_struct_ref_seq.db_align_beg                  981 
_struct_ref_seq.pdbx_db_align_beg_ins_code    ? 
_struct_ref_seq.db_align_end                  1108 
_struct_ref_seq.pdbx_db_align_end_ins_code    ? 
_struct_ref_seq.pdbx_auth_seq_align_beg       981 
_struct_ref_seq.pdbx_auth_seq_align_end       1108 
# 
loop_
_struct_ref_seq_dif.align_id 
_struct_ref_seq_dif.pdbx_pdb_id_code 
_struct_ref_seq_dif.mon_id 
_struct_ref_seq_dif.pdbx_pdb_strand_id 
_struct_ref_seq_dif.seq_num 
_struct_ref_seq_dif.pdbx_pdb_ins_code 
_struct_ref_seq_dif.pdbx_seq_db_name 
_struct_ref_seq_dif.pdbx_seq_db_accession_code 
_struct_ref_seq_dif.db_mon_id 
_struct_ref_seq_dif.pdbx_seq_db_seq_num 
_struct_ref_seq_dif.details 
_struct_ref_seq_dif.pdbx_auth_seq_num 
_struct_ref_seq_dif.pdbx_ordinal 
1 5QXZ SER A 1  ? UNP Q6PL18 ?   ?    'expression tag' 979  1 
1 5QXZ MET A 2  ? UNP Q6PL18 ?   ?    'expression tag' 980  2 
1 5QXZ ARG A 44 ? UNP Q6PL18 VAL 1022 conflict         1022 3 
1 5QXZ GLU A 49 ? UNP Q6PL18 GLN 1027 conflict         1027 4 
# 
_pdbx_struct_assembly.id                   1 
_pdbx_struct_assembly.details              author_and_software_defined_assembly 
_pdbx_struct_assembly.method_details       PISA 
_pdbx_struct_assembly.oligomeric_details   monomeric 
_pdbx_struct_assembly.oligomeric_count     1 
# 
_pdbx_struct_assembly_gen.assembly_id       1 
_pdbx_struct_assembly_gen.oper_expression   1 
_pdbx_struct_assembly_gen.asym_id_list      A,B,C,D,E,F,G,H,I,J 
# 
_pdbx_struct_oper_list.id                   1 
_pdbx_struct_oper_list.type                 'identity operation' 
_pdbx_struct_oper_list.name                 1_555 
_pdbx_struct_oper_list.symmetry_operation   x,y,z 
_pdbx_struct_oper_list.matrix[1][1]         1.0000000000 
_pdbx_struct_oper_list.matrix[1][2]         0.0000000000 
_pdbx_struct_oper_list.matrix[1][3]         0.0000000000 
_pdbx_struct_oper_list.vector[1]            0.0000000000 
_pdbx_struct_oper_list.matrix[2][1]         0.0000000000 
_pdbx_struct_oper_list.matrix[2][2]         1.0000000000 
_pdbx_struct_oper_list.matrix[2][3]         0.0000000000 
_pdbx_struct_oper_list.vector[2]            0.0000000000 
_pdbx_struct_oper_list.matrix[3][1]         0.0000000000 
_pdbx_struct_oper_list.matrix[3][2]         0.0000000000 
_pdbx_struct_oper_list.matrix[3][3]         1.0000000000 
_pdbx_struct_oper_list.vector[3]            0.0000000000 
# 
loop_
_struct_conf.conf_type_id 
_struct_conf.id 
_struct_conf.pdbx_PDB_helix_id 
_struct_conf.beg_label_comp_id 
_struct_conf.beg_label_asym_id 
_struct_conf.beg_label_seq_id 
_struct_conf.pdbx_beg_PDB_ins_code 
_struct_conf.end_label_comp_id 
_struct_conf.end_label_asym_id 
_struct_conf.end_label_seq_id 
_struct_conf.pdbx_end_PDB_ins_code 
_struct_conf.beg_auth_comp_id 
_struct_conf.beg_auth_asym_id 
_struct_conf.beg_auth_seq_id 
_struct_conf.end_auth_comp_id 
_struct_conf.end_auth_asym_id 
_struct_conf.end_auth_seq_id 
_struct_conf.pdbx_PDB_helix_class 
_struct_conf.details 
_struct_conf.pdbx_PDB_helix_length 
HELX_P HELX_P1 AA1 SER A 1   ? ILE A 24  ? SER A 979  ILE A 1002 1 ? 24 
HELX_P HELX_P2 AA2 ASP A 25  ? THR A 32  ? ASP A 1003 THR A 1010 5 ? 8  
HELX_P HELX_P3 AA3 ASP A 42  ? ILE A 47  ? ASP A 1020 ILE A 1025 1 ? 6  
HELX_P HELX_P4 AA4 ASP A 52  ? LEU A 62  ? ASP A 1030 LEU A 1040 1 ? 11 
HELX_P HELX_P5 AA5 THR A 67  ? ASN A 86  ? THR A 1045 ASN A 1064 1 ? 20 
HELX_P HELX_P6 AA6 ASP A 90  ? LEU A 115 ? ASP A 1068 LEU A 1093 1 ? 26 
HELX_P HELX_P7 AA7 ASP A 116 ? SER A 129 ? ASP A 1094 SER A 1107 1 ? 14 
# 
_struct_conf_type.id          HELX_P 
_struct_conf_type.criteria    ? 
_struct_conf_type.reference   ? 
# 
loop_
_struct_site.id 
_struct_site.pdbx_evidence_code 
_struct_site.pdbx_auth_asym_id 
_struct_site.pdbx_auth_comp_id 
_struct_site.pdbx_auth_seq_id 
_struct_site.pdbx_auth_ins_code 
_struct_site.pdbx_num_residues 
_struct_site.details 
AC1 Software A SO4 1201 ? 8 'binding site for residue SO4 A 1201' 
AC2 Software A SO4 1202 ? 8 'binding site for residue SO4 A 1202' 
AC3 Software A EDO 1203 ? 4 'binding site for residue EDO A 1203' 
AC4 Software A EDO 1204 ? 3 'binding site for residue EDO A 1204' 
AC5 Software A EDO 1205 ? 5 'binding site for residue EDO A 1205' 
AC6 Software A EDO 1206 ? 3 'binding site for residue EDO A 1206' 
AC7 Software A RKG 1207 ? 9 'binding site for residue RKG A 1207' 
AC8 Software A EDO 1208 ? 7 'binding site for residue EDO A 1208' 
# 
loop_
_struct_site_gen.id 
_struct_site_gen.site_id 
_struct_site_gen.pdbx_num_res 
_struct_site_gen.label_comp_id 
_struct_site_gen.label_asym_id 
_struct_site_gen.label_seq_id 
_struct_site_gen.pdbx_auth_ins_code 
_struct_site_gen.auth_comp_id 
_struct_site_gen.auth_asym_id 
_struct_site_gen.auth_seq_id 
_struct_site_gen.label_atom_id 
_struct_site_gen.label_alt_id 
_struct_site_gen.symmetry 
_struct_site_gen.details 
1  AC1 8 ARG A 9   ? ARG A 987  . ? 6_654  ? 
2  AC1 8 ARG A 12  ? ARG A 990  . ? 6_654  ? 
3  AC1 8 ARG A 16  ? ARG A 994  . ? 6_654  ? 
4  AC1 8 ARG A 89  ? ARG A 1067 . ? 1_555  ? 
5  AC1 8 ARG A 94  ? ARG A 1072 . ? 1_555  ? 
6  AC1 8 HOH J .   ? HOH A 1303 . ? 1_555  ? 
7  AC1 8 HOH J .   ? HOH A 1369 . ? 1_555  ? 
8  AC1 8 HOH J .   ? HOH A 1430 . ? 1_555  ? 
9  AC2 8 LYS A 64  ? LYS A 1042 . ? 12_564 ? 
10 AC2 8 LYS A 64  ? LYS A 1042 . ? 1_555  ? 
11 AC2 8 HOH J .   ? HOH A 1339 . ? 12_564 ? 
12 AC2 8 HOH J .   ? HOH A 1339 . ? 1_555  ? 
13 AC2 8 HOH J .   ? HOH A 1351 . ? 12_564 ? 
14 AC2 8 HOH J .   ? HOH A 1351 . ? 1_555  ? 
15 AC2 8 HOH J .   ? HOH A 1370 . ? 1_555  ? 
16 AC2 8 HOH J .   ? HOH A 1370 . ? 12_564 ? 
17 AC3 4 GLU A 10  ? GLU A 988  . ? 1_555  ? 
18 AC3 4 ASP A 116 ? ASP A 1094 . ? 1_555  ? 
19 AC3 4 HOH J .   ? HOH A 1365 . ? 1_555  ? 
20 AC3 4 HOH J .   ? HOH A 1418 . ? 1_555  ? 
21 AC4 3 HIS A 20  ? HIS A 998  . ? 10_665 ? 
22 AC4 3 GLU A 114 ? GLU A 1092 . ? 1_555  ? 
23 AC4 3 ASP A 116 ? ASP A 1094 . ? 1_555  ? 
24 AC5 5 PRO A 50  ? PRO A 1028 . ? 12_564 ? 
25 AC5 5 SER A 58  ? SER A 1036 . ? 1_555  ? 
26 AC5 5 HOH J .   ? HOH A 1340 . ? 1_555  ? 
27 AC5 5 HOH J .   ? HOH A 1381 . ? 1_555  ? 
28 AC5 5 HOH J .   ? HOH A 1419 . ? 1_555  ? 
29 AC6 3 GLU A 39  ? GLU A 1017 . ? 1_555  ? 
30 AC6 3 RKG H .   ? RKG A 1207 . ? 1_555  ? 
31 AC6 3 HOH J .   ? HOH A 1325 . ? 1_555  ? 
32 AC7 9 VAL A 30  ? VAL A 1008 . ? 1_555  ? 
33 AC7 9 VAL A 35  ? VAL A 1013 . ? 1_555  ? 
34 AC7 9 GLU A 39  ? GLU A 1017 . ? 1_555  ? 
35 AC7 9 ASN A 86  ? ASN A 1064 . ? 1_555  ? 
36 AC7 9 ILE A 96  ? ILE A 1074 . ? 1_555  ? 
37 AC7 9 EDO G .   ? EDO A 1206 . ? 1_555  ? 
38 AC7 9 EDO I .   ? EDO A 1208 . ? 1_555  ? 
39 AC7 9 HOH J .   ? HOH A 1332 . ? 1_555  ? 
40 AC7 9 HOH J .   ? HOH A 1399 . ? 1_555  ? 
41 AC8 7 VAL A 30  ? VAL A 1008 . ? 1_555  ? 
42 AC8 7 LYS A 33  ? LYS A 1011 . ? 1_555  ? 
43 AC8 7 PRO A 34  ? PRO A 1012 . ? 1_555  ? 
44 AC8 7 RKG H .   ? RKG A 1207 . ? 1_555  ? 
45 AC8 7 HOH J .   ? HOH A 1301 . ? 1_555  ? 
46 AC8 7 HOH J .   ? HOH A 1325 . ? 1_555  ? 
47 AC8 7 HOH J .   ? HOH A 1398 . ? 1_555  ? 
# 
loop_
_pdbx_validate_close_contact.id 
_pdbx_validate_close_contact.PDB_model_num 
_pdbx_validate_close_contact.auth_atom_id_1 
_pdbx_validate_close_contact.auth_asym_id_1 
_pdbx_validate_close_contact.auth_comp_id_1 
_pdbx_validate_close_contact.auth_seq_id_1 
_pdbx_validate_close_contact.PDB_ins_code_1 
_pdbx_validate_close_contact.label_alt_id_1 
_pdbx_validate_close_contact.auth_atom_id_2 
_pdbx_validate_close_contact.auth_asym_id_2 
_pdbx_validate_close_contact.auth_comp_id_2 
_pdbx_validate_close_contact.auth_seq_id_2 
_pdbx_validate_close_contact.PDB_ins_code_2 
_pdbx_validate_close_contact.label_alt_id_2 
_pdbx_validate_close_contact.dist 
1 1 O1  A EDO 1208 ? ? O A HOH 1301 ? ? 2.14 
2 1 O   A HOH 1471 ? ? O A HOH 1504 ? ? 2.14 
3 1 OD1 A ASP 1020 ? ? O A HOH 1302 ? ? 2.15 
4 1 O   A HOH 1402 ? ? O A HOH 1439 ? ? 2.19 
# 
_pdbx_validate_rmsd_bond.id                        1 
_pdbx_validate_rmsd_bond.PDB_model_num             1 
_pdbx_validate_rmsd_bond.auth_atom_id_1            CD 
_pdbx_validate_rmsd_bond.auth_asym_id_1            A 
_pdbx_validate_rmsd_bond.auth_comp_id_1            GLU 
_pdbx_validate_rmsd_bond.auth_seq_id_1             1102 
_pdbx_validate_rmsd_bond.PDB_ins_code_1            ? 
_pdbx_validate_rmsd_bond.label_alt_id_1            ? 
_pdbx_validate_rmsd_bond.auth_atom_id_2            OE2 
_pdbx_validate_rmsd_bond.auth_asym_id_2            A 
_pdbx_validate_rmsd_bond.auth_comp_id_2            GLU 
_pdbx_validate_rmsd_bond.auth_seq_id_2             1102 
_pdbx_validate_rmsd_bond.PDB_ins_code_2            ? 
_pdbx_validate_rmsd_bond.label_alt_id_2            ? 
_pdbx_validate_rmsd_bond.bond_value                1.359 
_pdbx_validate_rmsd_bond.bond_target_value         1.252 
_pdbx_validate_rmsd_bond.bond_deviation            0.107 
_pdbx_validate_rmsd_bond.bond_standard_deviation   0.011 
_pdbx_validate_rmsd_bond.linker_flag               N 
# 
loop_
_pdbx_validate_rmsd_angle.id 
_pdbx_validate_rmsd_angle.PDB_model_num 
_pdbx_validate_rmsd_angle.auth_atom_id_1 
_pdbx_validate_rmsd_angle.auth_asym_id_1 
_pdbx_validate_rmsd_angle.auth_comp_id_1 
_pdbx_validate_rmsd_angle.auth_seq_id_1 
_pdbx_validate_rmsd_angle.PDB_ins_code_1 
_pdbx_validate_rmsd_angle.label_alt_id_1 
_pdbx_validate_rmsd_angle.auth_atom_id_2 
_pdbx_validate_rmsd_angle.auth_asym_id_2 
_pdbx_validate_rmsd_angle.auth_comp_id_2 
_pdbx_validate_rmsd_angle.auth_seq_id_2 
_pdbx_validate_rmsd_angle.PDB_ins_code_2 
_pdbx_validate_rmsd_angle.label_alt_id_2 
_pdbx_validate_rmsd_angle.auth_atom_id_3 
_pdbx_validate_rmsd_angle.auth_asym_id_3 
_pdbx_validate_rmsd_angle.auth_comp_id_3 
_pdbx_validate_rmsd_angle.auth_seq_id_3 
_pdbx_validate_rmsd_angle.PDB_ins_code_3 
_pdbx_validate_rmsd_angle.label_alt_id_3 
_pdbx_validate_rmsd_angle.angle_value 
_pdbx_validate_rmsd_angle.angle_target_value 
_pdbx_validate_rmsd_angle.angle_deviation 
_pdbx_validate_rmsd_angle.angle_standard_deviation 
_pdbx_validate_rmsd_angle.linker_flag 
1 1 NE A ARG 987  ? B CZ A ARG 987  ? B NH1 A ARG 987  ? B 116.22 120.30 -4.08 0.50 N 
2 1 NE A ARG 994  ? ? CZ A ARG 994  ? ? NH1 A ARG 994  ? ? 123.31 120.30 3.01  0.50 N 
3 1 NE A ARG 1067 ? ? CZ A ARG 1067 ? ? NH2 A ARG 1067 ? ? 116.19 120.30 -4.11 0.50 N 
# 
_pdbx_validate_torsion.id              1 
_pdbx_validate_torsion.PDB_model_num   1 
_pdbx_validate_torsion.auth_comp_id    ASN 
_pdbx_validate_torsion.auth_asym_id    A 
_pdbx_validate_torsion.auth_seq_id     1064 
_pdbx_validate_torsion.PDB_ins_code    ? 
_pdbx_validate_torsion.label_alt_id    ? 
_pdbx_validate_torsion.phi             -119.54 
_pdbx_validate_torsion.psi             62.42 
# 
loop_
_pdbx_struct_special_symmetry.id 
_pdbx_struct_special_symmetry.PDB_model_num 
_pdbx_struct_special_symmetry.auth_asym_id 
_pdbx_struct_special_symmetry.auth_comp_id 
_pdbx_struct_special_symmetry.auth_seq_id 
_pdbx_struct_special_symmetry.PDB_ins_code 
_pdbx_struct_special_symmetry.label_asym_id 
_pdbx_struct_special_symmetry.label_comp_id 
_pdbx_struct_special_symmetry.label_seq_id 
1 1 A SO4 1202 ? C SO4 . 
2 1 A HOH 1327 ? J HOH . 
# 
_phasing.method   MR 
# 
_pdbx_entry_details.entry_id                 5QXZ 
_pdbx_entry_details.has_ligand_of_interest   Y 
_pdbx_entry_details.compound_details         ? 
_pdbx_entry_details.source_details           ? 
_pdbx_entry_details.nonpolymer_details       ? 
_pdbx_entry_details.sequence_details         ? 
# 
_pdbx_distant_solvent_atoms.id                                1 
_pdbx_distant_solvent_atoms.PDB_model_num                     1 
_pdbx_distant_solvent_atoms.auth_atom_id                      O 
_pdbx_distant_solvent_atoms.label_alt_id                      ? 
_pdbx_distant_solvent_atoms.auth_asym_id                      A 
_pdbx_distant_solvent_atoms.auth_comp_id                      HOH 
_pdbx_distant_solvent_atoms.auth_seq_id                       1523 
_pdbx_distant_solvent_atoms.PDB_ins_code                      ? 
_pdbx_distant_solvent_atoms.neighbor_macromolecule_distance   6.31 
_pdbx_distant_solvent_atoms.neighbor_ligand_distance          . 
# 
loop_
_chem_comp_atom.comp_id 
_chem_comp_atom.atom_id 
_chem_comp_atom.type_symbol 
_chem_comp_atom.pdbx_aromatic_flag 
_chem_comp_atom.pdbx_stereo_config 
_chem_comp_atom.pdbx_ordinal 
ALA N    N N N 1   
ALA CA   C N S 2   
ALA C    C N N 3   
ALA O    O N N 4   
ALA CB   C N N 5   
ALA OXT  O N N 6   
ALA H    H N N 7   
ALA H2   H N N 8   
ALA HA   H N N 9   
ALA HB1  H N N 10  
ALA HB2  H N N 11  
ALA HB3  H N N 12  
ALA HXT  H N N 13  
ARG N    N N N 14  
ARG CA   C N S 15  
ARG C    C N N 16  
ARG O    O N N 17  
ARG CB   C N N 18  
ARG CG   C N N 19  
ARG CD   C N N 20  
ARG NE   N N N 21  
ARG CZ   C N N 22  
ARG NH1  N N N 23  
ARG NH2  N N N 24  
ARG OXT  O N N 25  
ARG H    H N N 26  
ARG H2   H N N 27  
ARG HA   H N N 28  
ARG HB2  H N N 29  
ARG HB3  H N N 30  
ARG HG2  H N N 31  
ARG HG3  H N N 32  
ARG HD2  H N N 33  
ARG HD3  H N N 34  
ARG HE   H N N 35  
ARG HH11 H N N 36  
ARG HH12 H N N 37  
ARG HH21 H N N 38  
ARG HH22 H N N 39  
ARG HXT  H N N 40  
ASN N    N N N 41  
ASN CA   C N S 42  
ASN C    C N N 43  
ASN O    O N N 44  
ASN CB   C N N 45  
ASN CG   C N N 46  
ASN OD1  O N N 47  
ASN ND2  N N N 48  
ASN OXT  O N N 49  
ASN H    H N N 50  
ASN H2   H N N 51  
ASN HA   H N N 52  
ASN HB2  H N N 53  
ASN HB3  H N N 54  
ASN HD21 H N N 55  
ASN HD22 H N N 56  
ASN HXT  H N N 57  
ASP N    N N N 58  
ASP CA   C N S 59  
ASP C    C N N 60  
ASP O    O N N 61  
ASP CB   C N N 62  
ASP CG   C N N 63  
ASP OD1  O N N 64  
ASP OD2  O N N 65  
ASP OXT  O N N 66  
ASP H    H N N 67  
ASP H2   H N N 68  
ASP HA   H N N 69  
ASP HB2  H N N 70  
ASP HB3  H N N 71  
ASP HD2  H N N 72  
ASP HXT  H N N 73  
CYS N    N N N 74  
CYS CA   C N R 75  
CYS C    C N N 76  
CYS O    O N N 77  
CYS CB   C N N 78  
CYS SG   S N N 79  
CYS OXT  O N N 80  
CYS H    H N N 81  
CYS H2   H N N 82  
CYS HA   H N N 83  
CYS HB2  H N N 84  
CYS HB3  H N N 85  
CYS HG   H N N 86  
CYS HXT  H N N 87  
EDO C1   C N N 88  
EDO O1   O N N 89  
EDO C2   C N N 90  
EDO O2   O N N 91  
EDO H11  H N N 92  
EDO H12  H N N 93  
EDO HO1  H N N 94  
EDO H21  H N N 95  
EDO H22  H N N 96  
EDO HO2  H N N 97  
GLN N    N N N 98  
GLN CA   C N S 99  
GLN C    C N N 100 
GLN O    O N N 101 
GLN CB   C N N 102 
GLN CG   C N N 103 
GLN CD   C N N 104 
GLN OE1  O N N 105 
GLN NE2  N N N 106 
GLN OXT  O N N 107 
GLN H    H N N 108 
GLN H2   H N N 109 
GLN HA   H N N 110 
GLN HB2  H N N 111 
GLN HB3  H N N 112 
GLN HG2  H N N 113 
GLN HG3  H N N 114 
GLN HE21 H N N 115 
GLN HE22 H N N 116 
GLN HXT  H N N 117 
GLU N    N N N 118 
GLU CA   C N S 119 
GLU C    C N N 120 
GLU O    O N N 121 
GLU CB   C N N 122 
GLU CG   C N N 123 
GLU CD   C N N 124 
GLU OE1  O N N 125 
GLU OE2  O N N 126 
GLU OXT  O N N 127 
GLU H    H N N 128 
GLU H2   H N N 129 
GLU HA   H N N 130 
GLU HB2  H N N 131 
GLU HB3  H N N 132 
GLU HG2  H N N 133 
GLU HG3  H N N 134 
GLU HE2  H N N 135 
GLU HXT  H N N 136 
GLY N    N N N 137 
GLY CA   C N N 138 
GLY C    C N N 139 
GLY O    O N N 140 
GLY OXT  O N N 141 
GLY H    H N N 142 
GLY H2   H N N 143 
GLY HA2  H N N 144 
GLY HA3  H N N 145 
GLY HXT  H N N 146 
HIS N    N N N 147 
HIS CA   C N S 148 
HIS C    C N N 149 
HIS O    O N N 150 
HIS CB   C N N 151 
HIS CG   C Y N 152 
HIS ND1  N Y N 153 
HIS CD2  C Y N 154 
HIS CE1  C Y N 155 
HIS NE2  N Y N 156 
HIS OXT  O N N 157 
HIS H    H N N 158 
HIS H2   H N N 159 
HIS HA   H N N 160 
HIS HB2  H N N 161 
HIS HB3  H N N 162 
HIS HD1  H N N 163 
HIS HD2  H N N 164 
HIS HE1  H N N 165 
HIS HE2  H N N 166 
HIS HXT  H N N 167 
HOH O    O N N 168 
HOH H1   H N N 169 
HOH H2   H N N 170 
ILE N    N N N 171 
ILE CA   C N S 172 
ILE C    C N N 173 
ILE O    O N N 174 
ILE CB   C N S 175 
ILE CG1  C N N 176 
ILE CG2  C N N 177 
ILE CD1  C N N 178 
ILE OXT  O N N 179 
ILE H    H N N 180 
ILE H2   H N N 181 
ILE HA   H N N 182 
ILE HB   H N N 183 
ILE HG12 H N N 184 
ILE HG13 H N N 185 
ILE HG21 H N N 186 
ILE HG22 H N N 187 
ILE HG23 H N N 188 
ILE HD11 H N N 189 
ILE HD12 H N N 190 
ILE HD13 H N N 191 
ILE HXT  H N N 192 
LEU N    N N N 193 
LEU CA   C N S 194 
LEU C    C N N 195 
LEU O    O N N 196 
LEU CB   C N N 197 
LEU CG   C N N 198 
LEU CD1  C N N 199 
LEU CD2  C N N 200 
LEU OXT  O N N 201 
LEU H    H N N 202 
LEU H2   H N N 203 
LEU HA   H N N 204 
LEU HB2  H N N 205 
LEU HB3  H N N 206 
LEU HG   H N N 207 
LEU HD11 H N N 208 
LEU HD12 H N N 209 
LEU HD13 H N N 210 
LEU HD21 H N N 211 
LEU HD22 H N N 212 
LEU HD23 H N N 213 
LEU HXT  H N N 214 
LYS N    N N N 215 
LYS CA   C N S 216 
LYS C    C N N 217 
LYS O    O N N 218 
LYS CB   C N N 219 
LYS CG   C N N 220 
LYS CD   C N N 221 
LYS CE   C N N 222 
LYS NZ   N N N 223 
LYS OXT  O N N 224 
LYS H    H N N 225 
LYS H2   H N N 226 
LYS HA   H N N 227 
LYS HB2  H N N 228 
LYS HB3  H N N 229 
LYS HG2  H N N 230 
LYS HG3  H N N 231 
LYS HD2  H N N 232 
LYS HD3  H N N 233 
LYS HE2  H N N 234 
LYS HE3  H N N 235 
LYS HZ1  H N N 236 
LYS HZ2  H N N 237 
LYS HZ3  H N N 238 
LYS HXT  H N N 239 
MET N    N N N 240 
MET CA   C N S 241 
MET C    C N N 242 
MET O    O N N 243 
MET CB   C N N 244 
MET CG   C N N 245 
MET SD   S N N 246 
MET CE   C N N 247 
MET OXT  O N N 248 
MET H    H N N 249 
MET H2   H N N 250 
MET HA   H N N 251 
MET HB2  H N N 252 
MET HB3  H N N 253 
MET HG2  H N N 254 
MET HG3  H N N 255 
MET HE1  H N N 256 
MET HE2  H N N 257 
MET HE3  H N N 258 
MET HXT  H N N 259 
PHE N    N N N 260 
PHE CA   C N S 261 
PHE C    C N N 262 
PHE O    O N N 263 
PHE CB   C N N 264 
PHE CG   C Y N 265 
PHE CD1  C Y N 266 
PHE CD2  C Y N 267 
PHE CE1  C Y N 268 
PHE CE2  C Y N 269 
PHE CZ   C Y N 270 
PHE OXT  O N N 271 
PHE H    H N N 272 
PHE H2   H N N 273 
PHE HA   H N N 274 
PHE HB2  H N N 275 
PHE HB3  H N N 276 
PHE HD1  H N N 277 
PHE HD2  H N N 278 
PHE HE1  H N N 279 
PHE HE2  H N N 280 
PHE HZ   H N N 281 
PHE HXT  H N N 282 
PRO N    N N N 283 
PRO CA   C N S 284 
PRO C    C N N 285 
PRO O    O N N 286 
PRO CB   C N N 287 
PRO CG   C N N 288 
PRO CD   C N N 289 
PRO OXT  O N N 290 
PRO H    H N N 291 
PRO HA   H N N 292 
PRO HB2  H N N 293 
PRO HB3  H N N 294 
PRO HG2  H N N 295 
PRO HG3  H N N 296 
PRO HD2  H N N 297 
PRO HD3  H N N 298 
PRO HXT  H N N 299 
RKG C13  C N N 300 
RKG C01  C N N 301 
RKG C03  C N N 302 
RKG C06  C N N 303 
RKG C07  C N S 304 
RKG C08  C N N 305 
RKG C09  C N S 306 
RKG C11  C N S 307 
RKG C12  C N N 308 
RKG C14  C Y N 309 
RKG C16  C Y N 310 
RKG C18  C Y N 311 
RKG N05  N N N 312 
RKG N15  N Y N 313 
RKG N17  N Y N 314 
RKG O02  O N N 315 
RKG O04  O N N 316 
RKG O10  O N N 317 
RKG H1   H N N 318 
RKG H2   H N N 319 
RKG H3   H N N 320 
RKG H4   H N N 321 
RKG H5   H N N 322 
RKG H6   H N N 323 
RKG H7   H N N 324 
RKG H8   H N N 325 
RKG H9   H N N 326 
RKG H10  H N N 327 
RKG H11  H N N 328 
RKG H12  H N N 329 
RKG H13  H N N 330 
RKG H14  H N N 331 
RKG H15  H N N 332 
SER N    N N N 333 
SER CA   C N S 334 
SER C    C N N 335 
SER O    O N N 336 
SER CB   C N N 337 
SER OG   O N N 338 
SER OXT  O N N 339 
SER H    H N N 340 
SER H2   H N N 341 
SER HA   H N N 342 
SER HB2  H N N 343 
SER HB3  H N N 344 
SER HG   H N N 345 
SER HXT  H N N 346 
SO4 S    S N N 347 
SO4 O1   O N N 348 
SO4 O2   O N N 349 
SO4 O3   O N N 350 
SO4 O4   O N N 351 
THR N    N N N 352 
THR CA   C N S 353 
THR C    C N N 354 
THR O    O N N 355 
THR CB   C N R 356 
THR OG1  O N N 357 
THR CG2  C N N 358 
THR OXT  O N N 359 
THR H    H N N 360 
THR H2   H N N 361 
THR HA   H N N 362 
THR HB   H N N 363 
THR HG1  H N N 364 
THR HG21 H N N 365 
THR HG22 H N N 366 
THR HG23 H N N 367 
THR HXT  H N N 368 
TYR N    N N N 369 
TYR CA   C N S 370 
TYR C    C N N 371 
TYR O    O N N 372 
TYR CB   C N N 373 
TYR CG   C Y N 374 
TYR CD1  C Y N 375 
TYR CD2  C Y N 376 
TYR CE1  C Y N 377 
TYR CE2  C Y N 378 
TYR CZ   C Y N 379 
TYR OH   O N N 380 
TYR OXT  O N N 381 
TYR H    H N N 382 
TYR H2   H N N 383 
TYR HA   H N N 384 
TYR HB2  H N N 385 
TYR HB3  H N N 386 
TYR HD1  H N N 387 
TYR HD2  H N N 388 
TYR HE1  H N N 389 
TYR HE2  H N N 390 
TYR HH   H N N 391 
TYR HXT  H N N 392 
VAL N    N N N 393 
VAL CA   C N S 394 
VAL C    C N N 395 
VAL O    O N N 396 
VAL CB   C N N 397 
VAL CG1  C N N 398 
VAL CG2  C N N 399 
VAL OXT  O N N 400 
VAL H    H N N 401 
VAL H2   H N N 402 
VAL HA   H N N 403 
VAL HB   H N N 404 
VAL HG11 H N N 405 
VAL HG12 H N N 406 
VAL HG13 H N N 407 
VAL HG21 H N N 408 
VAL HG22 H N N 409 
VAL HG23 H N N 410 
VAL HXT  H N N 411 
# 
loop_
_chem_comp_bond.comp_id 
_chem_comp_bond.atom_id_1 
_chem_comp_bond.atom_id_2 
_chem_comp_bond.value_order 
_chem_comp_bond.pdbx_aromatic_flag 
_chem_comp_bond.pdbx_stereo_config 
_chem_comp_bond.pdbx_ordinal 
ALA N   CA   sing N N 1   
ALA N   H    sing N N 2   
ALA N   H2   sing N N 3   
ALA CA  C    sing N N 4   
ALA CA  CB   sing N N 5   
ALA CA  HA   sing N N 6   
ALA C   O    doub N N 7   
ALA C   OXT  sing N N 8   
ALA CB  HB1  sing N N 9   
ALA CB  HB2  sing N N 10  
ALA CB  HB3  sing N N 11  
ALA OXT HXT  sing N N 12  
ARG N   CA   sing N N 13  
ARG N   H    sing N N 14  
ARG N   H2   sing N N 15  
ARG CA  C    sing N N 16  
ARG CA  CB   sing N N 17  
ARG CA  HA   sing N N 18  
ARG C   O    doub N N 19  
ARG C   OXT  sing N N 20  
ARG CB  CG   sing N N 21  
ARG CB  HB2  sing N N 22  
ARG CB  HB3  sing N N 23  
ARG CG  CD   sing N N 24  
ARG CG  HG2  sing N N 25  
ARG CG  HG3  sing N N 26  
ARG CD  NE   sing N N 27  
ARG CD  HD2  sing N N 28  
ARG CD  HD3  sing N N 29  
ARG NE  CZ   sing N N 30  
ARG NE  HE   sing N N 31  
ARG CZ  NH1  sing N N 32  
ARG CZ  NH2  doub N N 33  
ARG NH1 HH11 sing N N 34  
ARG NH1 HH12 sing N N 35  
ARG NH2 HH21 sing N N 36  
ARG NH2 HH22 sing N N 37  
ARG OXT HXT  sing N N 38  
ASN N   CA   sing N N 39  
ASN N   H    sing N N 40  
ASN N   H2   sing N N 41  
ASN CA  C    sing N N 42  
ASN CA  CB   sing N N 43  
ASN CA  HA   sing N N 44  
ASN C   O    doub N N 45  
ASN C   OXT  sing N N 46  
ASN CB  CG   sing N N 47  
ASN CB  HB2  sing N N 48  
ASN CB  HB3  sing N N 49  
ASN CG  OD1  doub N N 50  
ASN CG  ND2  sing N N 51  
ASN ND2 HD21 sing N N 52  
ASN ND2 HD22 sing N N 53  
ASN OXT HXT  sing N N 54  
ASP N   CA   sing N N 55  
ASP N   H    sing N N 56  
ASP N   H2   sing N N 57  
ASP CA  C    sing N N 58  
ASP CA  CB   sing N N 59  
ASP CA  HA   sing N N 60  
ASP C   O    doub N N 61  
ASP C   OXT  sing N N 62  
ASP CB  CG   sing N N 63  
ASP CB  HB2  sing N N 64  
ASP CB  HB3  sing N N 65  
ASP CG  OD1  doub N N 66  
ASP CG  OD2  sing N N 67  
ASP OD2 HD2  sing N N 68  
ASP OXT HXT  sing N N 69  
CYS N   CA   sing N N 70  
CYS N   H    sing N N 71  
CYS N   H2   sing N N 72  
CYS CA  C    sing N N 73  
CYS CA  CB   sing N N 74  
CYS CA  HA   sing N N 75  
CYS C   O    doub N N 76  
CYS C   OXT  sing N N 77  
CYS CB  SG   sing N N 78  
CYS CB  HB2  sing N N 79  
CYS CB  HB3  sing N N 80  
CYS SG  HG   sing N N 81  
CYS OXT HXT  sing N N 82  
EDO C1  O1   sing N N 83  
EDO C1  C2   sing N N 84  
EDO C1  H11  sing N N 85  
EDO C1  H12  sing N N 86  
EDO O1  HO1  sing N N 87  
EDO C2  O2   sing N N 88  
EDO C2  H21  sing N N 89  
EDO C2  H22  sing N N 90  
EDO O2  HO2  sing N N 91  
GLN N   CA   sing N N 92  
GLN N   H    sing N N 93  
GLN N   H2   sing N N 94  
GLN CA  C    sing N N 95  
GLN CA  CB   sing N N 96  
GLN CA  HA   sing N N 97  
GLN C   O    doub N N 98  
GLN C   OXT  sing N N 99  
GLN CB  CG   sing N N 100 
GLN CB  HB2  sing N N 101 
GLN CB  HB3  sing N N 102 
GLN CG  CD   sing N N 103 
GLN CG  HG2  sing N N 104 
GLN CG  HG3  sing N N 105 
GLN CD  OE1  doub N N 106 
GLN CD  NE2  sing N N 107 
GLN NE2 HE21 sing N N 108 
GLN NE2 HE22 sing N N 109 
GLN OXT HXT  sing N N 110 
GLU N   CA   sing N N 111 
GLU N   H    sing N N 112 
GLU N   H2   sing N N 113 
GLU CA  C    sing N N 114 
GLU CA  CB   sing N N 115 
GLU CA  HA   sing N N 116 
GLU C   O    doub N N 117 
GLU C   OXT  sing N N 118 
GLU CB  CG   sing N N 119 
GLU CB  HB2  sing N N 120 
GLU CB  HB3  sing N N 121 
GLU CG  CD   sing N N 122 
GLU CG  HG2  sing N N 123 
GLU CG  HG3  sing N N 124 
GLU CD  OE1  doub N N 125 
GLU CD  OE2  sing N N 126 
GLU OE2 HE2  sing N N 127 
GLU OXT HXT  sing N N 128 
GLY N   CA   sing N N 129 
GLY N   H    sing N N 130 
GLY N   H2   sing N N 131 
GLY CA  C    sing N N 132 
GLY CA  HA2  sing N N 133 
GLY CA  HA3  sing N N 134 
GLY C   O    doub N N 135 
GLY C   OXT  sing N N 136 
GLY OXT HXT  sing N N 137 
HIS N   CA   sing N N 138 
HIS N   H    sing N N 139 
HIS N   H2   sing N N 140 
HIS CA  C    sing N N 141 
HIS CA  CB   sing N N 142 
HIS CA  HA   sing N N 143 
HIS C   O    doub N N 144 
HIS C   OXT  sing N N 145 
HIS CB  CG   sing N N 146 
HIS CB  HB2  sing N N 147 
HIS CB  HB3  sing N N 148 
HIS CG  ND1  sing Y N 149 
HIS CG  CD2  doub Y N 150 
HIS ND1 CE1  doub Y N 151 
HIS ND1 HD1  sing N N 152 
HIS CD2 NE2  sing Y N 153 
HIS CD2 HD2  sing N N 154 
HIS CE1 NE2  sing Y N 155 
HIS CE1 HE1  sing N N 156 
HIS NE2 HE2  sing N N 157 
HIS OXT HXT  sing N N 158 
HOH O   H1   sing N N 159 
HOH O   H2   sing N N 160 
ILE N   CA   sing N N 161 
ILE N   H    sing N N 162 
ILE N   H2   sing N N 163 
ILE CA  C    sing N N 164 
ILE CA  CB   sing N N 165 
ILE CA  HA   sing N N 166 
ILE C   O    doub N N 167 
ILE C   OXT  sing N N 168 
ILE CB  CG1  sing N N 169 
ILE CB  CG2  sing N N 170 
ILE CB  HB   sing N N 171 
ILE CG1 CD1  sing N N 172 
ILE CG1 HG12 sing N N 173 
ILE CG1 HG13 sing N N 174 
ILE CG2 HG21 sing N N 175 
ILE CG2 HG22 sing N N 176 
ILE CG2 HG23 sing N N 177 
ILE CD1 HD11 sing N N 178 
ILE CD1 HD12 sing N N 179 
ILE CD1 HD13 sing N N 180 
ILE OXT HXT  sing N N 181 
LEU N   CA   sing N N 182 
LEU N   H    sing N N 183 
LEU N   H2   sing N N 184 
LEU CA  C    sing N N 185 
LEU CA  CB   sing N N 186 
LEU CA  HA   sing N N 187 
LEU C   O    doub N N 188 
LEU C   OXT  sing N N 189 
LEU CB  CG   sing N N 190 
LEU CB  HB2  sing N N 191 
LEU CB  HB3  sing N N 192 
LEU CG  CD1  sing N N 193 
LEU CG  CD2  sing N N 194 
LEU CG  HG   sing N N 195 
LEU CD1 HD11 sing N N 196 
LEU CD1 HD12 sing N N 197 
LEU CD1 HD13 sing N N 198 
LEU CD2 HD21 sing N N 199 
LEU CD2 HD22 sing N N 200 
LEU CD2 HD23 sing N N 201 
LEU OXT HXT  sing N N 202 
LYS N   CA   sing N N 203 
LYS N   H    sing N N 204 
LYS N   H2   sing N N 205 
LYS CA  C    sing N N 206 
LYS CA  CB   sing N N 207 
LYS CA  HA   sing N N 208 
LYS C   O    doub N N 209 
LYS C   OXT  sing N N 210 
LYS CB  CG   sing N N 211 
LYS CB  HB2  sing N N 212 
LYS CB  HB3  sing N N 213 
LYS CG  CD   sing N N 214 
LYS CG  HG2  sing N N 215 
LYS CG  HG3  sing N N 216 
LYS CD  CE   sing N N 217 
LYS CD  HD2  sing N N 218 
LYS CD  HD3  sing N N 219 
LYS CE  NZ   sing N N 220 
LYS CE  HE2  sing N N 221 
LYS CE  HE3  sing N N 222 
LYS NZ  HZ1  sing N N 223 
LYS NZ  HZ2  sing N N 224 
LYS NZ  HZ3  sing N N 225 
LYS OXT HXT  sing N N 226 
MET N   CA   sing N N 227 
MET N   H    sing N N 228 
MET N   H2   sing N N 229 
MET CA  C    sing N N 230 
MET CA  CB   sing N N 231 
MET CA  HA   sing N N 232 
MET C   O    doub N N 233 
MET C   OXT  sing N N 234 
MET CB  CG   sing N N 235 
MET CB  HB2  sing N N 236 
MET CB  HB3  sing N N 237 
MET CG  SD   sing N N 238 
MET CG  HG2  sing N N 239 
MET CG  HG3  sing N N 240 
MET SD  CE   sing N N 241 
MET CE  HE1  sing N N 242 
MET CE  HE2  sing N N 243 
MET CE  HE3  sing N N 244 
MET OXT HXT  sing N N 245 
PHE N   CA   sing N N 246 
PHE N   H    sing N N 247 
PHE N   H2   sing N N 248 
PHE CA  C    sing N N 249 
PHE CA  CB   sing N N 250 
PHE CA  HA   sing N N 251 
PHE C   O    doub N N 252 
PHE C   OXT  sing N N 253 
PHE CB  CG   sing N N 254 
PHE CB  HB2  sing N N 255 
PHE CB  HB3  sing N N 256 
PHE CG  CD1  doub Y N 257 
PHE CG  CD2  sing Y N 258 
PHE CD1 CE1  sing Y N 259 
PHE CD1 HD1  sing N N 260 
PHE CD2 CE2  doub Y N 261 
PHE CD2 HD2  sing N N 262 
PHE CE1 CZ   doub Y N 263 
PHE CE1 HE1  sing N N 264 
PHE CE2 CZ   sing Y N 265 
PHE CE2 HE2  sing N N 266 
PHE CZ  HZ   sing N N 267 
PHE OXT HXT  sing N N 268 
PRO N   CA   sing N N 269 
PRO N   CD   sing N N 270 
PRO N   H    sing N N 271 
PRO CA  C    sing N N 272 
PRO CA  CB   sing N N 273 
PRO CA  HA   sing N N 274 
PRO C   O    doub N N 275 
PRO C   OXT  sing N N 276 
PRO CB  CG   sing N N 277 
PRO CB  HB2  sing N N 278 
PRO CB  HB3  sing N N 279 
PRO CG  CD   sing N N 280 
PRO CG  HG2  sing N N 281 
PRO CG  HG3  sing N N 282 
PRO CD  HD2  sing N N 283 
PRO CD  HD3  sing N N 284 
PRO OXT HXT  sing N N 285 
RKG C08 C07  sing N N 286 
RKG C08 C09  sing N N 287 
RKG C06 C07  sing N N 288 
RKG C06 N05  sing N N 289 
RKG N17 C16  doub Y N 290 
RKG N17 C18  sing Y N 291 
RKG C07 C11  sing N N 292 
RKG C16 N15  sing Y N 293 
RKG C18 C09  sing N N 294 
RKG C18 C14  doub Y N 295 
RKG C09 O10  sing N N 296 
RKG N15 C14  sing Y N 297 
RKG O04 C03  doub N N 298 
RKG C14 C13  sing N N 299 
RKG N05 C03  sing N N 300 
RKG N05 C12  sing N N 301 
RKG C11 C13  sing N N 302 
RKG C11 O10  sing N N 303 
RKG C11 C12  sing N N 304 
RKG C03 O02  sing N N 305 
RKG O02 C01  sing N N 306 
RKG C13 H1   sing N N 307 
RKG C13 H2   sing N N 308 
RKG C01 H3   sing N N 309 
RKG C01 H4   sing N N 310 
RKG C01 H5   sing N N 311 
RKG C06 H6   sing N N 312 
RKG C06 H7   sing N N 313 
RKG C07 H8   sing N N 314 
RKG C08 H9   sing N N 315 
RKG C08 H10  sing N N 316 
RKG C09 H11  sing N N 317 
RKG C12 H12  sing N N 318 
RKG C12 H13  sing N N 319 
RKG C16 H14  sing N N 320 
RKG N15 H15  sing N N 321 
SER N   CA   sing N N 322 
SER N   H    sing N N 323 
SER N   H2   sing N N 324 
SER CA  C    sing N N 325 
SER CA  CB   sing N N 326 
SER CA  HA   sing N N 327 
SER C   O    doub N N 328 
SER C   OXT  sing N N 329 
SER CB  OG   sing N N 330 
SER CB  HB2  sing N N 331 
SER CB  HB3  sing N N 332 
SER OG  HG   sing N N 333 
SER OXT HXT  sing N N 334 
SO4 S   O1   doub N N 335 
SO4 S   O2   doub N N 336 
SO4 S   O3   sing N N 337 
SO4 S   O4   sing N N 338 
THR N   CA   sing N N 339 
THR N   H    sing N N 340 
THR N   H2   sing N N 341 
THR CA  C    sing N N 342 
THR CA  CB   sing N N 343 
THR CA  HA   sing N N 344 
THR C   O    doub N N 345 
THR C   OXT  sing N N 346 
THR CB  OG1  sing N N 347 
THR CB  CG2  sing N N 348 
THR CB  HB   sing N N 349 
THR OG1 HG1  sing N N 350 
THR CG2 HG21 sing N N 351 
THR CG2 HG22 sing N N 352 
THR CG2 HG23 sing N N 353 
THR OXT HXT  sing N N 354 
TYR N   CA   sing N N 355 
TYR N   H    sing N N 356 
TYR N   H2   sing N N 357 
TYR CA  C    sing N N 358 
TYR CA  CB   sing N N 359 
TYR CA  HA   sing N N 360 
TYR C   O    doub N N 361 
TYR C   OXT  sing N N 362 
TYR CB  CG   sing N N 363 
TYR CB  HB2  sing N N 364 
TYR CB  HB3  sing N N 365 
TYR CG  CD1  doub Y N 366 
TYR CG  CD2  sing Y N 367 
TYR CD1 CE1  sing Y N 368 
TYR CD1 HD1  sing N N 369 
TYR CD2 CE2  doub Y N 370 
TYR CD2 HD2  sing N N 371 
TYR CE1 CZ   doub Y N 372 
TYR CE1 HE1  sing N N 373 
TYR CE2 CZ   sing Y N 374 
TYR CE2 HE2  sing N N 375 
TYR CZ  OH   sing N N 376 
TYR OH  HH   sing N N 377 
TYR OXT HXT  sing N N 378 
VAL N   CA   sing N N 379 
VAL N   H    sing N N 380 
VAL N   H2   sing N N 381 
VAL CA  C    sing N N 382 
VAL CA  CB   sing N N 383 
VAL CA  HA   sing N N 384 
VAL C   O    doub N N 385 
VAL C   OXT  sing N N 386 
VAL CB  CG1  sing N N 387 
VAL CB  CG2  sing N N 388 
VAL CB  HB   sing N N 389 
VAL CG1 HG11 sing N N 390 
VAL CG1 HG12 sing N N 391 
VAL CG1 HG13 sing N N 392 
VAL CG2 HG21 sing N N 393 
VAL CG2 HG22 sing N N 394 
VAL CG2 HG23 sing N N 395 
VAL OXT HXT  sing N N 396 
# 
_pdbx_deposit_group.group_id            G_1002118 
_pdbx_deposit_group.group_description   
;Bromodomain of human ATAD2 screened against the Leeds 3D Fragment Library by X-ray Crystallography at the XChem
facility of Diamond Light Source beamline I04-1
;
_pdbx_deposit_group.group_title         'PanDDA analysis group deposition - Bromodomain of human ATAD2 fragment screening' 
_pdbx_deposit_group.group_type          'changed state' 
# 
_pdbx_entity_instance_feature.ordinal        1 
_pdbx_entity_instance_feature.comp_id        RKG 
_pdbx_entity_instance_feature.asym_id        ? 
_pdbx_entity_instance_feature.seq_num        ? 
_pdbx_entity_instance_feature.auth_comp_id   RKG 
_pdbx_entity_instance_feature.auth_asym_id   ? 
_pdbx_entity_instance_feature.auth_seq_num   ? 
_pdbx_entity_instance_feature.feature_type   'SUBJECT OF INVESTIGATION' 
_pdbx_entity_instance_feature.details        ? 
# 
_atom_sites.entry_id                    5QXZ 
_atom_sites.fract_transf_matrix[1][1]   0.00320570 
_atom_sites.fract_transf_matrix[1][2]   0.01281168 
_atom_sites.fract_transf_matrix[1][3]   -0.00565883 
_atom_sites.fract_transf_matrix[2][1]   0.01022827 
_atom_sites.fract_transf_matrix[2][2]   0.00106533 
_atom_sites.fract_transf_matrix[2][3]   -0.01003429 
_atom_sites.fract_transf_matrix[3][1]   -0.00488998 
_atom_sites.fract_transf_matrix[3][2]   -0.00102619 
_atom_sites.fract_transf_matrix[3][3]   -0.00509346 
_atom_sites.fract_transf_vector[1]      0.446522 
_atom_sites.fract_transf_vector[2]      0.601302 
_atom_sites.fract_transf_vector[3]      -0.025536 
# 
loop_
_atom_type.symbol 
C 
N 
O 
S 
# 
loop_
_atom_site.group_PDB 
_atom_site.id 
_atom_site.type_symbol 
_atom_site.label_atom_id 
_atom_site.label_alt_id 
_atom_site.label_comp_id 
_atom_site.label_asym_id 
_atom_site.label_entity_id 
_atom_site.label_seq_id 
_atom_site.pdbx_PDB_ins_code 
_atom_site.Cartn_x 
_atom_site.Cartn_y 
_atom_site.Cartn_z 
_atom_site.occupancy 
_atom_site.B_iso_or_equiv 
_atom_site.pdbx_formal_charge 
_atom_site.auth_seq_id 
_atom_site.auth_comp_id 
_atom_site.auth_asym_id 
_atom_site.auth_atom_id 
_atom_site.pdbx_PDB_model_num 
ATOM   1    N N   . SER A 1 1   ? 2.272   -25.399 -7.001  1.00 31.99 ? 979  SER A N   1 
ATOM   2    C CA  . SER A 1 1   ? 1.488   -25.941 -8.126  1.00 36.90 ? 979  SER A CA  1 
ATOM   3    C C   . SER A 1 1   ? 1.128   -24.804 -9.105  1.00 46.23 ? 979  SER A C   1 
ATOM   4    O O   . SER A 1 1   ? 1.300   -23.595 -8.744  1.00 34.21 ? 979  SER A O   1 
ATOM   5    C CB  . SER A 1 1   ? 0.254   -26.640 -7.625  1.00 42.25 ? 979  SER A CB  1 
ATOM   6    O OG  . SER A 1 1   ? -0.662  -25.726 -6.987  1.00 36.90 ? 979  SER A OG  1 
ATOM   7    N N   . MET A 1 2   ? 0.653   -25.163 -10.299 1.00 44.93 ? 980  MET A N   1 
ATOM   8    C CA  . MET A 1 2   ? 0.149   -24.189 -11.307 1.00 48.85 ? 980  MET A CA  1 
ATOM   9    C C   . MET A 1 2   ? -1.047  -23.450 -10.705 1.00 39.76 ? 980  MET A C   1 
ATOM   10   O O   . MET A 1 2   ? -1.184  -22.251 -10.938 1.00 33.54 ? 980  MET A O   1 
ATOM   11   C CB  . MET A 1 2   ? -0.329  -24.883 -12.593 1.00 55.81 ? 980  MET A CB  1 
ATOM   12   C CG  . MET A 1 2   ? -0.813  -23.913 -13.677 1.00 65.19 ? 980  MET A CG  1 
ATOM   13   S SD  . MET A 1 2   ? 0.592   -23.077 -14.489 1.00 96.21 ? 980  MET A SD  1 
ATOM   14   C CE  . MET A 1 2   ? 0.803   -21.576 -13.530 1.00 79.22 ? 980  MET A CE  1 
ATOM   15   N N   . GLN A 1 3   ? -1.925  -24.167 -10.023 1.00 32.95 ? 981  GLN A N   1 
ATOM   16   C CA  . GLN A 1 3   ? -3.141  -23.592 -9.408  1.00 37.55 ? 981  GLN A CA  1 
ATOM   17   C C   . GLN A 1 3   ? -2.706  -22.526 -8.399  1.00 28.80 ? 981  GLN A C   1 
ATOM   18   O O   . GLN A 1 3   ? -3.376  -21.463 -8.354  1.00 27.94 ? 981  GLN A O   1 
ATOM   19   C CB  . GLN A 1 3   ? -4.030  -24.664 -8.777  1.00 43.96 ? 981  GLN A CB  1 
ATOM   20   C CG  . GLN A 1 3   ? -4.293  -25.826 -9.741  1.00 60.62 ? 981  GLN A CG  1 
ATOM   21   C CD  . GLN A 1 3   ? -3.287  -26.951 -9.570  1.00 67.72 ? 981  GLN A CD  1 
ATOM   22   O OE1 . GLN A 1 3   ? -2.252  -27.045 -10.262 1.00 62.58 ? 981  GLN A OE1 1 
ATOM   23   N NE2 . GLN A 1 3   ? -3.572  -27.794 -8.583  1.00 71.54 ? 981  GLN A NE2 1 
ATOM   24   N N   . GLU A 1 4   ? -1.642  -22.766 -7.640  1.00 25.75 ? 982  GLU A N   1 
ATOM   25   C CA  . GLU A 1 4   ? -1.174  -21.777 -6.617  1.00 22.61 ? 982  GLU A CA  1 
ATOM   26   C C   . GLU A 1 4   ? -0.610  -20.566 -7.375  1.00 20.14 ? 982  GLU A C   1 
ATOM   27   O O   . GLU A 1 4   ? -0.817  -19.391 -6.923  1.00 18.41 ? 982  GLU A O   1 
ATOM   28   C CB  . GLU A 1 4   ? -0.146  -22.398 -5.649  1.00 22.72 ? 982  GLU A CB  1 
ATOM   29   C CG  . GLU A 1 4   ? -0.834  -23.383 -4.682  1.00 25.68 ? 982  GLU A CG  1 
ATOM   30   C CD  . GLU A 1 4   ? 0.110   -24.251 -3.860  1.00 31.13 ? 982  GLU A CD  1 
ATOM   31   O OE1 . GLU A 1 4   ? 1.304   -24.312 -4.256  1.00 30.85 ? 982  GLU A OE1 1 
ATOM   32   O OE2 . GLU A 1 4   ? -0.310  -24.771 -2.737  1.00 26.95 ? 982  GLU A OE2 1 
ATOM   33   N N   . GLU A 1 5   ? 0.157   -20.765 -8.464  1.00 21.07 ? 983  GLU A N   1 
ATOM   34   C CA  . GLU A 1 5   ? 0.714   -19.614 -9.208  1.00 23.00 ? 983  GLU A CA  1 
ATOM   35   C C   . GLU A 1 5   ? -0.455  -18.797 -9.832  1.00 20.01 ? 983  GLU A C   1 
ATOM   36   O O   . GLU A 1 5   ? -0.343  -17.562 -9.840  1.00 19.45 ? 983  GLU A O   1 
ATOM   37   C CB  . GLU A 1 5   ? 1.738   -20.037 -10.295 1.00 28.49 ? 983  GLU A CB  1 
ATOM   38   C CG  . GLU A 1 5   ? 3.025   -20.618 -9.661  1.00 33.72 ? 983  GLU A CG  1 
ATOM   39   C CD  . GLU A 1 5   ? 3.667   -19.758 -8.553  1.00 46.46 ? 983  GLU A CD  1 
ATOM   40   O OE1 . GLU A 1 5   ? 3.909   -18.555 -8.841  1.00 54.96 ? 983  GLU A OE1 1 
ATOM   41   O OE2 . GLU A 1 5   ? 3.852   -20.242 -7.344  1.00 52.80 ? 983  GLU A OE2 1 
ATOM   42   N N   . ASP A 1 6   ? -1.526  -19.439 -10.274 1.00 19.39 ? 984  ASP A N   1 
ATOM   43   C CA  . ASP A 1 6   ? -2.731  -18.736 -10.771 1.00 20.12 ? 984  ASP A CA  1 
ATOM   44   C C   . ASP A 1 6   ? -3.361  -17.890 -9.603  1.00 18.66 ? 984  ASP A C   1 
ATOM   45   O O   . ASP A 1 6   ? -3.867  -16.755 -9.883  1.00 17.33 ? 984  ASP A O   1 
ATOM   46   C CB  . ASP A 1 6   ? -3.775  -19.686 -11.340 1.00 25.10 ? 984  ASP A CB  1 
ATOM   47   C CG  . ASP A 1 6   ? -3.452  -20.259 -12.738 1.00 29.20 ? 984  ASP A CG  1 
ATOM   48   O OD1 . ASP A 1 6   ? -2.504  -19.793 -13.361 1.00 33.89 ? 984  ASP A OD1 1 
ATOM   49   O OD2 . ASP A 1 6   ? -4.106  -21.209 -13.081 1.00 40.68 ? 984  ASP A OD2 1 
ATOM   50   N N   . THR A 1 7   ? -3.405  -18.407 -8.382  1.00 17.51 ? 985  THR A N   1 
ATOM   51   C CA  . THR A 1 7   ? -3.956  -17.688 -7.193  1.00 15.74 ? 985  THR A CA  1 
ATOM   52   C C   . THR A 1 7   ? -3.138  -16.390 -7.023  1.00 15.41 ? 985  THR A C   1 
ATOM   53   O O   . THR A 1 7   ? -3.733  -15.290 -6.888  1.00 15.14 ? 985  THR A O   1 
ATOM   54   C CB  . THR A 1 7   ? -3.970  -18.505 -5.897  1.00 15.96 ? 985  THR A CB  1 
ATOM   55   O OG1 . THR A 1 7   ? -4.793  -19.675 -6.135  1.00 19.29 ? 985  THR A OG1 1 
ATOM   56   C CG2 . THR A 1 7   ? -4.503  -17.738 -4.715  1.00 17.78 ? 985  THR A CG2 1 
ATOM   57   N N   . PHE A 1 8   ? -1.788  -16.471 -6.970  1.00 15.52 ? 986  PHE A N   1 
ATOM   58   C CA  . PHE A 1 8   ? -0.948  -15.268 -6.782  1.00 15.00 ? 986  PHE A CA  1 
ATOM   59   C C   . PHE A 1 8   ? -1.075  -14.260 -7.960  1.00 15.04 ? 986  PHE A C   1 
ATOM   60   O O   . PHE A 1 8   ? -1.004  -13.048 -7.730  1.00 16.06 ? 986  PHE A O   1 
ATOM   61   C CB  . PHE A 1 8   ? 0.521   -15.583 -6.420  1.00 15.77 ? 986  PHE A CB  1 
ATOM   62   C CG  . PHE A 1 8   ? 0.722   -16.301 -5.107  1.00 16.57 ? 986  PHE A CG  1 
ATOM   63   C CD1 . PHE A 1 8   ? 0.211   -15.827 -3.922  1.00 17.27 ? 986  PHE A CD1 1 
ATOM   64   C CD2 . PHE A 1 8   ? 1.502   -17.444 -5.021  1.00 19.38 ? 986  PHE A CD2 1 
ATOM   65   C CE1 . PHE A 1 8   ? 0.358   -16.455 -2.698  1.00 20.96 ? 986  PHE A CE1 1 
ATOM   66   C CE2 . PHE A 1 8   ? 1.708   -18.046 -3.782  1.00 20.12 ? 986  PHE A CE2 1 
ATOM   67   C CZ  . PHE A 1 8   ? 1.154   -17.564 -2.626  1.00 21.22 ? 986  PHE A CZ  1 
ATOM   68   N N   A ARG A 1 9   ? -1.284  -14.743 -9.196  0.23 15.80 ? 987  ARG A N   1 
ATOM   69   N N   B ARG A 1 9   ? -1.247  -14.761 -9.186  0.23 15.17 ? 987  ARG A N   1 
ATOM   70   N N   C ARG A 1 9   ? -1.298  -14.724 -9.196  0.04 13.94 ? 987  ARG A N   1 
ATOM   71   C CA  A ARG A 1 9   ? -1.495  -13.863 -10.382 0.23 16.79 ? 987  ARG A CA  1 
ATOM   72   C CA  B ARG A 1 9   ? -1.488  -13.870 -10.343 0.23 15.71 ? 987  ARG A CA  1 
ATOM   73   C CA  C ARG A 1 9   ? -1.472  -13.799 -10.353 0.04 13.25 ? 987  ARG A CA  1 
ATOM   74   C C   A ARG A 1 9   ? -2.822  -13.093 -10.244 0.23 15.36 ? 987  ARG A C   1 
ATOM   75   C C   B ARG A 1 9   ? -2.771  -13.063 -10.102 0.23 14.90 ? 987  ARG A C   1 
ATOM   76   C C   C ARG A 1 9   ? -2.827  -13.082 -10.253 0.04 13.48 ? 987  ARG A C   1 
ATOM   77   O O   A ARG A 1 9   ? -2.877  -11.898 -10.599 0.23 14.67 ? 987  ARG A O   1 
ATOM   78   O O   B ARG A 1 9   ? -2.706  -11.820 -10.203 0.23 13.82 ? 987  ARG A O   1 
ATOM   79   O O   C ARG A 1 9   ? -2.900  -11.916 -10.688 0.04 13.44 ? 987  ARG A O   1 
ATOM   80   C CB  A ARG A 1 9   ? -1.458  -14.673 -11.677 0.23 19.63 ? 987  ARG A CB  1 
ATOM   81   C CB  B ARG A 1 9   ? -1.587  -14.649 -11.645 0.23 17.52 ? 987  ARG A CB  1 
ATOM   82   C CB  C ARG A 1 9   ? -1.342  -14.501 -11.706 0.04 12.47 ? 987  ARG A CB  1 
ATOM   83   C CG  A ARG A 1 9   ? -1.007  -13.884 -12.893 0.23 22.39 ? 987  ARG A CG  1 
ATOM   84   C CG  B ARG A 1 9   ? -1.670  -13.738 -12.850 0.23 19.03 ? 987  ARG A CG  1 
ATOM   85   C CG  C ARG A 1 9   ? -1.226  -13.535 -12.878 0.04 11.79 ? 987  ARG A CG  1 
ATOM   86   C CD  A ARG A 1 9   ? -0.751  -14.769 -14.108 0.23 24.61 ? 987  ARG A CD  1 
ATOM   87   C CD  B ARG A 1 9   ? -1.307  -14.491 -14.101 0.23 20.72 ? 987  ARG A CD  1 
ATOM   88   C CD  C ARG A 1 9   ? -0.478  -14.192 -14.016 0.04 11.14 ? 987  ARG A CD  1 
ATOM   89   N NE  A ARG A 1 9   ? 0.271   -15.781 -13.895 0.23 30.04 ? 987  ARG A NE  1 
ATOM   90   N NE  B ARG A 1 9   ? -1.298  -13.580 -15.218 0.23 22.85 ? 987  ARG A NE  1 
ATOM   91   N NE  C ARG A 1 9   ? -0.349  -13.511 -15.298 0.04 10.57 ? 987  ARG A NE  1 
ATOM   92   C CZ  A ARG A 1 9   ? 0.063   -17.101 -13.852 0.23 27.14 ? 987  ARG A CZ  1 
ATOM   93   C CZ  B ARG A 1 9   ? -2.309  -13.379 -16.064 0.23 20.28 ? 987  ARG A CZ  1 
ATOM   94   C CZ  C ARG A 1 9   ? -1.166  -12.608 -15.845 0.04 10.03 ? 987  ARG A CZ  1 
ATOM   95   N NH1 A ARG A 1 9   ? -1.139  -17.611 -14.024 0.23 27.61 ? 987  ARG A NH1 1 
ATOM   96   N NH1 B ARG A 1 9   ? -2.097  -12.504 -17.028 0.23 24.48 ? 987  ARG A NH1 1 
ATOM   97   N NH1 C ARG A 1 9   ? -0.872  -12.168 -17.055 0.04 9.60  ? 987  ARG A NH1 1 
ATOM   98   N NH2 A ARG A 1 9   ? 1.074   -17.906 -13.632 0.23 25.93 ? 987  ARG A NH2 1 
ATOM   99   N NH2 B ARG A 1 9   ? -3.503  -13.956 -15.919 0.23 18.70 ? 987  ARG A NH2 1 
ATOM   100  N NH2 C ARG A 1 9   ? -2.223  -12.119 -15.208 0.04 9.58  ? 987  ARG A NH2 1 
ATOM   101  N N   . GLU A 1 10  ? -3.858  -13.743 -9.714  1.00 14.01 ? 988  GLU A N   1 
ATOM   102  C CA  . GLU A 1 10  ? -5.158  -13.059 -9.449  1.00 13.04 ? 988  GLU A CA  1 
ATOM   103  C C   . GLU A 1 10  ? -4.926  -12.018 -8.334  1.00 12.79 ? 988  GLU A C   1 
ATOM   104  O O   . GLU A 1 10  ? -5.464  -10.851 -8.459  1.00 13.04 ? 988  GLU A O   1 
ATOM   105  C CB  . GLU A 1 10  ? -6.280  -14.057 -9.098  1.00 13.43 ? 988  GLU A CB  1 
ATOM   106  C CG  . GLU A 1 10  ? -7.571  -13.350 -8.787  1.00 13.66 ? 988  GLU A CG  1 
ATOM   107  C CD  . GLU A 1 10  ? -8.852  -14.158 -8.838  1.00 17.18 ? 988  GLU A CD  1 
ATOM   108  O OE1 . GLU A 1 10  ? -9.932  -13.572 -8.450  1.00 16.71 ? 988  GLU A OE1 1 
ATOM   109  O OE2 . GLU A 1 10  ? -8.770  -15.345 -9.268  1.00 18.35 ? 988  GLU A OE2 1 
ATOM   110  N N   . LEU A 1 11  ? -4.191  -12.356 -7.275  1.00 13.34 ? 989  LEU A N   1 
ATOM   111  C CA  . LEU A 1 11  ? -3.889  -11.364 -6.202  1.00 13.02 ? 989  LEU A CA  1 
ATOM   112  C C   . LEU A 1 11  ? -3.192  -10.128 -6.819  1.00 13.04 ? 989  LEU A C   1 
ATOM   113  O O   . LEU A 1 11  ? -3.605  -8.958  -6.515  1.00 13.06 ? 989  LEU A O   1 
ATOM   114  C CB  . LEU A 1 11  ? -3.015  -12.003 -5.113  1.00 13.97 ? 989  LEU A CB  1 
ATOM   115  C CG  . LEU A 1 11  ? -2.504  -11.015 -4.061  1.00 15.08 ? 989  LEU A CG  1 
ATOM   116  C CD1 . LEU A 1 11  ? -3.637  -10.481 -3.219  1.00 16.53 ? 989  LEU A CD1 1 
ATOM   117  C CD2 . LEU A 1 11  ? -1.430  -11.691 -3.200  1.00 19.66 ? 989  LEU A CD2 1 
ATOM   118  N N   . ARG A 1 12  ? -2.185  -10.305 -7.650  1.00 12.81 ? 990  ARG A N   1 
ATOM   119  C CA  . ARG A 1 12  ? -1.501  -9.140  -8.255  1.00 12.95 ? 990  ARG A CA  1 
ATOM   120  C C   . ARG A 1 12  ? -2.443  -8.284  -9.120  1.00 12.67 ? 990  ARG A C   1 
ATOM   121  O O   . ARG A 1 12  ? -2.334  -7.013  -9.052  1.00 12.13 ? 990  ARG A O   1 
ATOM   122  C CB  . ARG A 1 12  ? -0.251  -9.540  -9.077  1.00 12.48 ? 990  ARG A CB  1 
ATOM   123  C CG  . ARG A 1 12  ? 0.824   -10.157 -8.196  1.00 14.38 ? 990  ARG A CG  1 
ATOM   124  C CD  . ARG A 1 12  ? 2.161   -10.461 -8.905  1.00 15.38 ? 990  ARG A CD  1 
ATOM   125  N NE  . ARG A 1 12  ? 2.041   -11.379 -10.056 1.00 15.82 ? 990  ARG A NE  1 
ATOM   126  C CZ  . ARG A 1 12  ? 2.222   -12.716 -9.970  1.00 16.56 ? 990  ARG A CZ  1 
ATOM   127  N NH1 . ARG A 1 12  ? 2.102   -13.464 -11.064 1.00 19.60 ? 990  ARG A NH1 1 
ATOM   128  N NH2 . ARG A 1 12  ? 2.441   -13.311 -8.839  1.00 17.09 ? 990  ARG A NH2 1 
ATOM   129  N N   . ILE A 1 13  ? -3.322  -8.878  -9.933  1.00 12.76 ? 991  ILE A N   1 
ATOM   130  C CA  . ILE A 1 13  ? -4.296  -8.143  -10.780 1.00 12.11 ? 991  ILE A CA  1 
ATOM   131  C C   . ILE A 1 13  ? -5.187  -7.289  -9.856  1.00 11.98 ? 991  ILE A C   1 
ATOM   132  O O   . ILE A 1 13  ? -5.382  -6.086  -10.121 1.00 13.01 ? 991  ILE A O   1 
ATOM   133  C CB  . ILE A 1 13  ? -5.094  -9.118  -11.666 1.00 15.08 ? 991  ILE A CB  1 
ATOM   134  C CG1 . ILE A 1 13  ? -4.146  -9.732  -12.705 1.00 19.94 ? 991  ILE A CG1 1 
ATOM   135  C CG2 . ILE A 1 13  ? -6.250  -8.364  -12.310 1.00 18.26 ? 991  ILE A CG2 1 
ATOM   136  C CD1 . ILE A 1 13  ? -4.720  -10.967 -13.364 1.00 20.79 ? 991  ILE A CD1 1 
ATOM   137  N N   . PHE A 1 14  ? -5.686  -7.877  -8.780  1.00 12.51 ? 992  PHE A N   1 
ATOM   138  C CA  . PHE A 1 14  ? -6.555  -7.195  -7.782  1.00 13.52 ? 992  PHE A CA  1 
ATOM   139  C C   . PHE A 1 14  ? -5.793  -6.001  -7.176  1.00 13.56 ? 992  PHE A C   1 
ATOM   140  O O   . PHE A 1 14  ? -6.329  -4.868  -7.111  1.00 13.33 ? 992  PHE A O   1 
ATOM   141  C CB  . PHE A 1 14  ? -7.062  -8.172  -6.710  1.00 13.95 ? 992  PHE A CB  1 
ATOM   142  C CG  . PHE A 1 14  ? -7.868  -7.532  -5.585  1.00 15.03 ? 992  PHE A CG  1 
ATOM   143  C CD1 . PHE A 1 14  ? -9.138  -7.038  -5.813  1.00 18.61 ? 992  PHE A CD1 1 
ATOM   144  C CD2 . PHE A 1 14  ? -7.277  -7.429  -4.349  1.00 16.07 ? 992  PHE A CD2 1 
ATOM   145  C CE1 . PHE A 1 14  ? -9.861  -6.428  -4.783  1.00 18.97 ? 992  PHE A CE1 1 
ATOM   146  C CE2 . PHE A 1 14  ? -7.997  -6.823  -3.310  1.00 18.33 ? 992  PHE A CE2 1 
ATOM   147  C CZ  . PHE A 1 14  ? -9.277  -6.324  -3.552  1.00 16.31 ? 992  PHE A CZ  1 
ATOM   148  N N   . LEU A 1 15  ? -4.561  -6.225  -6.711  1.00 12.92 ? 993  LEU A N   1 
ATOM   149  C CA  . LEU A 1 15  ? -3.750  -5.152  -6.051  1.00 12.05 ? 993  LEU A CA  1 
ATOM   150  C C   . LEU A 1 15  ? -3.430  -4.019  -7.013  1.00 13.01 ? 993  LEU A C   1 
ATOM   151  O O   . LEU A 1 15  ? -3.440  -2.810  -6.613  1.00 13.36 ? 993  LEU A O   1 
ATOM   152  C CB  . LEU A 1 15  ? -2.471  -5.732  -5.421  1.00 14.19 ? 993  LEU A CB  1 
ATOM   153  C CG  . LEU A 1 15  ? -2.702  -6.718  -4.266  1.00 15.02 ? 993  LEU A CG  1 
ATOM   154  C CD1 . LEU A 1 15  ? -1.340  -7.230  -3.746  1.00 15.34 ? 993  LEU A CD1 1 
ATOM   155  C CD2 . LEU A 1 15  ? -3.568  -6.112  -3.168  1.00 16.04 ? 993  LEU A CD2 1 
ATOM   156  N N   . ARG A 1 16  ? -3.072  -4.308  -8.263  1.00 13.07 ? 994  ARG A N   1 
ATOM   157  C CA  . ARG A 1 16  ? -2.791  -3.246  -9.257  1.00 12.74 ? 994  ARG A CA  1 
ATOM   158  C C   . ARG A 1 16  ? -4.044  -2.373  -9.478  1.00 14.76 ? 994  ARG A C   1 
ATOM   159  O O   . ARG A 1 16  ? -3.923  -1.138  -9.636  1.00 14.20 ? 994  ARG A O   1 
ATOM   160  C CB  . ARG A 1 16  ? -2.336  -3.786  -10.624 1.00 15.38 ? 994  ARG A CB  1 
ATOM   161  C CG  . ARG A 1 16  ? -1.033  -4.549  -10.653 1.00 16.49 ? 994  ARG A CG  1 
ATOM   162  C CD  . ARG A 1 16  ? -0.519  -4.683  -12.123 1.00 16.61 ? 994  ARG A CD  1 
ATOM   163  N NE  . ARG A 1 16  ? 0.520   -5.660  -12.084 1.00 18.25 ? 994  ARG A NE  1 
ATOM   164  C CZ  . ARG A 1 16  ? 0.409   -6.964  -12.110 1.00 20.09 ? 994  ARG A CZ  1 
ATOM   165  N NH1 . ARG A 1 16  ? -0.694  -7.590  -12.474 1.00 17.66 ? 994  ARG A NH1 1 
ATOM   166  N NH2 . ARG A 1 16  ? 1.503   -7.687  -11.910 1.00 21.32 ? 994  ARG A NH2 1 
ATOM   167  N N   . ASN A 1 17  ? -5.249  -2.979  -9.553  1.00 12.75 ? 995  ASN A N   1 
ATOM   168  C CA  . ASN A 1 17  ? -6.526  -2.257  -9.770  1.00 13.01 ? 995  ASN A CA  1 
ATOM   169  C C   . ASN A 1 17  ? -6.838  -1.346  -8.575  1.00 11.81 ? 995  ASN A C   1 
ATOM   170  O O   . ASN A 1 17  ? -7.112  -0.110  -8.826  1.00 13.08 ? 995  ASN A O   1 
ATOM   171  C CB  . ASN A 1 17  ? -7.649  -3.232  -10.052 1.00 13.21 ? 995  ASN A CB  1 
ATOM   172  C CG  . ASN A 1 17  ? -8.935  -2.441  -10.252 1.00 18.81 ? 995  ASN A CG  1 
ATOM   173  O OD1 . ASN A 1 17  ? -9.663  -2.365  -9.322  1.00 18.73 ? 995  ASN A OD1 1 
ATOM   174  N ND2 . ASN A 1 17  ? -9.164  -1.853  -11.428 1.00 20.92 ? 995  ASN A ND2 1 
ATOM   175  N N   . VAL A 1 18  ? -6.716  -1.806  -7.347  1.00 13.03 ? 996  VAL A N   1 
ATOM   176  C CA  . VAL A 1 18  ? -6.953  -0.961  -6.146  1.00 12.59 ? 996  VAL A CA  1 
ATOM   177  C C   . VAL A 1 18  ? -5.954  0.217   -6.171  1.00 13.23 ? 996  VAL A C   1 
ATOM   178  O O   . VAL A 1 18  ? -6.310  1.384   -5.981  1.00 12.98 ? 996  VAL A O   1 
ATOM   179  C CB  . VAL A 1 18  ? -6.794  -1.750  -4.851  1.00 13.98 ? 996  VAL A CB  1 
ATOM   180  C CG1 . VAL A 1 18  ? -6.866  -0.834  -3.620  1.00 14.60 ? 996  VAL A CG1 1 
ATOM   181  C CG2 . VAL A 1 18  ? -7.828  -2.871  -4.757  1.00 14.97 ? 996  VAL A CG2 1 
ATOM   182  N N   . THR A 1 19  ? -4.672  -0.084  -6.415  1.00 11.98 ? 997  THR A N   1 
ATOM   183  C CA  . THR A 1 19  ? -3.584  0.938   -6.338  1.00 12.26 ? 997  THR A CA  1 
ATOM   184  C C   . THR A 1 19  ? -3.830  2.005   -7.431  1.00 13.09 ? 997  THR A C   1 
ATOM   185  O O   . THR A 1 19  ? -3.627  3.225   -7.169  1.00 14.04 ? 997  THR A O   1 
ATOM   186  C CB  . THR A 1 19  ? -2.190  0.308   -6.468  1.00 12.09 ? 997  THR A CB  1 
ATOM   187  O OG1 . THR A 1 19  ? -2.052  -0.733  -5.498  1.00 13.18 ? 997  THR A OG1 1 
ATOM   188  C CG2 . THR A 1 19  ? -1.106  1.314   -6.177  1.00 15.32 ? 997  THR A CG2 1 
ATOM   189  N N   . HIS A 1 20  ? -4.208  1.627   -8.675  1.00 12.75 ? 998  HIS A N   1 
ATOM   190  C CA  . HIS A 1 20  ? -4.548  2.615   -9.742  1.00 13.74 ? 998  HIS A CA  1 
ATOM   191  C C   . HIS A 1 20  ? -5.678  3.530   -9.298  1.00 14.14 ? 998  HIS A C   1 
ATOM   192  O O   . HIS A 1 20  ? -5.583  4.739   -9.562  1.00 14.33 ? 998  HIS A O   1 
ATOM   193  C CB  . HIS A 1 20  ? -4.943  1.849   -11.033 1.00 16.99 ? 998  HIS A CB  1 
ATOM   194  C CG  . HIS A 1 20  ? -5.266  2.745   -12.174 1.00 21.10 ? 998  HIS A CG  1 
ATOM   195  N ND1 . HIS A 1 20  ? -6.557  2.897   -12.729 1.00 26.13 ? 998  HIS A ND1 1 
ATOM   196  C CD2 . HIS A 1 20  ? -4.453  3.563   -12.875 1.00 20.34 ? 998  HIS A CD2 1 
ATOM   197  C CE1 . HIS A 1 20  ? -6.494  3.777   -13.733 1.00 22.44 ? 998  HIS A CE1 1 
ATOM   198  N NE2 . HIS A 1 20  ? -5.207  4.234   -13.806 1.00 26.38 ? 998  HIS A NE2 1 
ATOM   199  N N   . ARG A 1 21  ? -6.741  2.989   -8.693  1.00 13.17 ? 999  ARG A N   1 
ATOM   200  C CA  . ARG A 1 21  ? -7.898  3.810   -8.273  1.00 14.44 ? 999  ARG A CA  1 
ATOM   201  C C   . ARG A 1 21  ? -7.447  4.861   -7.205  1.00 16.17 ? 999  ARG A C   1 
ATOM   202  O O   . ARG A 1 21  ? -7.967  5.981   -7.201  1.00 17.50 ? 999  ARG A O   1 
ATOM   203  C CB  . ARG A 1 21  ? -9.064  2.939   -7.836  1.00 15.53 ? 999  ARG A CB  1 
ATOM   204  C CG  . ARG A 1 21  ? -9.673  2.208   -9.058  1.00 17.73 ? 999  ARG A CG  1 
ATOM   205  C CD  . ARG A 1 21  ? -10.337 0.847   -8.705  1.00 17.48 ? 999  ARG A CD  1 
ATOM   206  N NE  . ARG A 1 21  ? -11.466 1.068   -7.870  1.00 17.52 ? 999  ARG A NE  1 
ATOM   207  C CZ  . ARG A 1 21  ? -12.118 0.098   -7.241  1.00 14.86 ? 999  ARG A CZ  1 
ATOM   208  N NH1 . ARG A 1 21  ? -13.159 0.353   -6.484  1.00 16.75 ? 999  ARG A NH1 1 
ATOM   209  N NH2 . ARG A 1 21  ? -11.754 -1.170  -7.390  1.00 15.82 ? 999  ARG A NH2 1 
ATOM   210  N N   . LEU A 1 22  ? -6.549  4.496   -6.288  1.00 15.46 ? 1000 LEU A N   1 
ATOM   211  C CA  . LEU A 1 22  ? -5.976  5.455   -5.289  1.00 13.44 ? 1000 LEU A CA  1 
ATOM   212  C C   . LEU A 1 22  ? -5.144  6.485   -6.042  1.00 15.19 ? 1000 LEU A C   1 
ATOM   213  O O   . LEU A 1 22  ? -5.235  7.697   -5.736  1.00 15.27 ? 1000 LEU A O   1 
ATOM   214  C CB  . LEU A 1 22  ? -5.161  4.694   -4.232  1.00 12.95 ? 1000 LEU A CB  1 
ATOM   215  C CG  . LEU A 1 22  ? -5.921  3.686   -3.389  1.00 14.09 ? 1000 LEU A CG  1 
ATOM   216  C CD1 . LEU A 1 22  ? -4.971  2.891   -2.509  1.00 16.53 ? 1000 LEU A CD1 1 
ATOM   217  C CD2 . LEU A 1 22  ? -7.047  4.304   -2.581  1.00 16.49 ? 1000 LEU A CD2 1 
ATOM   218  N N   . ALA A 1 23  ? -4.269  6.086   -6.963  1.00 14.46 ? 1001 ALA A N   1 
ATOM   219  C CA  . ALA A 1 23  ? -3.288  6.980   -7.595  1.00 15.13 ? 1001 ALA A CA  1 
ATOM   220  C C   . ALA A 1 23  ? -3.942  8.044   -8.499  1.00 16.14 ? 1001 ALA A C   1 
ATOM   221  O O   . ALA A 1 23  ? -3.247  9.116   -8.665  1.00 17.26 ? 1001 ALA A O   1 
ATOM   222  C CB  . ALA A 1 23  ? -2.260  6.182   -8.333  1.00 16.66 ? 1001 ALA A CB  1 
ATOM   223  N N   . ILE A 1 24  ? -5.140  7.783   -9.051  1.00 16.02 ? 1002 ILE A N   1 
ATOM   224  C CA  . ILE A 1 24  ? -5.804  8.791   -9.919  1.00 17.81 ? 1002 ILE A CA  1 
ATOM   225  C C   . ILE A 1 24  ? -6.641  9.774   -9.096  1.00 21.28 ? 1002 ILE A C   1 
ATOM   226  O O   . ILE A 1 24  ? -7.177  10.752  -9.694  1.00 21.17 ? 1002 ILE A O   1 
ATOM   227  C CB  . ILE A 1 24  ? -6.584  8.124   -11.062 1.00 18.63 ? 1002 ILE A CB  1 
ATOM   228  C CG1 . ILE A 1 24  ? -7.770  7.336   -10.538 1.00 20.57 ? 1002 ILE A CG1 1 
ATOM   229  C CG2 . ILE A 1 24  ? -5.674  7.286   -11.931 1.00 21.11 ? 1002 ILE A CG2 1 
ATOM   230  C CD1 . ILE A 1 24  ? -8.669  6.696   -11.664 1.00 26.28 ? 1002 ILE A CD1 1 
ATOM   231  N N   . ASP A 1 25  ? -6.866  9.581   -7.813  1.00 17.68 ? 1003 ASP A N   1 
ATOM   232  C CA  . ASP A 1 25  ? -7.714  10.453  -6.967  1.00 17.82 ? 1003 ASP A CA  1 
ATOM   233  C C   . ASP A 1 25  ? -6.897  11.723  -6.689  1.00 20.10 ? 1003 ASP A C   1 
ATOM   234  O O   . ASP A 1 25  ? -5.762  11.630  -6.160  1.00 18.45 ? 1003 ASP A O   1 
ATOM   235  C CB  . ASP A 1 25  ? -8.120  9.750   -5.686  1.00 18.12 ? 1003 ASP A CB  1 
ATOM   236  C CG  . ASP A 1 25  ? -9.153  10.470  -4.829  1.00 20.92 ? 1003 ASP A CG  1 
ATOM   237  O OD1 . ASP A 1 25  ? -8.903  11.654  -4.461  1.00 22.76 ? 1003 ASP A OD1 1 
ATOM   238  O OD2 . ASP A 1 25  ? -10.114 9.800   -4.411  1.00 23.24 ? 1003 ASP A OD2 1 
ATOM   239  N N   . LYS A 1 26  ? -7.417  12.916  -7.026  1.00 20.05 ? 1004 LYS A N   1 
ATOM   240  C CA  . LYS A 1 26  ? -6.627  14.166  -6.855  1.00 21.74 ? 1004 LYS A CA  1 
ATOM   241  C C   . LYS A 1 26  ? -6.184  14.395  -5.397  1.00 18.49 ? 1004 LYS A C   1 
ATOM   242  O O   . LYS A 1 26  ? -5.121  15.089  -5.207  1.00 19.83 ? 1004 LYS A O   1 
ATOM   243  C CB  . LYS A 1 26  ? -7.420  15.394  -7.403  1.00 24.58 ? 1004 LYS A CB  1 
ATOM   244  N N   . ARG A 1 27  ? -6.904  13.907  -4.401  1.00 17.07 ? 1005 ARG A N   1 
ATOM   245  C CA  . ARG A 1 27  ? -6.576  14.124  -2.951  1.00 18.74 ? 1005 ARG A CA  1 
ATOM   246  C C   . ARG A 1 27  ? -5.215  13.448  -2.670  1.00 18.80 ? 1005 ARG A C   1 
ATOM   247  O O   . ARG A 1 27  ? -4.544  13.869  -1.728  1.00 18.55 ? 1005 ARG A O   1 
ATOM   248  C CB  . ARG A 1 27  ? -7.586  13.539  -1.992  1.00 18.75 ? 1005 ARG A CB  1 
ATOM   249  C CG  . ARG A 1 27  ? -8.974  14.193  -2.009  1.00 20.71 ? 1005 ARG A CG  1 
ATOM   250  C CD  . ARG A 1 27  ? -9.947  13.418  -1.136  1.00 20.24 ? 1005 ARG A CD  1 
ATOM   251  N NE  . ARG A 1 27  ? -10.287 12.115  -1.738  1.00 20.72 ? 1005 ARG A NE  1 
ATOM   252  C CZ  . ARG A 1 27  ? -10.980 11.158  -1.160  1.00 20.31 ? 1005 ARG A CZ  1 
ATOM   253  N NH1 . ARG A 1 27  ? -11.396 11.248  0.096   1.00 22.34 ? 1005 ARG A NH1 1 
ATOM   254  N NH2 . ARG A 1 27  ? -11.217 10.040  -1.806  1.00 23.45 ? 1005 ARG A NH2 1 
ATOM   255  N N   . PHE A 1 28  ? -4.871  12.417  -3.442  1.00 15.97 ? 1006 PHE A N   1 
ATOM   256  C CA  . PHE A 1 28  ? -3.696  11.576  -3.076  1.00 16.92 ? 1006 PHE A CA  1 
ATOM   257  C C   . PHE A 1 28  ? -2.465  11.808  -3.936  1.00 18.52 ? 1006 PHE A C   1 
ATOM   258  O O   . PHE A 1 28  ? -1.477  10.999  -3.859  1.00 16.77 ? 1006 PHE A O   1 
ATOM   259  C CB  . PHE A 1 28  ? -4.129  10.094  -3.086  1.00 15.01 ? 1006 PHE A CB  1 
ATOM   260  C CG  . PHE A 1 28  ? -5.368  9.804   -2.243  1.00 14.72 ? 1006 PHE A CG  1 
ATOM   261  C CD1 . PHE A 1 28  ? -5.658  10.442  -1.020  1.00 15.48 ? 1006 PHE A CD1 1 
ATOM   262  C CD2 . PHE A 1 28  ? -6.265  8.826   -2.655  1.00 14.72 ? 1006 PHE A CD2 1 
ATOM   263  C CE1 . PHE A 1 28  ? -6.809  10.145  -0.315  1.00 15.49 ? 1006 PHE A CE1 1 
ATOM   264  C CE2 . PHE A 1 28  ? -7.409  8.518   -1.944  1.00 16.15 ? 1006 PHE A CE2 1 
ATOM   265  C CZ  . PHE A 1 28  ? -7.672  9.153   -0.740  1.00 15.99 ? 1006 PHE A CZ  1 
ATOM   266  N N   . ARG A 1 29  ? -2.428  12.892  -4.724  0.62 18.29 ? 1007 ARG A N   1 
ATOM   267  C CA  . ARG A 1 29  ? -1.269  13.193  -5.614  0.62 19.69 ? 1007 ARG A CA  1 
ATOM   268  C C   . ARG A 1 29  ? 0.038   13.261  -4.805  0.62 18.82 ? 1007 ARG A C   1 
ATOM   269  O O   . ARG A 1 29  ? 1.079   12.846  -5.350  0.62 18.90 ? 1007 ARG A O   1 
ATOM   270  C CB  . ARG A 1 29  ? -1.457  14.489  -6.415  0.62 23.90 ? 1007 ARG A CB  1 
ATOM   271  C CG  . ARG A 1 29  ? -0.569  14.556  -7.646  0.62 28.63 ? 1007 ARG A CG  1 
ATOM   272  C CD  . ARG A 1 29  ? -0.542  15.889  -8.374  0.62 36.09 ? 1007 ARG A CD  1 
ATOM   273  N NE  . ARG A 1 29  ? 0.446   15.881  -9.456  0.62 40.99 ? 1007 ARG A NE  1 
ATOM   274  C CZ  . ARG A 1 29  ? 1.776   15.936  -9.297  0.62 48.44 ? 1007 ARG A CZ  1 
ATOM   275  N NH1 . ARG A 1 29  ? 2.567   15.912  -10.360 0.62 50.94 ? 1007 ARG A NH1 1 
ATOM   276  N NH2 . ARG A 1 29  ? 2.320   16.017  -8.091  0.62 50.77 ? 1007 ARG A NH2 1 
ATOM   277  N N   . VAL A 1 30  ? 0.008   13.776  -3.575  0.62 17.61 ? 1008 VAL A N   1 
ATOM   278  C CA  . VAL A 1 30  ? 1.234   13.968  -2.734  0.62 18.48 ? 1008 VAL A CA  1 
ATOM   279  C C   . VAL A 1 30  ? 1.809   12.597  -2.319  0.62 17.00 ? 1008 VAL A C   1 
ATOM   280  O O   . VAL A 1 30  ? 2.935   12.583  -1.755  0.62 17.02 ? 1008 VAL A O   1 
ATOM   281  C CB  . VAL A 1 30  ? 0.941   14.881  -1.523  0.62 20.23 ? 1008 VAL A CB  1 
ATOM   282  C CG1 . VAL A 1 30  ? 0.166   14.184  -0.412  0.62 20.35 ? 1008 VAL A CG1 1 
ATOM   283  C CG2 . VAL A 1 30  ? 2.199   15.532  -0.971  0.62 21.87 ? 1008 VAL A CG2 1 
ATOM   284  N N   . PHE A 1 31  ? 1.094   11.488  -2.591  0.62 16.44 ? 1009 PHE A N   1 
ATOM   285  C CA  . PHE A 1 31  ? 1.551   10.109  -2.262  0.62 15.95 ? 1009 PHE A CA  1 
ATOM   286  C C   . PHE A 1 31  ? 1.889   9.307   -3.537  0.62 16.04 ? 1009 PHE A C   1 
ATOM   287  O O   . PHE A 1 31  ? 2.209   8.097   -3.396  0.62 15.79 ? 1009 PHE A O   1 
ATOM   288  C CB  . PHE A 1 31  ? 0.500   9.396   -1.404  0.62 15.40 ? 1009 PHE A CB  1 
ATOM   289  C CG  . PHE A 1 31  ? 0.007   10.191  -0.214  0.62 15.03 ? 1009 PHE A CG  1 
ATOM   290  C CD1 . PHE A 1 31  ? 0.831   10.431  0.879   0.62 15.24 ? 1009 PHE A CD1 1 
ATOM   291  C CD2 . PHE A 1 31  ? -1.276  10.723  -0.193  0.62 15.92 ? 1009 PHE A CD2 1 
ATOM   292  C CE1 . PHE A 1 31  ? 0.395   11.190  1.960   0.62 15.10 ? 1009 PHE A CE1 1 
ATOM   293  C CE2 . PHE A 1 31  ? -1.717  11.483  0.890   0.62 15.98 ? 1009 PHE A CE2 1 
ATOM   294  C CZ  . PHE A 1 31  ? -0.879  11.730  1.958   0.62 15.42 ? 1009 PHE A CZ  1 
ATOM   295  N N   . THR A 1 32  ? 1.886   9.915   -4.730  0.62 16.38 ? 1010 THR A N   1 
ATOM   296  C CA  . THR A 1 32  ? 2.078   9.167   -6.008  0.62 17.38 ? 1010 THR A CA  1 
ATOM   297  C C   . THR A 1 32  ? 3.566   8.979   -6.342  0.62 18.76 ? 1010 THR A C   1 
ATOM   298  O O   . THR A 1 32  ? 3.827   8.174   -7.249  0.62 19.17 ? 1010 THR A O   1 
ATOM   299  C CB  . THR A 1 32  ? 1.357   9.800   -7.204  0.62 17.96 ? 1010 THR A CB  1 
ATOM   300  O OG1 . THR A 1 32  ? 1.842   11.123  -7.448  0.62 17.72 ? 1010 THR A OG1 1 
ATOM   301  C CG2 . THR A 1 32  ? -0.144  9.806   -7.029  0.62 18.28 ? 1010 THR A CG2 1 
ATOM   302  N N   . LYS A 1 33  ? 4.474   9.686   -5.651  0.62 19.43 ? 1011 LYS A N   1 
ATOM   303  C CA  . LYS A 1 33  ? 5.943   9.648   -5.894  0.62 21.15 ? 1011 LYS A CA  1 
ATOM   304  C C   . LYS A 1 33  ? 6.692   9.776   -4.573  0.62 19.23 ? 1011 LYS A C   1 
ATOM   305  O O   . LYS A 1 33  ? 6.159   10.325  -3.606  0.62 18.16 ? 1011 LYS A O   1 
ATOM   306  C CB  . LYS A 1 33  ? 6.373   10.816  -6.793  0.62 24.45 ? 1011 LYS A CB  1 
ATOM   307  C CG  . LYS A 1 33  ? 5.700   10.868  -8.159  0.62 28.40 ? 1011 LYS A CG  1 
ATOM   308  C CD  . LYS A 1 33  ? 6.293   11.921  -9.080  0.62 33.68 ? 1011 LYS A CD  1 
ATOM   309  C CE  . LYS A 1 33  ? 6.350   13.307  -8.468  0.62 37.12 ? 1011 LYS A CE  1 
ATOM   310  N NZ  . LYS A 1 33  ? 6.292   14.368  -9.505  0.62 40.54 ? 1011 LYS A NZ  1 
ATOM   311  N N   . PRO A 1 34  ? 7.976   9.339   -4.494  0.62 19.15 ? 1012 PRO A N   1 
ATOM   312  C CA  . PRO A 1 34  ? 8.754   9.541   -3.275  0.62 19.45 ? 1012 PRO A CA  1 
ATOM   313  C C   . PRO A 1 34  ? 8.876   11.034  -2.932  0.62 19.26 ? 1012 PRO A C   1 
ATOM   314  O O   . PRO A 1 34  ? 8.875   11.876  -3.831  0.62 20.48 ? 1012 PRO A O   1 
ATOM   315  C CB  . PRO A 1 34  ? 10.141  8.949   -3.578  0.62 19.80 ? 1012 PRO A CB  1 
ATOM   316  C CG  . PRO A 1 34  ? 9.929   8.066   -4.789  0.62 20.73 ? 1012 PRO A CG  1 
ATOM   317  C CD  . PRO A 1 34  ? 8.741   8.649   -5.543  0.62 20.31 ? 1012 PRO A CD  1 
ATOM   318  N N   . VAL A 1 35  ? 8.977   11.345  -1.641  0.62 21.79 ? 1013 VAL A N   1 
ATOM   319  C CA  . VAL A 1 35  ? 9.288   12.726  -1.166  0.62 23.44 ? 1013 VAL A CA  1 
ATOM   320  C C   . VAL A 1 35  ? 10.681  13.075  -1.708  0.62 27.15 ? 1013 VAL A C   1 
ATOM   321  O O   . VAL A 1 35  ? 11.630  12.303  -1.444  0.62 25.69 ? 1013 VAL A O   1 
ATOM   322  C CB  . VAL A 1 35  ? 9.177   12.835  0.366   0.62 23.24 ? 1013 VAL A CB  1 
ATOM   323  C CG1 . VAL A 1 35  ? 9.663   14.186  0.882   0.62 24.98 ? 1013 VAL A CG1 1 
ATOM   324  C CG2 . VAL A 1 35  ? 7.747   12.593  0.833   0.62 23.71 ? 1013 VAL A CG2 1 
ATOM   325  N N   . ASP A 1 36  ? 10.789  14.172  -2.465  0.62 32.30 ? 1014 ASP A N   1 
ATOM   326  C CA  . ASP A 1 36  ? 12.012  14.540  -3.233  0.62 37.63 ? 1014 ASP A CA  1 
ATOM   327  C C   . ASP A 1 36  ? 13.130  14.918  -2.264  0.62 39.85 ? 1014 ASP A C   1 
ATOM   328  O O   . ASP A 1 36  ? 12.976  15.844  -1.473  0.62 39.88 ? 1014 ASP A O   1 
ATOM   329  C CB  . ASP A 1 36  ? 11.718  15.665  -4.228  0.62 40.63 ? 1014 ASP A CB  1 
ATOM   330  C CG  . ASP A 1 36  ? 12.858  15.913  -5.202  0.62 45.83 ? 1014 ASP A CG  1 
ATOM   331  O OD1 . ASP A 1 36  ? 13.951  16.327  -4.737  0.62 46.45 ? 1014 ASP A OD1 1 
ATOM   332  O OD2 . ASP A 1 36  ? 12.654  15.666  -6.411  0.62 44.84 ? 1014 ASP A OD2 1 
ATOM   333  N N   . PRO A 1 37  ? 14.291  14.224  -2.296  0.62 43.50 ? 1015 PRO A N   1 
ATOM   334  C CA  . PRO A 1 37  ? 15.331  14.419  -1.286  0.62 46.01 ? 1015 PRO A CA  1 
ATOM   335  C C   . PRO A 1 37  ? 16.140  15.712  -1.481  0.62 49.64 ? 1015 PRO A C   1 
ATOM   336  O O   . PRO A 1 37  ? 16.824  16.112  -0.557  0.62 52.04 ? 1015 PRO A O   1 
ATOM   337  C CB  . PRO A 1 37  ? 16.215  13.179  -1.473  0.62 46.14 ? 1015 PRO A CB  1 
ATOM   338  C CG  . PRO A 1 37  ? 16.111  12.886  -2.954  0.62 46.39 ? 1015 PRO A CG  1 
ATOM   339  C CD  . PRO A 1 37  ? 14.683  13.242  -3.321  0.62 45.02 ? 1015 PRO A CD  1 
ATOM   340  N N   . ASP A 1 38  ? 16.039  16.330  -2.662  0.62 52.35 ? 1016 ASP A N   1 
ATOM   341  C CA  . ASP A 1 38  ? 16.699  17.623  -2.992  0.62 55.49 ? 1016 ASP A CA  1 
ATOM   342  C C   . ASP A 1 38  ? 15.830  18.771  -2.463  0.62 55.85 ? 1016 ASP A C   1 
ATOM   343  O O   . ASP A 1 38  ? 16.398  19.741  -1.927  0.62 57.51 ? 1016 ASP A O   1 
ATOM   344  C CB  . ASP A 1 38  ? 16.989  17.720  -4.493  0.62 55.80 ? 1016 ASP A CB  1 
ATOM   345  C CG  . ASP A 1 38  ? 17.911  16.620  -4.995  0.62 56.72 ? 1016 ASP A CG  1 
ATOM   346  O OD1 . ASP A 1 38  ? 18.928  16.352  -4.323  0.62 55.02 ? 1016 ASP A OD1 1 
ATOM   347  O OD2 . ASP A 1 38  ? 17.595  16.027  -6.046  0.62 59.04 ? 1016 ASP A OD2 1 
ATOM   348  N N   . GLU A 1 39  ? 14.504  18.645  -2.576  0.62 51.95 ? 1017 GLU A N   1 
ATOM   349  C CA  . GLU A 1 39  ? 13.513  19.635  -2.068  0.62 48.40 ? 1017 GLU A CA  1 
ATOM   350  C C   . GLU A 1 39  ? 13.372  19.507  -0.540  0.62 47.64 ? 1017 GLU A C   1 
ATOM   351  O O   . GLU A 1 39  ? 13.188  20.549  0.123   0.62 45.56 ? 1017 GLU A O   1 
ATOM   352  C CB  . GLU A 1 39  ? 12.186  19.433  -2.802  0.62 49.58 ? 1017 GLU A CB  1 
ATOM   353  C CG  . GLU A 1 39  ? 11.012  20.169  -2.180  0.62 51.02 ? 1017 GLU A CG  1 
ATOM   354  C CD  . GLU A 1 39  ? 9.663   19.905  -2.828  0.62 51.31 ? 1017 GLU A CD  1 
ATOM   355  O OE1 . GLU A 1 39  ? 9.465   18.805  -3.378  0.62 50.12 ? 1017 GLU A OE1 1 
ATOM   356  O OE2 . GLU A 1 39  ? 8.805   20.802  -2.764  0.62 53.19 ? 1017 GLU A OE2 1 
ATOM   357  N N   . VAL A 1 40  ? 13.451  18.284  0.001   1.00 42.61 ? 1018 VAL A N   1 
ATOM   358  C CA  . VAL A 1 40  ? 13.253  18.016  1.468   1.00 39.13 ? 1018 VAL A CA  1 
ATOM   359  C C   . VAL A 1 40  ? 14.419  17.206  2.040   1.00 44.94 ? 1018 VAL A C   1 
ATOM   360  O O   . VAL A 1 40  ? 14.312  15.999  2.246   1.00 31.60 ? 1018 VAL A O   1 
ATOM   361  C CB  . VAL A 1 40  ? 11.899  17.298  1.712   1.00 36.94 ? 1018 VAL A CB  1 
ATOM   362  C CG1 . VAL A 1 40  ? 11.494  17.336  3.169   1.00 35.92 ? 1018 VAL A CG1 1 
ATOM   363  C CG2 . VAL A 1 40  ? 10.752  17.842  0.846   1.00 37.55 ? 1018 VAL A CG2 1 
ATOM   364  N N   . PRO A 1 41  ? 15.604  17.813  2.304   1.00 46.27 ? 1019 PRO A N   1 
ATOM   365  C CA  . PRO A 1 41  ? 16.772  17.025  2.709   1.00 40.55 ? 1019 PRO A CA  1 
ATOM   366  C C   . PRO A 1 41  ? 16.730  16.415  4.115   1.00 36.38 ? 1019 PRO A C   1 
ATOM   367  O O   . PRO A 1 41  ? 17.422  15.440  4.379   1.00 40.58 ? 1019 PRO A O   1 
ATOM   368  C CB  . PRO A 1 41  ? 17.941  18.032  2.580   1.00 52.04 ? 1019 PRO A CB  1 
ATOM   369  C CG  . PRO A 1 41  ? 17.282  19.392  2.746   1.00 49.99 ? 1019 PRO A CG  1 
ATOM   370  C CD  . PRO A 1 41  ? 15.914  19.242  2.106   1.00 54.73 ? 1019 PRO A CD  1 
ATOM   371  N N   . ASP A 1 42  ? 15.913  16.932  5.016   1.00 32.57 ? 1020 ASP A N   1 
ATOM   372  C CA  . ASP A 1 42  ? 15.801  16.308  6.352   1.00 33.19 ? 1020 ASP A CA  1 
ATOM   373  C C   . ASP A 1 42  ? 14.815  15.100  6.271   1.00 27.13 ? 1020 ASP A C   1 
ATOM   374  O O   . ASP A 1 42  ? 14.739  14.367  7.264   1.00 30.56 ? 1020 ASP A O   1 
ATOM   375  C CB  . ASP A 1 42  ? 15.561  17.414  7.384   1.00 41.99 ? 1020 ASP A CB  1 
ATOM   376  C CG  . ASP A 1 42  ? 14.215  17.456  8.057   1.00 43.75 ? 1020 ASP A CG  1 
ATOM   377  O OD1 . ASP A 1 42  ? 14.188  17.397  9.293   1.00 73.11 ? 1020 ASP A OD1 1 
ATOM   378  O OD2 . ASP A 1 42  ? 13.230  17.572  7.353   1.00 51.36 ? 1020 ASP A OD2 1 
ATOM   379  N N   . TYR A 1 43  ? 14.128  14.862  5.152   1.00 28.84 ? 1021 TYR A N   1 
ATOM   380  C CA  . TYR A 1 43  ? 13.028  13.824  5.108   1.00 25.51 ? 1021 TYR A CA  1 
ATOM   381  C C   . TYR A 1 43  ? 13.602  12.453  5.492   1.00 22.53 ? 1021 TYR A C   1 
ATOM   382  O O   . TYR A 1 43  ? 13.058  11.796  6.363   1.00 24.61 ? 1021 TYR A O   1 
ATOM   383  C CB  . TYR A 1 43  ? 12.300  13.752  3.752   1.00 23.93 ? 1021 TYR A CB  1 
ATOM   384  C CG  . TYR A 1 43  ? 11.049  12.871  3.803   1.00 22.10 ? 1021 TYR A CG  1 
ATOM   385  C CD1 . TYR A 1 43  ? 9.885   13.298  4.440   1.00 20.98 ? 1021 TYR A CD1 1 
ATOM   386  C CD2 . TYR A 1 43  ? 11.082  11.551  3.350   1.00 23.33 ? 1021 TYR A CD2 1 
ATOM   387  C CE1 . TYR A 1 43  ? 8.766   12.452  4.588   1.00 20.41 ? 1021 TYR A CE1 1 
ATOM   388  C CE2 . TYR A 1 43  ? 9.968   10.710  3.474   1.00 20.85 ? 1021 TYR A CE2 1 
ATOM   389  C CZ  . TYR A 1 43  ? 8.831   11.147  4.112   1.00 19.75 ? 1021 TYR A CZ  1 
ATOM   390  O OH  . TYR A 1 43  ? 7.748   10.310  4.210   1.00 18.59 ? 1021 TYR A OH  1 
ATOM   391  N N   . ARG A 1 44  ? 14.692  12.055  4.835   1.00 25.67 ? 1022 ARG A N   1 
ATOM   392  C CA  . ARG A 1 44  ? 15.272  10.696  4.996   1.00 28.74 ? 1022 ARG A CA  1 
ATOM   393  C C   . ARG A 1 44  ? 16.096  10.577  6.290   1.00 32.38 ? 1022 ARG A C   1 
ATOM   394  O O   . ARG A 1 44  ? 16.403  9.437   6.624   1.00 33.36 ? 1022 ARG A O   1 
ATOM   395  C CB  . ARG A 1 44  ? 15.986  10.318  3.701   1.00 30.17 ? 1022 ARG A CB  1 
ATOM   396  C CG  . ARG A 1 44  ? 15.053  9.839   2.600   1.00 32.52 ? 1022 ARG A CG  1 
ATOM   397  C CD  . ARG A 1 44  ? 15.670  9.647   1.232   1.00 37.67 ? 1022 ARG A CD  1 
ATOM   398  N NE  . ARG A 1 44  ? 14.610  9.307   0.296   1.00 38.24 ? 1022 ARG A NE  1 
ATOM   399  C CZ  . ARG A 1 44  ? 13.684  10.155  -0.162  1.00 52.29 ? 1022 ARG A CZ  1 
ATOM   400  N NH1 . ARG A 1 44  ? 13.709  11.451  0.164   1.00 43.57 ? 1022 ARG A NH1 1 
ATOM   401  N NH2 . ARG A 1 44  ? 12.729  9.694   -0.969  1.00 52.70 ? 1022 ARG A NH2 1 
ATOM   402  N N   . THR A 1 45  ? 16.325  11.640  7.064   1.00 31.17 ? 1023 THR A N   1 
ATOM   403  C CA  . THR A 1 45  ? 16.855  11.494  8.451   1.00 36.81 ? 1023 THR A CA  1 
ATOM   404  C C   . THR A 1 45  ? 15.742  11.202  9.447   1.00 33.39 ? 1023 THR A C   1 
ATOM   405  O O   . THR A 1 45  ? 15.965  10.379  10.343  1.00 33.97 ? 1023 THR A O   1 
ATOM   406  C CB  . THR A 1 45  ? 17.752  12.679  8.808   1.00 41.35 ? 1023 THR A CB  1 
ATOM   407  O OG1 . THR A 1 45  ? 17.009  13.862  9.100   1.00 54.75 ? 1023 THR A OG1 1 
ATOM   408  C CG2 . THR A 1 45  ? 18.664  12.960  7.655   1.00 37.71 ? 1023 THR A CG2 1 
ATOM   409  N N   . VAL A 1 46  ? 14.533  11.743  9.254   1.00 23.73 ? 1024 VAL A N   1 
ATOM   410  C CA  . VAL A 1 46  ? 13.410  11.516  10.171  1.00 21.49 ? 1024 VAL A CA  1 
ATOM   411  C C   . VAL A 1 46  ? 12.750  10.165  9.809   1.00 21.49 ? 1024 VAL A C   1 
ATOM   412  O O   . VAL A 1 46  ? 12.322  9.429   10.728  1.00 23.37 ? 1024 VAL A O   1 
ATOM   413  C CB  . VAL A 1 46  ? 12.408  12.692  10.096  1.00 25.43 ? 1024 VAL A CB  1 
ATOM   414  C CG1 . VAL A 1 46  ? 11.199  12.441  10.994  1.00 25.39 ? 1024 VAL A CG1 1 
ATOM   415  C CG2 . VAL A 1 46  ? 13.118  14.018  10.396  1.00 32.85 ? 1024 VAL A CG2 1 
ATOM   416  N N   . ILE A 1 47  ? 12.431  10.004  8.525   1.00 19.84 ? 1025 ILE A N   1 
ATOM   417  C CA  . ILE A 1 47  ? 11.614  8.846   8.047   1.00 18.65 ? 1025 ILE A CA  1 
ATOM   418  C C   . ILE A 1 47  ? 12.566  7.709   7.571   1.00 15.95 ? 1025 ILE A C   1 
ATOM   419  O O   . ILE A 1 47  ? 13.202  7.827   6.535   1.00 19.68 ? 1025 ILE A O   1 
ATOM   420  C CB  . ILE A 1 47  ? 10.605  9.281   6.965   1.00 19.15 ? 1025 ILE A CB  1 
ATOM   421  C CG1 . ILE A 1 47  ? 9.606   10.317  7.533   1.00 17.78 ? 1025 ILE A CG1 1 
ATOM   422  C CG2 . ILE A 1 47  ? 9.871   8.069   6.392   1.00 18.38 ? 1025 ILE A CG2 1 
ATOM   423  C CD1 . ILE A 1 47  ? 8.776   9.831   8.665   1.00 20.02 ? 1025 ILE A CD1 1 
ATOM   424  N N   . LYS A 1 48  ? 12.573  6.644   8.322   1.00 20.09 ? 1026 LYS A N   1 
ATOM   425  C CA  . LYS A 1 48  ? 13.565  5.553   8.110   1.00 19.22 ? 1026 LYS A CA  1 
ATOM   426  C C   . LYS A 1 48  ? 13.135  4.604   6.991   1.00 20.12 ? 1026 LYS A C   1 
ATOM   427  O O   . LYS A 1 48  ? 14.044  4.005   6.369   1.00 20.07 ? 1026 LYS A O   1 
ATOM   428  C CB  . LYS A 1 48  ? 13.760  4.784   9.404   1.00 20.86 ? 1026 LYS A CB  1 
ATOM   429  C CG  . LYS A 1 48  ? 14.301  5.634   10.564  1.00 22.79 ? 1026 LYS A CG  1 
ATOM   430  C CD  . LYS A 1 48  ? 15.569  6.326   10.271  1.00 27.07 ? 1026 LYS A CD  1 
ATOM   431  C CE  . LYS A 1 48  ? 16.071  7.240   11.393  1.00 30.56 ? 1026 LYS A CE  1 
ATOM   432  N NZ  . LYS A 1 48  ? 17.288  7.965   10.952  1.00 30.21 ? 1026 LYS A NZ  1 
ATOM   433  N N   . GLU A 1 49  ? 11.837  4.481   6.678   1.00 17.71 ? 1027 GLU A N   1 
ATOM   434  C CA  . GLU A 1 49  ? 11.385  3.587   5.576   1.00 16.70 ? 1027 GLU A CA  1 
ATOM   435  C C   . GLU A 1 49  ? 10.345  4.359   4.724   1.00 15.05 ? 1027 GLU A C   1 
ATOM   436  O O   . GLU A 1 49  ? 9.118   4.174   4.926   1.00 16.18 ? 1027 GLU A O   1 
ATOM   437  C CB  . GLU A 1 49  ? 10.819  2.261   6.069   1.00 16.73 ? 1027 GLU A CB  1 
ATOM   438  C CG  . GLU A 1 49  ? 10.675  1.258   4.948   1.00 17.95 ? 1027 GLU A CG  1 
ATOM   439  C CD  . GLU A 1 49  ? 10.298  -0.188  5.259   1.00 18.62 ? 1027 GLU A CD  1 
ATOM   440  O OE1 . GLU A 1 49  ? 10.074  -0.497  6.437   1.00 20.95 ? 1027 GLU A OE1 1 
ATOM   441  O OE2 . GLU A 1 49  ? 10.266  -1.002  4.254   1.00 20.63 ? 1027 GLU A OE2 1 
ATOM   442  N N   . PRO A 1 50  ? 10.820  5.200   3.798   1.00 14.58 ? 1028 PRO A N   1 
ATOM   443  C CA  . PRO A 1 50  ? 9.943   5.931   2.878   1.00 15.52 ? 1028 PRO A CA  1 
ATOM   444  C C   . PRO A 1 50  ? 9.069   4.946   2.078   1.00 17.07 ? 1028 PRO A C   1 
ATOM   445  O O   . PRO A 1 50  ? 9.524   3.820   1.726   1.00 16.73 ? 1028 PRO A O   1 
ATOM   446  C CB  . PRO A 1 50  ? 10.896  6.671   1.957   1.00 18.15 ? 1028 PRO A CB  1 
ATOM   447  C CG  . PRO A 1 50  ? 12.164  6.876   2.749   1.00 19.64 ? 1028 PRO A CG  1 
ATOM   448  C CD  . PRO A 1 50  ? 12.231  5.613   3.587   1.00 15.98 ? 1028 PRO A CD  1 
ATOM   449  N N   . MET A 1 51  ? 7.816   5.345   1.771   1.00 14.76 ? 1029 MET A N   1 
ATOM   450  C CA  . MET A 1 51  ? 6.944   4.483   0.908   1.00 14.38 ? 1029 MET A CA  1 
ATOM   451  C C   . MET A 1 51  ? 5.960   5.415   0.142   1.00 14.51 ? 1029 MET A C   1 
ATOM   452  O O   . MET A 1 51  ? 5.599   6.488   0.680   1.00 14.82 ? 1029 MET A O   1 
ATOM   453  C CB  . MET A 1 51  ? 6.212   3.453   1.756   1.00 15.05 ? 1029 MET A CB  1 
ATOM   454  C CG  . MET A 1 51  ? 5.459   2.346   1.002   1.00 15.31 ? 1029 MET A CG  1 
ATOM   455  S SD  . MET A 1 51  ? 6.372   1.453   -0.276  1.00 16.82 ? 1029 MET A SD  1 
ATOM   456  C CE  . MET A 1 51  ? 7.669   0.696   0.748   1.00 18.77 ? 1029 MET A CE  1 
ATOM   457  N N   . ASP A 1 52  ? 5.579   5.019   -1.067  1.00 14.84 ? 1030 ASP A N   1 
ATOM   458  C CA  . ASP A 1 52  ? 4.670   5.810   -1.943  1.00 13.97 ? 1030 ASP A CA  1 
ATOM   459  C C   . ASP A 1 52  ? 3.998   4.862   -2.945  1.00 15.17 ? 1030 ASP A C   1 
ATOM   460  O O   . ASP A 1 52  ? 4.383   3.655   -3.051  1.00 14.67 ? 1030 ASP A O   1 
ATOM   461  C CB  . ASP A 1 52  ? 5.459   6.887   -2.682  1.00 16.50 ? 1030 ASP A CB  1 
ATOM   462  C CG  . ASP A 1 52  ? 6.421   6.245   -3.680  1.00 18.58 ? 1030 ASP A CG  1 
ATOM   463  O OD1 . ASP A 1 52  ? 7.531   5.760   -3.262  1.00 21.12 ? 1030 ASP A OD1 1 
ATOM   464  O OD2 . ASP A 1 52  ? 6.027   6.144   -4.835  1.00 21.67 ? 1030 ASP A OD2 1 
ATOM   465  N N   . LEU A 1 53  ? 2.975   5.342   -3.659  1.00 14.62 ? 1031 LEU A N   1 
ATOM   466  C CA  . LEU A 1 53  ? 2.160   4.448   -4.529  1.00 14.70 ? 1031 LEU A CA  1 
ATOM   467  C C   . LEU A 1 53  ? 2.935   3.920   -5.766  1.00 15.31 ? 1031 LEU A C   1 
ATOM   468  O O   . LEU A 1 53  ? 2.643   2.815   -6.227  1.00 16.01 ? 1031 LEU A O   1 
ATOM   469  C CB  . LEU A 1 53  ? 0.831   5.142   -4.917  1.00 14.02 ? 1031 LEU A CB  1 
ATOM   470  C CG  . LEU A 1 53  ? -0.114  5.455   -3.753  1.00 14.53 ? 1031 LEU A CG  1 
ATOM   471  C CD1 . LEU A 1 53  ? -1.288  6.319   -4.254  1.00 16.91 ? 1031 LEU A CD1 1 
ATOM   472  C CD2 . LEU A 1 53  ? -0.631  4.189   -3.033  1.00 15.05 ? 1031 LEU A CD2 1 
ATOM   473  N N   A SER A 1 54  ? 3.891   4.692   -6.306  0.20 16.47 ? 1032 SER A N   1 
ATOM   474  N N   B SER A 1 54  ? 3.896   4.686   -6.303  0.21 16.94 ? 1032 SER A N   1 
ATOM   475  N N   C SER A 1 54  ? 3.905   4.686   -6.297  0.21 15.93 ? 1032 SER A N   1 
ATOM   476  C CA  A SER A 1 54  ? 4.774   4.224   -7.412  0.20 16.61 ? 1032 SER A CA  1 
ATOM   477  C CA  B SER A 1 54  ? 4.767   4.209   -7.412  0.21 17.36 ? 1032 SER A CA  1 
ATOM   478  C CA  C SER A 1 54  ? 4.778   4.223   -7.414  0.21 15.72 ? 1032 SER A CA  1 
ATOM   479  C C   A SER A 1 54  ? 5.622   3.039   -6.929  0.20 15.59 ? 1032 SER A C   1 
ATOM   480  C C   B SER A 1 54  ? 5.615   3.027   -6.925  0.21 15.97 ? 1032 SER A C   1 
ATOM   481  C C   C SER A 1 54  ? 5.645   3.048   -6.938  0.21 15.10 ? 1032 SER A C   1 
ATOM   482  O O   A SER A 1 54  ? 5.727   2.021   -7.678  0.20 16.36 ? 1032 SER A O   1 
ATOM   483  O O   B SER A 1 54  ? 5.712   2.001   -7.664  0.21 16.64 ? 1032 SER A O   1 
ATOM   484  O O   C SER A 1 54  ? 5.778   2.041   -7.698  0.21 16.03 ? 1032 SER A O   1 
ATOM   485  C CB  A SER A 1 54  ? 5.649   5.344   -7.960  0.20 17.48 ? 1032 SER A CB  1 
ATOM   486  C CB  B SER A 1 54  ? 5.648   5.312   -7.968  0.21 18.89 ? 1032 SER A CB  1 
ATOM   487  C CB  C SER A 1 54  ? 5.627   5.355   -8.008  0.21 15.92 ? 1032 SER A CB  1 
ATOM   488  O OG  A SER A 1 54  ? 4.918   6.167   -8.860  0.20 18.34 ? 1032 SER A OG  1 
ATOM   489  O OG  B SER A 1 54  ? 6.180   4.934   -9.229  0.21 21.27 ? 1032 SER A OG  1 
ATOM   490  O OG  C SER A 1 54  ? 6.691   5.759   -7.153  0.21 15.18 ? 1032 SER A OG  1 
ATOM   491  N N   . SER A 1 55  ? 6.186   3.140   -5.724  1.00 15.63 ? 1033 SER A N   1 
ATOM   492  C CA  . SER A 1 55  ? 7.001   2.048   -5.119  1.00 15.56 ? 1033 SER A CA  1 
ATOM   493  C C   . SER A 1 55  ? 6.088   0.835   -4.891  1.00 14.27 ? 1033 SER A C   1 
ATOM   494  O O   . SER A 1 55  ? 6.537   -0.320  -5.132  1.00 14.56 ? 1033 SER A O   1 
ATOM   495  C CB  . SER A 1 55  ? 7.680   2.462   -3.860  1.00 16.78 ? 1033 SER A CB  1 
ATOM   496  O OG  . SER A 1 55  ? 8.632   3.493   -4.203  1.00 20.64 ? 1033 SER A OG  1 
ATOM   497  N N   . VAL A 1 56  ? 4.845   1.053   -4.450  1.00 14.37 ? 1034 VAL A N   1 
ATOM   498  C CA  . VAL A 1 56  ? 3.896   -0.094  -4.239  1.00 14.16 ? 1034 VAL A CA  1 
ATOM   499  C C   . VAL A 1 56  ? 3.657   -0.864  -5.571  1.00 14.11 ? 1034 VAL A C   1 
ATOM   500  O O   . VAL A 1 56  ? 3.685   -2.101  -5.570  1.00 14.55 ? 1034 VAL A O   1 
ATOM   501  C CB  . VAL A 1 56  ? 2.609   0.377   -3.519  1.00 13.62 ? 1034 VAL A CB  1 
ATOM   502  C CG1 . VAL A 1 56  ? 1.498   -0.682  -3.539  1.00 15.88 ? 1034 VAL A CG1 1 
ATOM   503  C CG2 . VAL A 1 56  ? 2.871   0.774   -2.119  1.00 15.60 ? 1034 VAL A CG2 1 
ATOM   504  N N   A ILE A 1 57  ? 3.407   -0.147  -6.672  0.20 14.79 ? 1035 ILE A N   1 
ATOM   505  N N   B ILE A 1 57  ? 3.386   -0.196  -6.697  0.21 14.19 ? 1035 ILE A N   1 
ATOM   506  N N   C ILE A 1 57  ? 3.407   -0.147  -6.672  0.21 14.79 ? 1035 ILE A N   1 
ATOM   507  C CA  A ILE A 1 57  ? 3.229   -0.749  -8.033  0.20 15.74 ? 1035 ILE A CA  1 
ATOM   508  C CA  B ILE A 1 57  ? 3.204   -0.951  -7.981  0.21 14.75 ? 1035 ILE A CA  1 
ATOM   509  C CA  C ILE A 1 57  ? 3.229   -0.749  -8.033  0.21 15.74 ? 1035 ILE A CA  1 
ATOM   510  C C   A ILE A 1 57  ? 4.468   -1.588  -8.396  0.20 15.18 ? 1035 ILE A C   1 
ATOM   511  C C   B ILE A 1 57  ? 4.512   -1.704  -8.278  0.21 14.30 ? 1035 ILE A C   1 
ATOM   512  C C   C ILE A 1 57  ? 4.469   -1.589  -8.396  0.21 15.18 ? 1035 ILE A C   1 
ATOM   513  O O   A ILE A 1 57  ? 4.313   -2.728  -8.910  0.20 14.77 ? 1035 ILE A O   1 
ATOM   514  O O   B ILE A 1 57  ? 4.472   -2.944  -8.559  0.21 13.25 ? 1035 ILE A O   1 
ATOM   515  O O   C ILE A 1 57  ? 4.313   -2.728  -8.910  0.21 14.77 ? 1035 ILE A O   1 
ATOM   516  C CB  A ILE A 1 57  ? 2.949   0.354   -9.072  0.20 17.49 ? 1035 ILE A CB  1 
ATOM   517  C CB  B ILE A 1 57  ? 2.755   -0.051  -9.147  0.21 15.69 ? 1035 ILE A CB  1 
ATOM   518  C CB  C ILE A 1 57  ? 2.949   0.355   -9.072  0.21 17.49 ? 1035 ILE A CB  1 
ATOM   519  C CG1 A ILE A 1 57  ? 1.548   0.938   -8.873  0.20 18.54 ? 1035 ILE A CG1 1 
ATOM   520  C CG1 B ILE A 1 57  ? 1.420   0.635   -8.838  0.21 16.66 ? 1035 ILE A CG1 1 
ATOM   521  C CG1 C ILE A 1 57  ? 1.548   0.938   -8.873  0.21 18.54 ? 1035 ILE A CG1 1 
ATOM   522  C CG2 A ILE A 1 57  ? 3.149   -0.160  -10.489 0.20 19.12 ? 1035 ILE A CG2 1 
ATOM   523  C CG2 B ILE A 1 57  ? 2.697   -0.849  -10.453 0.21 16.15 ? 1035 ILE A CG2 1 
ATOM   524  C CG2 C ILE A 1 57  ? 3.149   -0.160  -10.489 0.21 19.13 ? 1035 ILE A CG2 1 
ATOM   525  C CD1 A ILE A 1 57  ? 0.447   -0.058  -9.108  0.20 19.51 ? 1035 ILE A CD1 1 
ATOM   526  C CD1 B ILE A 1 57  ? 1.080   1.776   -9.777  0.21 18.18 ? 1035 ILE A CD1 1 
ATOM   527  C CD1 C ILE A 1 57  ? 0.447   -0.058  -9.108  0.21 19.52 ? 1035 ILE A CD1 1 
ATOM   528  N N   . SER A 1 58  ? 5.662   -1.032  -8.173  1.00 14.88 ? 1036 SER A N   1 
ATOM   529  C CA  . SER A 1 58  ? 6.932   -1.764  -8.445  1.00 15.21 ? 1036 SER A CA  1 
ATOM   530  C C   . SER A 1 58  ? 7.021   -3.049  -7.603  1.00 14.11 ? 1036 SER A C   1 
ATOM   531  O O   . SER A 1 58  ? 7.419   -4.143  -8.123  1.00 16.14 ? 1036 SER A O   1 
ATOM   532  C CB  . SER A 1 58  ? 8.173   -0.871  -8.177  1.00 16.75 ? 1036 SER A CB  1 
ATOM   533  O OG  . SER A 1 58  ? 8.256   0.158   -9.158  1.00 20.33 ? 1036 SER A OG  1 
ATOM   534  N N   . LYS A 1 59  ? 6.644   -2.991  -6.314  1.00 13.54 ? 1037 LYS A N   1 
ATOM   535  C CA  . LYS A 1 59  ? 6.684   -4.151  -5.407  1.00 13.73 ? 1037 LYS A CA  1 
ATOM   536  C C   . LYS A 1 59  ? 5.670   -5.236  -5.858  1.00 13.96 ? 1037 LYS A C   1 
ATOM   537  O O   . LYS A 1 59  ? 5.974   -6.433  -5.748  1.00 13.96 ? 1037 LYS A O   1 
ATOM   538  C CB  . LYS A 1 59  ? 6.517   -3.680  -3.952  1.00 13.59 ? 1037 LYS A CB  1 
ATOM   539  C CG  . LYS A 1 59  ? 7.720   -2.925  -3.375  1.00 13.66 ? 1037 LYS A CG  1 
ATOM   540  C CD  . LYS A 1 59  ? 7.584   -2.624  -1.881  1.00 14.21 ? 1037 LYS A CD  1 
ATOM   541  C CE  . LYS A 1 59  ? 7.585   -3.840  -1.005  1.00 16.57 ? 1037 LYS A CE  1 
ATOM   542  N NZ  . LYS A 1 59  ? 7.693   -3.560  0.453   1.00 17.20 ? 1037 LYS A NZ  1 
ATOM   543  N N   . ILE A 1 60  ? 4.472   -4.851  -6.301  1.00 14.75 ? 1038 ILE A N   1 
ATOM   544  C CA  . ILE A 1 60  ? 3.500   -5.866  -6.802  1.00 14.38 ? 1038 ILE A CA  1 
ATOM   545  C C   . ILE A 1 60  ? 4.163   -6.651  -7.952  1.00 14.10 ? 1038 ILE A C   1 
ATOM   546  O O   . ILE A 1 60  ? 4.136   -7.913  -7.946  1.00 14.76 ? 1038 ILE A O   1 
ATOM   547  C CB  . ILE A 1 60  ? 2.170   -5.219  -7.296  1.00 14.58 ? 1038 ILE A CB  1 
ATOM   548  C CG1 . ILE A 1 60  ? 1.408   -4.503  -6.182  1.00 15.25 ? 1038 ILE A CG1 1 
ATOM   549  C CG2 . ILE A 1 60  ? 1.298   -6.297  -7.979  1.00 15.42 ? 1038 ILE A CG2 1 
ATOM   550  C CD1 . ILE A 1 60  ? 0.284   -3.562  -6.642  1.00 16.17 ? 1038 ILE A CD1 1 
ATOM   551  N N   . ASP A 1 61  ? 4.788   -5.955  -8.898  1.00 14.53 ? 1039 ASP A N   1 
ATOM   552  C CA  . ASP A 1 61  ? 5.391   -6.572  -10.098 1.00 16.09 ? 1039 ASP A CA  1 
ATOM   553  C C   . ASP A 1 61  ? 6.633   -7.439  -9.724  1.00 18.39 ? 1039 ASP A C   1 
ATOM   554  O O   . ASP A 1 61  ? 6.919   -8.405  -10.497 1.00 20.53 ? 1039 ASP A O   1 
ATOM   555  C CB  . ASP A 1 61  ? 5.666   -5.492  -11.118 1.00 17.54 ? 1039 ASP A CB  1 
ATOM   556  C CG  . ASP A 1 61  ? 4.436   -4.852  -11.758 1.00 23.23 ? 1039 ASP A CG  1 
ATOM   557  O OD1 . ASP A 1 61  ? 3.337   -5.433  -11.588 1.00 25.18 ? 1039 ASP A OD1 1 
ATOM   558  O OD2 . ASP A 1 61  ? 4.568   -3.740  -12.378 1.00 21.16 ? 1039 ASP A OD2 1 
ATOM   559  N N   . LEU A 1 62  ? 7.354   -7.110  -8.645  1.00 16.32 ? 1040 LEU A N   1 
ATOM   560  C CA  . LEU A 1 62  ? 8.492   -7.907  -8.112  1.00 16.26 ? 1040 LEU A CA  1 
ATOM   561  C C   . LEU A 1 62  ? 8.009   -9.095  -7.288  1.00 16.83 ? 1040 LEU A C   1 
ATOM   562  O O   . LEU A 1 62  ? 8.843   -9.881  -6.699  1.00 18.16 ? 1040 LEU A O   1 
ATOM   563  C CB  . LEU A 1 62  ? 9.395   -6.980  -7.287  1.00 15.13 ? 1040 LEU A CB  1 
ATOM   564  C CG  . LEU A 1 62  ? 10.228  -5.992  -8.074  1.00 18.71 ? 1040 LEU A CG  1 
ATOM   565  C CD1 . LEU A 1 62  ? 10.839  -4.956  -7.142  1.00 19.48 ? 1040 LEU A CD1 1 
ATOM   566  C CD2 . LEU A 1 62  ? 11.371  -6.664  -8.852  1.00 20.14 ? 1040 LEU A CD2 1 
ATOM   567  N N   . HIS A 1 63  ? 6.686   -9.330  -7.141  1.00 16.53 ? 1041 HIS A N   1 
ATOM   568  C CA  . HIS A 1 63  ? 6.133   -10.456 -6.338  1.00 15.66 ? 1041 HIS A CA  1 
ATOM   569  C C   . HIS A 1 63  ? 6.498   -10.339 -4.868  1.00 16.34 ? 1041 HIS A C   1 
ATOM   570  O O   . HIS A 1 63  ? 6.610   -11.370 -4.133  1.00 18.84 ? 1041 HIS A O   1 
ATOM   571  C CB  . HIS A 1 63  ? 6.480   -11.855 -6.943  1.00 17.28 ? 1041 HIS A CB  1 
ATOM   572  C CG  . HIS A 1 63  ? 6.150   -12.058 -8.376  1.00 18.17 ? 1041 HIS A CG  1 
ATOM   573  N ND1 . HIS A 1 63  ? 6.155   -13.316 -8.906  1.00 23.01 ? 1041 HIS A ND1 1 
ATOM   574  C CD2 . HIS A 1 63  ? 5.682   -11.250 -9.342  1.00 19.66 ? 1041 HIS A CD2 1 
ATOM   575  C CE1 . HIS A 1 63  ? 5.807   -13.197 -10.180 1.00 18.83 ? 1041 HIS A CE1 1 
ATOM   576  N NE2 . HIS A 1 63  ? 5.495   -11.982 -10.517 1.00 22.65 ? 1041 HIS A NE2 1 
ATOM   577  N N   . LYS A 1 64  ? 6.525   -9.111  -4.319  1.00 16.20 ? 1042 LYS A N   1 
ATOM   578  C CA  . LYS A 1 64  ? 6.791   -8.876  -2.895  1.00 16.79 ? 1042 LYS A CA  1 
ATOM   579  C C   . LYS A 1 64  ? 5.575   -9.180  -2.012  1.00 16.67 ? 1042 LYS A C   1 
ATOM   580  O O   . LYS A 1 64  ? 5.793   -9.361  -0.792  1.00 17.46 ? 1042 LYS A O   1 
ATOM   581  C CB  . LYS A 1 64  ? 7.264   -7.442  -2.677  1.00 15.96 ? 1042 LYS A CB  1 
ATOM   582  C CG  . LYS A 1 64  ? 8.542   -6.977  -3.350  1.00 18.83 ? 1042 LYS A CG  1 
ATOM   583  C CD  . LYS A 1 64  ? 9.804   -7.284  -2.648  1.00 20.71 ? 1042 LYS A CD  1 
ATOM   584  C CE  . LYS A 1 64  ? 11.053  -6.667  -3.273  1.00 20.21 ? 1042 LYS A CE  1 
ATOM   585  N NZ  . LYS A 1 64  ? 12.204  -7.005  -2.408  1.00 24.53 ? 1042 LYS A NZ  1 
ATOM   586  N N   . TYR A 1 65  ? 4.341   -9.062  -2.547  1.00 15.41 ? 1043 TYR A N   1 
ATOM   587  C CA  . TYR A 1 65  ? 3.134   -9.287  -1.730  1.00 15.49 ? 1043 TYR A CA  1 
ATOM   588  C C   . TYR A 1 65  ? 2.518   -10.640 -2.104  1.00 16.51 ? 1043 TYR A C   1 
ATOM   589  O O   . TYR A 1 65  ? 2.191   -10.884 -3.302  1.00 19.21 ? 1043 TYR A O   1 
ATOM   590  C CB  . TYR A 1 65  ? 2.112   -8.169  -1.981  1.00 15.51 ? 1043 TYR A CB  1 
ATOM   591  C CG  . TYR A 1 65  ? 2.612   -6.724  -1.837  1.00 13.46 ? 1043 TYR A CG  1 
ATOM   592  C CD1 . TYR A 1 65  ? 3.153   -6.293  -0.629  1.00 15.23 ? 1043 TYR A CD1 1 
ATOM   593  C CD2 . TYR A 1 65  ? 2.607   -5.830  -2.886  1.00 14.50 ? 1043 TYR A CD2 1 
ATOM   594  C CE1 . TYR A 1 65  ? 3.591   -4.973  -0.459  1.00 13.94 ? 1043 TYR A CE1 1 
ATOM   595  C CE2 . TYR A 1 65  ? 3.064   -4.517  -2.757  1.00 14.00 ? 1043 TYR A CE2 1 
ATOM   596  C CZ  . TYR A 1 65  ? 3.556   -4.088  -1.541  1.00 13.68 ? 1043 TYR A CZ  1 
ATOM   597  O OH  . TYR A 1 65  ? 4.029   -2.782  -1.410  1.00 15.47 ? 1043 TYR A OH  1 
ATOM   598  N N   A LEU A 1 66  ? 2.390   -11.513 -1.105  0.14 17.15 ? 1044 LEU A N   1 
ATOM   599  N N   B LEU A 1 66  ? 2.382   -11.531 -1.112  0.23 16.68 ? 1044 LEU A N   1 
ATOM   600  N N   C LEU A 1 66  ? 2.390   -11.513 -1.105  0.14 17.15 ? 1044 LEU A N   1 
ATOM   601  C CA  A LEU A 1 66  ? 1.734   -12.841 -1.252  0.14 17.45 ? 1044 LEU A CA  1 
ATOM   602  C CA  B LEU A 1 66  ? 1.693   -12.857 -1.263  0.23 16.65 ? 1044 LEU A CA  1 
ATOM   603  C CA  C LEU A 1 66  ? 1.734   -12.841 -1.252  0.14 17.45 ? 1044 LEU A CA  1 
ATOM   604  C C   A LEU A 1 66  ? 0.330   -12.803 -0.642  0.14 16.71 ? 1044 LEU A C   1 
ATOM   605  C C   B LEU A 1 66  ? 0.385   -12.889 -0.471  0.23 16.52 ? 1044 LEU A C   1 
ATOM   606  C C   C LEU A 1 66  ? 0.330   -12.803 -0.642  0.14 16.71 ? 1044 LEU A C   1 
ATOM   607  O O   A LEU A 1 66  ? -0.463  -13.715 -0.969  0.14 15.71 ? 1044 LEU A O   1 
ATOM   608  O O   B LEU A 1 66  ? -0.285  -13.963 -0.436  0.23 16.46 ? 1044 LEU A O   1 
ATOM   609  O O   C LEU A 1 66  ? -0.463  -13.715 -0.969  0.14 15.71 ? 1044 LEU A O   1 
ATOM   610  C CB  A LEU A 1 66  ? 2.625   -13.896 -0.585  0.14 19.30 ? 1044 LEU A CB  1 
ATOM   611  C CB  B LEU A 1 66  ? 2.623   -13.972 -0.764  0.23 18.11 ? 1044 LEU A CB  1 
ATOM   612  C CB  C LEU A 1 66  ? 2.625   -13.896 -0.585  0.14 19.30 ? 1044 LEU A CB  1 
ATOM   613  C CG  A LEU A 1 66  ? 4.022   -14.043 -1.194  0.14 21.13 ? 1044 LEU A CG  1 
ATOM   614  C CG  B LEU A 1 66  ? 3.659   -14.473 -1.770  0.23 19.16 ? 1044 LEU A CG  1 
ATOM   615  C CG  C LEU A 1 66  ? 4.022   -14.043 -1.194  0.14 21.13 ? 1044 LEU A CG  1 
ATOM   616  C CD1 A LEU A 1 66  ? 4.740   -15.254 -0.609  0.14 22.86 ? 1044 LEU A CD1 1 
ATOM   617  C CD1 B LEU A 1 66  ? 4.781   -13.464 -1.925  0.23 19.92 ? 1044 LEU A CD1 1 
ATOM   618  C CD1 C LEU A 1 66  ? 4.740   -15.254 -0.609  0.14 22.86 ? 1044 LEU A CD1 1 
ATOM   619  C CD2 A LEU A 1 66  ? 3.953   -14.146 -2.712  0.14 21.09 ? 1044 LEU A CD2 1 
ATOM   620  C CD2 B LEU A 1 66  ? 4.211   -15.821 -1.337  0.23 20.39 ? 1044 LEU A CD2 1 
ATOM   621  C CD2 C LEU A 1 66  ? 3.953   -14.146 -2.712  0.14 21.09 ? 1044 LEU A CD2 1 
ATOM   622  N N   . THR A 1 67  ? 0.013   -11.773 0.163   1.00 15.86 ? 1045 THR A N   1 
ATOM   623  C CA  . THR A 1 67  ? -1.311  -11.636 0.802   1.00 15.29 ? 1045 THR A CA  1 
ATOM   624  C C   . THR A 1 67  ? -1.788  -10.165 0.712   1.00 15.53 ? 1045 THR A C   1 
ATOM   625  O O   . THR A 1 67  ? -0.908  -9.279  0.616   1.00 16.19 ? 1045 THR A O   1 
ATOM   626  C CB  . THR A 1 67  ? -1.335  -12.064 2.264   1.00 18.49 ? 1045 THR A CB  1 
ATOM   627  O OG1 . THR A 1 67  ? -0.547  -11.210 3.089   1.00 17.87 ? 1045 THR A OG1 1 
ATOM   628  C CG2 . THR A 1 67  ? -0.839  -13.486 2.464   1.00 20.71 ? 1045 THR A CG2 1 
ATOM   629  N N   . VAL A 1 68  ? -3.074  -9.935  0.884   1.00 15.22 ? 1046 VAL A N   1 
ATOM   630  C CA  . VAL A 1 68  ? -3.595  -8.543  0.998   1.00 16.07 ? 1046 VAL A CA  1 
ATOM   631  C C   . VAL A 1 68  ? -3.085  -7.964  2.316   1.00 15.24 ? 1046 VAL A C   1 
ATOM   632  O O   . VAL A 1 68  ? -2.798  -6.733  2.349   1.00 16.30 ? 1046 VAL A O   1 
ATOM   633  C CB  . VAL A 1 68  ? -5.118  -8.425  0.799   1.00 17.96 ? 1046 VAL A CB  1 
ATOM   634  C CG1 . VAL A 1 68  ? -5.588  -6.982  0.843   1.00 19.46 ? 1046 VAL A CG1 1 
ATOM   635  C CG2 . VAL A 1 68  ? -5.549  -9.015  -0.547  1.00 19.46 ? 1046 VAL A CG2 1 
ATOM   636  N N   . LYS A 1 69  ? -2.913  -8.725  3.400   1.00 17.05 ? 1047 LYS A N   1 
ATOM   637  C CA  . LYS A 1 69  ? -2.317  -8.223  4.657   1.00 19.26 ? 1047 LYS A CA  1 
ATOM   638  C C   . LYS A 1 69  ? -0.929  -7.577  4.433   1.00 18.70 ? 1047 LYS A C   1 
ATOM   639  O O   . LYS A 1 69  ? -0.673  -6.462  4.967   1.00 18.69 ? 1047 LYS A O   1 
ATOM   640  C CB  . LYS A 1 69  ? -2.325  -9.357  5.698   1.00 23.29 ? 1047 LYS A CB  1 
ATOM   641  C CG  . LYS A 1 69  ? -1.825  -8.927  7.051   1.00 35.89 ? 1047 LYS A CG  1 
ATOM   642  C CD  . LYS A 1 69  ? -2.014  -10.010 8.145   1.00 47.24 ? 1047 LYS A CD  1 
ATOM   643  C CE  . LYS A 1 69  ? -3.396  -9.994  8.769   1.00 57.03 ? 1047 LYS A CE  1 
ATOM   644  N NZ  . LYS A 1 69  ? -4.394  -10.736 7.963   1.00 65.73 ? 1047 LYS A NZ  1 
ATOM   645  N N   A ASP A 1 70  ? -0.047  -8.181  3.649   0.24 17.27 ? 1048 ASP A N   1 
ATOM   646  N N   B ASP A 1 70  ? -0.052  -8.264  3.680   0.13 17.73 ? 1048 ASP A N   1 
ATOM   647  N N   C ASP A 1 70  ? -0.052  -8.264  3.680   0.13 17.73 ? 1048 ASP A N   1 
ATOM   648  C CA  A ASP A 1 70  ? 1.307   -7.595  3.444   0.24 17.80 ? 1048 ASP A CA  1 
ATOM   649  C CA  B ASP A 1 70  ? 1.291   -7.764  3.258   0.13 17.91 ? 1048 ASP A CA  1 
ATOM   650  C CA  C ASP A 1 70  ? 1.291   -7.764  3.258   0.13 17.91 ? 1048 ASP A CA  1 
ATOM   651  C C   A ASP A 1 70  ? 1.207   -6.315  2.573   0.24 16.30 ? 1048 ASP A C   1 
ATOM   652  C C   B ASP A 1 70  ? 1.128   -6.357  2.648   0.13 16.64 ? 1048 ASP A C   1 
ATOM   653  C C   C ASP A 1 70  ? 1.128   -6.357  2.648   0.13 16.64 ? 1048 ASP A C   1 
ATOM   654  O O   A ASP A 1 70  ? 2.076   -5.399  2.717   0.24 14.71 ? 1048 ASP A O   1 
ATOM   655  O O   B ASP A 1 70  ? 1.839   -5.419  3.076   0.13 16.71 ? 1048 ASP A O   1 
ATOM   656  O O   C ASP A 1 70  ? 1.839   -5.419  3.076   0.13 16.71 ? 1048 ASP A O   1 
ATOM   657  C CB  A ASP A 1 70  ? 2.269   -8.678  2.948   0.24 19.05 ? 1048 ASP A CB  1 
ATOM   658  C CB  B ASP A 1 70  ? 1.983   -8.679  2.227   0.13 18.94 ? 1048 ASP A CB  1 
ATOM   659  C CB  C ASP A 1 70  ? 1.983   -8.679  2.227   0.13 18.94 ? 1048 ASP A CB  1 
ATOM   660  C CG  A ASP A 1 70  ? 2.699   -9.675  4.023   0.24 20.26 ? 1048 ASP A CG  1 
ATOM   661  C CG  B ASP A 1 70  ? 2.541   -10.013 2.721   0.13 20.18 ? 1048 ASP A CG  1 
ATOM   662  C CG  C ASP A 1 70  ? 2.541   -10.013 2.721   0.13 20.18 ? 1048 ASP A CG  1 
ATOM   663  O OD1 A ASP A 1 70  ? 2.347   -9.488  5.207   0.24 23.44 ? 1048 ASP A OD1 1 
ATOM   664  O OD1 B ASP A 1 70  ? 2.450   -10.268 3.951   0.13 21.30 ? 1048 ASP A OD1 1 
ATOM   665  O OD1 C ASP A 1 70  ? 2.450   -10.268 3.951   0.13 21.30 ? 1048 ASP A OD1 1 
ATOM   666  O OD2 A ASP A 1 70  ? 3.354   -10.658 3.662   0.24 20.14 ? 1048 ASP A OD2 1 
ATOM   667  O OD2 B ASP A 1 70  ? 3.091   -10.801 1.860   0.13 19.84 ? 1048 ASP A OD2 1 
ATOM   668  O OD2 C ASP A 1 70  ? 3.091   -10.801 1.860   0.13 19.84 ? 1048 ASP A OD2 1 
ATOM   669  N N   . TYR A 1 71  ? 0.242   -6.237  1.655   1.00 15.18 ? 1049 TYR A N   1 
ATOM   670  C CA  . TYR A 1 71  ? -0.006  -4.994  0.868   1.00 14.24 ? 1049 TYR A CA  1 
ATOM   671  C C   . TYR A 1 71  ? -0.463  -3.870  1.827   1.00 13.87 ? 1049 TYR A C   1 
ATOM   672  O O   . TYR A 1 71  ? 0.091   -2.685  1.783   1.00 14.87 ? 1049 TYR A O   1 
ATOM   673  C CB  . TYR A 1 71  ? -1.016  -5.270  -0.248  1.00 13.85 ? 1049 TYR A CB  1 
ATOM   674  C CG  . TYR A 1 71  ? -1.583  -4.051  -0.929  1.00 13.17 ? 1049 TYR A CG  1 
ATOM   675  C CD1 . TYR A 1 71  ? -0.984  -3.505  -2.050  1.00 12.67 ? 1049 TYR A CD1 1 
ATOM   676  C CD2 . TYR A 1 71  ? -2.804  -3.492  -0.513  1.00 14.46 ? 1049 TYR A CD2 1 
ATOM   677  C CE1 . TYR A 1 71  ? -1.538  -2.425  -2.721  1.00 13.21 ? 1049 TYR A CE1 1 
ATOM   678  C CE2 . TYR A 1 71  ? -3.369  -2.426  -1.177  1.00 13.38 ? 1049 TYR A CE2 1 
ATOM   679  C CZ  . TYR A 1 71  ? -2.744  -1.849  -2.271  1.00 13.56 ? 1049 TYR A CZ  1 
ATOM   680  O OH  . TYR A 1 71  ? -3.307  -0.788  -2.987  1.00 13.88 ? 1049 TYR A OH  1 
ATOM   681  N N   . LEU A 1 72  ? -1.439  -4.172  2.688   1.00 14.95 ? 1050 LEU A N   1 
ATOM   682  C CA  . LEU A 1 72  ? -2.002  -3.149  3.642   1.00 15.63 ? 1050 LEU A CA  1 
ATOM   683  C C   . LEU A 1 72  ? -0.924  -2.684  4.619   1.00 14.92 ? 1050 LEU A C   1 
ATOM   684  O O   . LEU A 1 72  ? -1.000  -1.500  5.083   1.00 16.05 ? 1050 LEU A O   1 
ATOM   685  C CB  . LEU A 1 72  ? -3.255  -3.664  4.322   1.00 15.47 ? 1050 LEU A CB  1 
ATOM   686  C CG  . LEU A 1 72  ? -4.493  -3.717  3.440   1.00 17.08 ? 1050 LEU A CG  1 
ATOM   687  C CD1 . LEU A 1 72  ? -5.607  -4.450  4.206   1.00 20.60 ? 1050 LEU A CD1 1 
ATOM   688  C CD2 . LEU A 1 72  ? -4.995  -2.362  2.993   1.00 20.40 ? 1050 LEU A CD2 1 
ATOM   689  N N   . ARG A 1 73  ? 0.104   -3.457  4.956   1.00 15.37 ? 1051 ARG A N   1 
ATOM   690  C CA  . ARG A 1 73  ? 1.206   -2.961  5.804   1.00 16.24 ? 1051 ARG A CA  1 
ATOM   691  C C   . ARG A 1 73  ? 1.923   -1.789  5.109   1.00 15.42 ? 1051 ARG A C   1 
ATOM   692  O O   . ARG A 1 73  ? 2.311   -0.793  5.864   1.00 15.60 ? 1051 ARG A O   1 
ATOM   693  C CB  . ARG A 1 73  ? 2.231   -4.067  6.134   1.00 21.31 ? 1051 ARG A CB  1 
ATOM   694  C CG  . ARG A 1 73  ? 1.688   -5.144  7.052   1.00 30.09 ? 1051 ARG A CG  1 
ATOM   695  C CD  . ARG A 1 73  ? 2.825   -6.073  7.557   1.00 38.28 ? 1051 ARG A CD  1 
ATOM   696  N NE  . ARG A 1 73  ? 2.518   -7.480  7.266   1.00 50.51 ? 1051 ARG A NE  1 
ATOM   697  C CZ  . ARG A 1 73  ? 1.712   -8.263  7.987   1.00 63.25 ? 1051 ARG A CZ  1 
ATOM   698  N NH1 . ARG A 1 73  ? 1.121   -7.789  9.077   1.00 72.97 ? 1051 ARG A NH1 1 
ATOM   699  N NH2 . ARG A 1 73  ? 1.504   -9.520  7.610   1.00 69.08 ? 1051 ARG A NH2 1 
ATOM   700  N N   . ASP A 1 74  ? 2.102   -1.827  3.779   1.00 15.13 ? 1052 ASP A N   1 
ATOM   701  C CA  . ASP A 1 74  ? 2.720   -0.703  3.027   1.00 13.68 ? 1052 ASP A CA  1 
ATOM   702  C C   . ASP A 1 74  ? 1.740   0.510   2.935   1.00 13.45 ? 1052 ASP A C   1 
ATOM   703  O O   . ASP A 1 74  ? 2.228   1.679   3.010   1.00 13.83 ? 1052 ASP A O   1 
ATOM   704  C CB  . ASP A 1 74  ? 3.310   -1.156  1.708   1.00 13.65 ? 1052 ASP A CB  1 
ATOM   705  C CG  . ASP A 1 74  ? 4.765   -1.677  1.867   1.00 16.89 ? 1052 ASP A CG  1 
ATOM   706  O OD1 . ASP A 1 74  ? 5.410   -1.468  2.944   1.00 17.34 ? 1052 ASP A OD1 1 
ATOM   707  O OD2 . ASP A 1 74  ? 5.241   -2.313  0.897   1.00 15.37 ? 1052 ASP A OD2 1 
ATOM   708  N N   . ILE A 1 75  ? 0.439   0.304   2.690   1.00 13.65 ? 1053 ILE A N   1 
ATOM   709  C CA  . ILE A 1 75  ? -0.556  1.445   2.712   1.00 13.20 ? 1053 ILE A CA  1 
ATOM   710  C C   . ILE A 1 75  ? -0.510  2.085   4.126   1.00 13.57 ? 1053 ILE A C   1 
ATOM   711  O O   . ILE A 1 75  ? -0.402  3.344   4.222   1.00 14.24 ? 1053 ILE A O   1 
ATOM   712  C CB  . ILE A 1 75  ? -1.974  0.966   2.369   1.00 15.31 ? 1053 ILE A CB  1 
ATOM   713  C CG1 . ILE A 1 75  ? -2.021  0.347   0.960   1.00 16.14 ? 1053 ILE A CG1 1 
ATOM   714  C CG2 . ILE A 1 75  ? -2.943  2.136   2.587   1.00 16.82 ? 1053 ILE A CG2 1 
ATOM   715  C CD1 . ILE A 1 75  ? -1.586  1.268   -0.178  1.00 18.63 ? 1053 ILE A CD1 1 
ATOM   716  N N   . ASP A 1 76  ? -0.475  1.304   5.213   1.00 13.08 ? 1054 ASP A N   1 
ATOM   717  C CA  . ASP A 1 76  ? -0.374  1.825   6.604   1.00 14.73 ? 1054 ASP A CA  1 
ATOM   718  C C   . ASP A 1 76  ? 0.945   2.608   6.775   1.00 15.16 ? 1054 ASP A C   1 
ATOM   719  O O   . ASP A 1 76  ? 0.891   3.624   7.535   1.00 16.03 ? 1054 ASP A O   1 
ATOM   720  C CB  . ASP A 1 76  ? -0.553  0.698   7.620   1.00 16.53 ? 1054 ASP A CB  1 
ATOM   721  C CG  . ASP A 1 76  ? -1.991  0.173   7.724   1.00 20.99 ? 1054 ASP A CG  1 
ATOM   722  O OD1 . ASP A 1 76  ? -2.868  0.947   7.580   1.00 26.32 ? 1054 ASP A OD1 1 
ATOM   723  O OD2 . ASP A 1 76  ? -2.124  -0.908  8.212   1.00 30.01 ? 1054 ASP A OD2 1 
ATOM   724  N N   . LEU A 1 77  ? 2.063   2.169   6.195   1.00 13.78 ? 1055 LEU A N   1 
ATOM   725  C CA  . LEU A 1 77  ? 3.378   2.880   6.292   1.00 14.19 ? 1055 LEU A CA  1 
ATOM   726  C C   . LEU A 1 77  ? 3.338   4.241   5.548   1.00 15.04 ? 1055 LEU A C   1 
ATOM   727  O O   . LEU A 1 77  ? 3.849   5.249   6.088   1.00 15.34 ? 1055 LEU A O   1 
ATOM   728  C CB  . LEU A 1 77  ? 4.464   1.944   5.705   1.00 15.49 ? 1055 LEU A CB  1 
ATOM   729  C CG  . LEU A 1 77  ? 5.901   2.460   5.741   1.00 16.70 ? 1055 LEU A CG  1 
ATOM   730  C CD1 . LEU A 1 77  ? 6.381   2.803   7.161   1.00 18.31 ? 1055 LEU A CD1 1 
ATOM   731  C CD2 . LEU A 1 77  ? 6.834   1.377   5.091   1.00 16.06 ? 1055 LEU A CD2 1 
ATOM   732  N N   . ILE A 1 78  ? 2.692   4.328   4.370   1.00 13.90 ? 1056 ILE A N   1 
ATOM   733  C CA  . ILE A 1 78  ? 2.499   5.651   3.706   1.00 13.60 ? 1056 ILE A CA  1 
ATOM   734  C C   . ILE A 1 78  ? 1.804   6.569   4.709   1.00 14.88 ? 1056 ILE A C   1 
ATOM   735  O O   . ILE A 1 78  ? 2.259   7.775   4.875   1.00 14.47 ? 1056 ILE A O   1 
ATOM   736  C CB  . ILE A 1 78  ? 1.710   5.520   2.393   1.00 15.52 ? 1056 ILE A CB  1 
ATOM   737  C CG1 . ILE A 1 78  ? 2.448   4.682   1.340   1.00 14.97 ? 1056 ILE A CG1 1 
ATOM   738  C CG2 . ILE A 1 78  ? 1.392   6.905   1.835   1.00 15.80 ? 1056 ILE A CG2 1 
ATOM   739  C CD1 . ILE A 1 78  ? 1.703   4.380   0.038   1.00 16.12 ? 1056 ILE A CD1 1 
ATOM   740  N N   . CYS A 1 79  ? 0.712   6.120   5.325   1.00 13.58 ? 1057 CYS A N   1 
ATOM   741  C CA  . CYS A 1 79  ? -0.137  6.952   6.237   1.00 15.05 ? 1057 CYS A CA  1 
ATOM   742  C C   . CYS A 1 79  ? 0.686   7.321   7.492   1.00 16.11 ? 1057 CYS A C   1 
ATOM   743  O O   . CYS A 1 79  ? 0.821   8.555   7.849   1.00 16.91 ? 1057 CYS A O   1 
ATOM   744  C CB  . CYS A 1 79  ? -1.397  6.228   6.626   1.00 16.77 ? 1057 CYS A CB  1 
ATOM   745  S SG  . CYS A 1 79  ? -2.483  7.217   7.707   1.00 18.46 ? 1057 CYS A SG  1 
ATOM   746  N N   . SER A 1 80  ? 1.343   6.345   8.146   1.00 15.25 ? 1058 SER A N   1 
ATOM   747  C CA  . SER A 1 80  ? 2.071   6.640   9.409   1.00 15.94 ? 1058 SER A CA  1 
ATOM   748  C C   . SER A 1 80  ? 3.263   7.582   9.142   1.00 16.07 ? 1058 SER A C   1 
ATOM   749  O O   . SER A 1 80  ? 3.552   8.505   9.986   1.00 16.66 ? 1058 SER A O   1 
ATOM   750  C CB  . SER A 1 80  ? 2.430   5.341   10.125  1.00 18.20 ? 1058 SER A CB  1 
ATOM   751  O OG  . SER A 1 80  ? 3.365   4.587   9.425   1.00 21.63 ? 1058 SER A OG  1 
ATOM   752  N N   . ASN A 1 81  ? 3.977   7.457   8.040   1.00 13.51 ? 1059 ASN A N   1 
ATOM   753  C CA  . ASN A 1 81  ? 5.093   8.337   7.640   1.00 13.26 ? 1059 ASN A CA  1 
ATOM   754  C C   . ASN A 1 81  ? 4.570   9.813   7.564   1.00 15.97 ? 1059 ASN A C   1 
ATOM   755  O O   . ASN A 1 81  ? 5.219   10.775  8.041   1.00 15.46 ? 1059 ASN A O   1 
ATOM   756  C CB  . ASN A 1 81  ? 5.766   7.943   6.339   1.00 12.66 ? 1059 ASN A CB  1 
ATOM   757  C CG  . ASN A 1 81  ? 6.636   6.680   6.417   1.00 13.39 ? 1059 ASN A CG  1 
ATOM   758  O OD1 . ASN A 1 81  ? 6.967   6.248   7.508   1.00 15.66 ? 1059 ASN A OD1 1 
ATOM   759  N ND2 . ASN A 1 81  ? 7.056   6.177   5.242   1.00 15.32 ? 1059 ASN A ND2 1 
ATOM   760  N N   . ALA A 1 82  ? 3.411   10.022  6.920   1.00 15.01 ? 1060 ALA A N   1 
ATOM   761  C CA  . ALA A 1 82  ? 2.851   11.387  6.785   1.00 16.48 ? 1060 ALA A CA  1 
ATOM   762  C C   . ALA A 1 82  ? 2.451   11.916  8.166   1.00 15.93 ? 1060 ALA A C   1 
ATOM   763  O O   . ALA A 1 82  ? 2.675   13.146  8.407   1.00 16.95 ? 1060 ALA A O   1 
ATOM   764  C CB  . ALA A 1 82  ? 1.652   11.340  5.825   1.00 15.75 ? 1060 ALA A CB  1 
ATOM   765  N N   . LEU A 1 83  ? 1.840   11.158  9.029   1.00 16.09 ? 1061 LEU A N   1 
ATOM   766  C CA  . LEU A 1 83  ? 1.454   11.620  10.390  1.00 17.67 ? 1061 LEU A CA  1 
ATOM   767  C C   . LEU A 1 83  ? 2.710   12.003  11.212  1.00 20.35 ? 1061 LEU A C   1 
ATOM   768  O O   . LEU A 1 83  ? 2.645   12.982  12.008  1.00 20.12 ? 1061 LEU A O   1 
ATOM   769  C CB  . LEU A 1 83  ? 0.597   10.607  11.111  1.00 18.06 ? 1061 LEU A CB  1 
ATOM   770  C CG  . LEU A 1 83  ? -0.652  10.053  10.412  1.00 23.51 ? 1061 LEU A CG  1 
ATOM   771  C CD1 . LEU A 1 83  ? -1.435  9.159   11.356  1.00 24.19 ? 1061 LEU A CD1 1 
ATOM   772  C CD2 . LEU A 1 83  ? -1.544  11.121  9.839   1.00 24.03 ? 1061 LEU A CD2 1 
ATOM   773  N N   A GLU A 1 84  ? 3.797   11.222  11.065  0.14 19.64 ? 1062 GLU A N   1 
ATOM   774  N N   B GLU A 1 84  ? 3.819   11.277  11.067  0.23 17.61 ? 1062 GLU A N   1 
ATOM   775  N N   C GLU A 1 84  ? 3.797   11.222  11.065  0.14 19.64 ? 1062 GLU A N   1 
ATOM   776  C CA  A GLU A 1 84  ? 5.101   11.375  11.790  0.14 21.03 ? 1062 GLU A CA  1 
ATOM   777  C CA  B GLU A 1 84  ? 5.038   11.515  11.900  0.23 18.20 ? 1062 GLU A CA  1 
ATOM   778  C CA  C GLU A 1 84  ? 5.101   11.375  11.790  0.14 21.03 ? 1062 GLU A CA  1 
ATOM   779  C C   A GLU A 1 84  ? 5.818   12.650  11.334  0.14 20.09 ? 1062 GLU A C   1 
ATOM   780  C C   B GLU A 1 84  ? 5.881   12.670  11.333  0.23 18.72 ? 1062 GLU A C   1 
ATOM   781  C C   C GLU A 1 84  ? 5.818   12.650  11.334  0.14 20.09 ? 1062 GLU A C   1 
ATOM   782  O O   A GLU A 1 84  ? 6.234   13.437  12.229  0.14 20.67 ? 1062 GLU A O   1 
ATOM   783  O O   B GLU A 1 84  ? 6.449   13.449  12.143  0.23 18.42 ? 1062 GLU A O   1 
ATOM   784  O O   C GLU A 1 84  ? 6.234   13.437  12.229  0.14 20.67 ? 1062 GLU A O   1 
ATOM   785  C CB  A GLU A 1 84  ? 6.038   10.169  11.578  0.14 22.92 ? 1062 GLU A CB  1 
ATOM   786  C CB  B GLU A 1 84  ? 5.815   10.200  12.064  0.23 18.24 ? 1062 GLU A CB  1 
ATOM   787  C CB  C GLU A 1 84  ? 6.038   10.169  11.578  0.14 22.92 ? 1062 GLU A CB  1 
ATOM   788  C CG  A GLU A 1 84  ? 7.332   10.226  12.407  0.14 24.30 ? 1062 GLU A CG  1 
ATOM   789  C CG  B GLU A 1 84  ? 5.022   9.115   12.768  0.23 18.55 ? 1062 GLU A CG  1 
ATOM   790  C CG  C GLU A 1 84  ? 7.332   10.226  12.407  0.14 24.30 ? 1062 GLU A CG  1 
ATOM   791  C CD  A GLU A 1 84  ? 8.348   9.081   12.280  0.14 27.68 ? 1062 GLU A CD  1 
ATOM   792  C CD  B GLU A 1 84  ? 5.493   7.667   12.600  0.23 20.10 ? 1062 GLU A CD  1 
ATOM   793  C CD  C GLU A 1 84  ? 8.348   9.081   12.280  0.14 27.68 ? 1062 GLU A CD  1 
ATOM   794  O OE1 A GLU A 1 84  ? 9.446   9.208   12.849  0.14 30.20 ? 1062 GLU A OE1 1 
ATOM   795  O OE1 B GLU A 1 84  ? 6.541   7.447   11.972  0.23 19.87 ? 1062 GLU A OE1 1 
ATOM   796  O OE1 C GLU A 1 84  ? 9.446   9.208   12.849  0.14 30.20 ? 1062 GLU A OE1 1 
ATOM   797  O OE2 A GLU A 1 84  ? 8.057   8.072   11.634  0.14 26.88 ? 1062 GLU A OE2 1 
ATOM   798  O OE2 B GLU A 1 84  ? 4.802   6.750   13.122  0.23 21.67 ? 1062 GLU A OE2 1 
ATOM   799  O OE2 C GLU A 1 84  ? 8.057   8.072   11.634  0.14 26.88 ? 1062 GLU A OE2 1 
ATOM   800  N N   . TYR A 1 85  ? 5.986   12.832  10.017  1.00 17.89 ? 1063 TYR A N   1 
ATOM   801  C CA  . TYR A 1 85  ? 6.776   13.913  9.434   1.00 18.36 ? 1063 TYR A CA  1 
ATOM   802  C C   . TYR A 1 85  ? 6.021   15.260  9.573   1.00 19.67 ? 1063 TYR A C   1 
ATOM   803  O O   . TYR A 1 85  ? 6.701   16.310  9.586   1.00 18.59 ? 1063 TYR A O   1 
ATOM   804  C CB  . TYR A 1 85  ? 7.198   13.654  7.989   1.00 17.47 ? 1063 TYR A CB  1 
ATOM   805  C CG  . TYR A 1 85  ? 8.216   14.648  7.517   1.00 19.15 ? 1063 TYR A CG  1 
ATOM   806  C CD1 . TYR A 1 85  ? 9.536   14.548  7.970   1.00 21.11 ? 1063 TYR A CD1 1 
ATOM   807  C CD2 . TYR A 1 85  ? 7.889   15.705  6.684   1.00 19.84 ? 1063 TYR A CD2 1 
ATOM   808  C CE1 . TYR A 1 85  ? 10.480  15.501  7.601   1.00 23.46 ? 1063 TYR A CE1 1 
ATOM   809  C CE2 . TYR A 1 85  ? 8.812   16.684  6.355   1.00 23.67 ? 1063 TYR A CE2 1 
ATOM   810  C CZ  . TYR A 1 85  ? 10.109  16.582  6.812   1.00 27.76 ? 1063 TYR A CZ  1 
ATOM   811  O OH  . TYR A 1 85  ? 11.008  17.553  6.425   1.00 32.89 ? 1063 TYR A OH  1 
ATOM   812  N N   . ASN A 1 86  ? 4.689   15.214  9.533   1.00 17.56 ? 1064 ASN A N   1 
ATOM   813  C CA  . ASN A 1 86  ? 3.887   16.499  9.456   1.00 18.16 ? 1064 ASN A CA  1 
ATOM   814  C C   . ASN A 1 86  ? 2.963   16.647  10.655  1.00 16.83 ? 1064 ASN A C   1 
ATOM   815  O O   . ASN A 1 86  ? 1.709   16.514  10.528  1.00 18.33 ? 1064 ASN A O   1 
ATOM   816  C CB  . ASN A 1 86  ? 3.131   16.547  8.104   1.00 17.22 ? 1064 ASN A CB  1 
ATOM   817  C CG  . ASN A 1 86  ? 3.970   16.317  6.889   1.00 16.30 ? 1064 ASN A CG  1 
ATOM   818  O OD1 . ASN A 1 86  ? 4.682   17.190  6.387   1.00 18.78 ? 1064 ASN A OD1 1 
ATOM   819  N ND2 . ASN A 1 86  ? 3.945   15.054  6.344   1.00 16.26 ? 1064 ASN A ND2 1 
ATOM   820  N N   . PRO A 1 87  ? 3.435   16.745  11.947  1.00 17.69 ? 1065 PRO A N   1 
ATOM   821  C CA  . PRO A 1 87  ? 2.580   16.620  13.132  1.00 17.28 ? 1065 PRO A CA  1 
ATOM   822  C C   . PRO A 1 87  ? 1.957   17.909  13.743  1.00 17.64 ? 1065 PRO A C   1 
ATOM   823  O O   . PRO A 1 87  ? 1.265   17.777  14.748  1.00 21.12 ? 1065 PRO A O   1 
ATOM   824  C CB  . PRO A 1 87  ? 3.563   16.030  14.160  1.00 19.82 ? 1065 PRO A CB  1 
ATOM   825  C CG  . PRO A 1 87  ? 4.844   16.675  13.809  1.00 20.33 ? 1065 PRO A CG  1 
ATOM   826  C CD  . PRO A 1 87  ? 4.872   16.837  12.311  1.00 20.02 ? 1065 PRO A CD  1 
ATOM   827  N N   . ASP A 1 88  ? 2.249   19.031  13.112  1.00 20.13 ? 1066 ASP A N   1 
ATOM   828  C CA  . ASP A 1 88  ? 2.000   20.378  13.720  1.00 20.49 ? 1066 ASP A CA  1 
ATOM   829  C C   . ASP A 1 88  ? 0.568   20.866  13.465  1.00 23.42 ? 1066 ASP A C   1 
ATOM   830  O O   . ASP A 1 88  ? -0.231  20.232  12.675  1.00 19.75 ? 1066 ASP A O   1 
ATOM   831  C CB  . ASP A 1 88  ? 3.045   21.339  13.172  1.00 20.85 ? 1066 ASP A CB  1 
ATOM   832  C CG  . ASP A 1 88  ? 4.502   21.113  13.594  1.00 26.33 ? 1066 ASP A CG  1 
ATOM   833  O OD1 . ASP A 1 88  ? 4.753   20.266  14.486  1.00 26.53 ? 1066 ASP A OD1 1 
ATOM   834  O OD2 . ASP A 1 88  ? 5.350   21.785  12.974  1.00 30.15 ? 1066 ASP A OD2 1 
ATOM   835  N N   . ARG A 1 89  ? 0.188   21.968  14.152  1.00 20.70 ? 1067 ARG A N   1 
ATOM   836  C CA  . ARG A 1 89  ? -1.213  22.480  14.101  1.00 19.92 ? 1067 ARG A CA  1 
ATOM   837  C C   . ARG A 1 89  ? -1.441  23.331  12.850  1.00 19.16 ? 1067 ARG A C   1 
ATOM   838  O O   . ARG A 1 89  ? -2.646  23.637  12.601  1.00 21.33 ? 1067 ARG A O   1 
ATOM   839  C CB  . ARG A 1 89  ? -1.634  23.252  15.367  1.00 24.00 ? 1067 ARG A CB  1 
ATOM   840  C CG  . ARG A 1 89  ? -1.012  24.636  15.591  1.00 30.44 ? 1067 ARG A CG  1 
ATOM   841  C CD  . ARG A 1 89  ? -1.929  25.843  15.210  1.00 23.90 ? 1067 ARG A CD  1 
ATOM   842  N NE  . ARG A 1 89  ? -3.384  25.681  15.322  1.00 28.02 ? 1067 ARG A NE  1 
ATOM   843  C CZ  . ARG A 1 89  ? -4.300  26.308  14.485  1.00 24.51 ? 1067 ARG A CZ  1 
ATOM   844  N NH1 . ARG A 1 89  ? -5.642  26.170  14.665  1.00 20.45 ? 1067 ARG A NH1 1 
ATOM   845  N NH2 . ARG A 1 89  ? -3.788  27.003  13.467  1.00 21.75 ? 1067 ARG A NH2 1 
ATOM   846  N N   . ASP A 1 90  ? -0.447  23.673  12.101  1.00 19.77 ? 1068 ASP A N   1 
ATOM   847  C CA  . ASP A 1 90  ? -0.704  24.604  11.007  1.00 25.21 ? 1068 ASP A CA  1 
ATOM   848  C C   . ASP A 1 90  ? -1.415  23.920  9.845   1.00 24.78 ? 1068 ASP A C   1 
ATOM   849  O O   . ASP A 1 90  ? -1.454  22.701  9.749   1.00 20.24 ? 1068 ASP A O   1 
ATOM   850  C CB  . ASP A 1 90  ? 0.517   25.205  10.411  1.00 26.38 ? 1068 ASP A CB  1 
ATOM   851  C CG  . ASP A 1 90  ? 1.466   24.212  9.847   1.00 32.12 ? 1068 ASP A CG  1 
ATOM   852  O OD1 . ASP A 1 90  ? 2.286   23.775  10.660  1.00 45.86 ? 1068 ASP A OD1 1 
ATOM   853  O OD2 . ASP A 1 90  ? 1.361   23.898  8.618   1.00 39.59 ? 1068 ASP A OD2 1 
ATOM   854  N N   . PRO A 1 91  ? -2.100  24.722  9.032   1.00 20.48 ? 1069 PRO A N   1 
ATOM   855  C CA  . PRO A 1 91  ? -2.984  24.158  8.020   1.00 18.43 ? 1069 PRO A CA  1 
ATOM   856  C C   . PRO A 1 91  ? -2.283  23.187  7.043   1.00 17.27 ? 1069 PRO A C   1 
ATOM   857  O O   . PRO A 1 91  ? -2.974  22.275  6.533   1.00 17.60 ? 1069 PRO A O   1 
ATOM   858  C CB  . PRO A 1 91  ? -3.586  25.371  7.301   1.00 20.35 ? 1069 PRO A CB  1 
ATOM   859  C CG  . PRO A 1 91  ? -3.484  26.478  8.313   1.00 25.56 ? 1069 PRO A CG  1 
ATOM   860  C CD  . PRO A 1 91  ? -2.274  26.190  9.180   1.00 21.62 ? 1069 PRO A CD  1 
ATOM   861  N N   . GLY A 1 92  ? -1.050  23.431  6.625   1.00 18.19 ? 1070 GLY A N   1 
ATOM   862  C CA  . GLY A 1 92  ? -0.429  22.568  5.600   1.00 18.64 ? 1070 GLY A CA  1 
ATOM   863  C C   . GLY A 1 92  ? -0.224  21.176  6.204   1.00 19.27 ? 1070 GLY A C   1 
ATOM   864  O O   . GLY A 1 92  ? -0.508  20.126  5.523   1.00 17.04 ? 1070 GLY A O   1 
ATOM   865  N N   . ASP A 1 93  ? 0.210   21.096  7.458   1.00 18.90 ? 1071 ASP A N   1 
ATOM   866  C CA  . ASP A 1 93  ? 0.360   19.779  8.176   1.00 18.58 ? 1071 ASP A CA  1 
ATOM   867  C C   . ASP A 1 93  ? -1.010  19.134  8.392   1.00 17.54 ? 1071 ASP A C   1 
ATOM   868  O O   . ASP A 1 93  ? -1.186  17.885  8.113   1.00 17.66 ? 1071 ASP A O   1 
ATOM   869  C CB  . ASP A 1 93  ? 1.160   19.866  9.468   1.00 17.48 ? 1071 ASP A CB  1 
ATOM   870  C CG  . ASP A 1 93  ? 2.658   20.115  9.344   1.00 18.77 ? 1071 ASP A CG  1 
ATOM   871  O OD1 . ASP A 1 93  ? 3.111   20.501  8.259   1.00 20.95 ? 1071 ASP A OD1 1 
ATOM   872  O OD2 . ASP A 1 93  ? 3.388   19.717  10.347  1.00 19.97 ? 1071 ASP A OD2 1 
ATOM   873  N N   . ARG A 1 94  ? -2.060  19.866  8.794   1.00 15.69 ? 1072 ARG A N   1 
ATOM   874  C CA  . ARG A 1 94  ? -3.385  19.272  9.036   1.00 17.31 ? 1072 ARG A CA  1 
ATOM   875  C C   . ARG A 1 94  ? -3.962  18.727  7.696   1.00 14.87 ? 1072 ARG A C   1 
ATOM   876  O O   . ARG A 1 94  ? -4.679  17.673  7.790   1.00 16.87 ? 1072 ARG A O   1 
ATOM   877  C CB  . ARG A 1 94  ? -4.307  20.263  9.753   1.00 18.44 ? 1072 ARG A CB  1 
ATOM   878  C CG  . ARG A 1 94  ? -3.957  20.385  11.230  1.00 21.17 ? 1072 ARG A CG  1 
ATOM   879  C CD  . ARG A 1 94  ? -4.873  21.350  11.982  1.00 27.17 ? 1072 ARG A CD  1 
ATOM   880  N NE  . ARG A 1 94  ? -4.706  21.248  13.462  1.00 29.55 ? 1072 ARG A NE  1 
ATOM   881  C CZ  . ARG A 1 94  ? -5.189  22.142  14.352  1.00 45.09 ? 1072 ARG A CZ  1 
ATOM   882  N NH1 . ARG A 1 94  ? -5.808  23.233  13.928  1.00 51.82 ? 1072 ARG A NH1 1 
ATOM   883  N NH2 . ARG A 1 94  ? -5.046  21.953  15.660  1.00 38.60 ? 1072 ARG A NH2 1 
ATOM   884  N N   . LEU A 1 95  ? -3.777  19.434  6.603   1.00 15.99 ? 1073 LEU A N   1 
ATOM   885  C CA  . LEU A 1 95  ? -4.304  19.007  5.281   1.00 14.98 ? 1073 LEU A CA  1 
ATOM   886  C C   . LEU A 1 95  ? -3.645  17.661  4.867   1.00 15.72 ? 1073 LEU A C   1 
ATOM   887  O O   . LEU A 1 95  ? -4.400  16.698  4.479   1.00 15.25 ? 1073 LEU A O   1 
ATOM   888  C CB  . LEU A 1 95  ? -4.156  20.075  4.218   1.00 14.80 ? 1073 LEU A CB  1 
ATOM   889  C CG  . LEU A 1 95  ? -4.609  19.708  2.807   1.00 15.68 ? 1073 LEU A CG  1 
ATOM   890  C CD1 . LEU A 1 95  ? -6.100  19.376  2.769   1.00 17.12 ? 1073 LEU A CD1 1 
ATOM   891  C CD2 . LEU A 1 95  ? -4.274  20.813  1.838   1.00 18.21 ? 1073 LEU A CD2 1 
ATOM   892  N N   . ILE A 1 96  ? -2.321  17.541  4.967   0.62 15.97 ? 1074 ILE A N   1 
ATOM   893  C CA  . ILE A 1 96  ? -1.645  16.266  4.545   0.62 15.68 ? 1074 ILE A CA  1 
ATOM   894  C C   . ILE A 1 96  ? -2.047  15.115  5.489   0.62 16.27 ? 1074 ILE A C   1 
ATOM   895  O O   . ILE A 1 96  ? -2.245  13.956  4.993   0.62 15.62 ? 1074 ILE A O   1 
ATOM   896  C CB  . ILE A 1 96  ? -0.120  16.441  4.360   0.62 16.26 ? 1074 ILE A CB  1 
ATOM   897  C CG1 . ILE A 1 96  ? 0.443   15.336  3.459   0.62 16.74 ? 1074 ILE A CG1 1 
ATOM   898  C CG2 . ILE A 1 96  ? 0.609   16.503  5.690   0.62 16.56 ? 1074 ILE A CG2 1 
ATOM   899  C CD1 . ILE A 1 96  ? 1.824   15.632  2.920   0.62 17.63 ? 1074 ILE A CD1 1 
ATOM   900  N N   . ARG A 1 97  ? -2.211  15.365  6.795   1.00 16.48 ? 1075 ARG A N   1 
ATOM   901  C CA  . ARG A 1 97  ? -2.653  14.293  7.742   1.00 15.38 ? 1075 ARG A CA  1 
ATOM   902  C C   . ARG A 1 97  ? -4.070  13.843  7.347   1.00 17.32 ? 1075 ARG A C   1 
ATOM   903  O O   . ARG A 1 97  ? -4.414  12.635  7.381   1.00 16.04 ? 1075 ARG A O   1 
ATOM   904  C CB  . ARG A 1 97  ? -2.576  14.726  9.209   1.00 16.38 ? 1075 ARG A CB  1 
ATOM   905  C CG  . ARG A 1 97  ? -1.154  14.980  9.672   1.00 16.83 ? 1075 ARG A CG  1 
ATOM   906  C CD  . ARG A 1 97  ? -1.004  14.823  11.173  1.00 20.03 ? 1075 ARG A CD  1 
ATOM   907  N NE  . ARG A 1 97  ? -1.915  15.609  11.995  1.00 21.46 ? 1075 ARG A NE  1 
ATOM   908  C CZ  . ARG A 1 97  ? -1.697  16.899  12.316  1.00 20.94 ? 1075 ARG A CZ  1 
ATOM   909  N NH1 . ARG A 1 97  ? -0.658  17.535  11.839  1.00 20.03 ? 1075 ARG A NH1 1 
ATOM   910  N NH2 . ARG A 1 97  ? -2.563  17.548  13.081  1.00 25.87 ? 1075 ARG A NH2 1 
ATOM   911  N N   . HIS A 1 98  ? -4.988  14.799  7.050   1.00 14.97 ? 1076 HIS A N   1 
ATOM   912  C CA  . HIS A 1 98  ? -6.372  14.414  6.659   1.00 16.40 ? 1076 HIS A CA  1 
ATOM   913  C C   . HIS A 1 98  ? -6.363  13.556  5.361   1.00 15.20 ? 1076 HIS A C   1 
ATOM   914  O O   . HIS A 1 98  ? -7.136  12.531  5.329   1.00 15.69 ? 1076 HIS A O   1 
ATOM   915  C CB  . HIS A 1 98  ? -7.244  15.693  6.512   1.00 16.16 ? 1076 HIS A CB  1 
ATOM   916  C CG  . HIS A 1 98  ? -8.728  15.428  6.375   1.00 17.54 ? 1076 HIS A CG  1 
ATOM   917  N ND1 . HIS A 1 98  ? -9.367  15.281  5.134   1.00 18.30 ? 1076 HIS A ND1 1 
ATOM   918  C CD2 . HIS A 1 98  ? -9.689  15.283  7.323   1.00 18.85 ? 1076 HIS A CD2 1 
ATOM   919  C CE1 . HIS A 1 98  ? -10.673 15.030  5.378   1.00 19.61 ? 1076 HIS A CE1 1 
ATOM   920  N NE2 . HIS A 1 98  ? -10.901 15.037  6.719   1.00 18.52 ? 1076 HIS A NE2 1 
ATOM   921  N N   . ARG A 1 99  ? -5.546  13.939  4.397   1.00 14.90 ? 1077 ARG A N   1 
ATOM   922  C CA  . ARG A 1 99  ? -5.399  13.198  3.115   1.00 14.71 ? 1077 ARG A CA  1 
ATOM   923  C C   . ARG A 1 99  ? -4.804  11.816  3.410   1.00 15.18 ? 1077 ARG A C   1 
ATOM   924  O O   . ARG A 1 99  ? -5.265  10.822  2.762   1.00 14.98 ? 1077 ARG A O   1 
ATOM   925  C CB  . ARG A 1 99  ? -4.599  13.977  2.071   1.00 15.91 ? 1077 ARG A CB  1 
ATOM   926  C CG  . ARG A 1 99  ? -5.322  15.243  1.558   1.00 16.39 ? 1077 ARG A CG  1 
ATOM   927  C CD  . ARG A 1 99  ? -4.427  16.131  0.776   1.00 16.40 ? 1077 ARG A CD  1 
ATOM   928  N NE  . ARG A 1 99  ? -5.211  17.124  -0.017  1.00 16.23 ? 1077 ARG A NE  1 
ATOM   929  C CZ  . ARG A 1 99  ? -4.671  18.035  -0.786  1.00 18.52 ? 1077 ARG A CZ  1 
ATOM   930  N NH1 . ARG A 1 99  ? -3.377  18.248  -0.816  1.00 18.52 ? 1077 ARG A NH1 1 
ATOM   931  N NH2 . ARG A 1 99  ? -5.453  18.830  -1.509  1.00 21.62 ? 1077 ARG A NH2 1 
ATOM   932  N N   . ALA A 1 100 ? -3.807  11.713  4.290   1.00 14.83 ? 1078 ALA A N   1 
ATOM   933  C CA  . ALA A 1 100 ? -3.182  10.392  4.631   1.00 15.69 ? 1078 ALA A CA  1 
ATOM   934  C C   . ALA A 1 100 ? -4.213  9.464   5.247   1.00 15.79 ? 1078 ALA A C   1 
ATOM   935  O O   . ALA A 1 100 ? -4.232  8.226   4.877   1.00 16.88 ? 1078 ALA A O   1 
ATOM   936  C CB  . ALA A 1 100 ? -2.015  10.618  5.579   1.00 17.00 ? 1078 ALA A CB  1 
ATOM   937  N N   . CYS A 1 101 ? -5.028  9.931   6.193   1.00 15.95 ? 1079 CYS A N   1 
ATOM   938  C CA  . CYS A 1 101 ? -6.088  9.153   6.842   1.00 16.02 ? 1079 CYS A CA  1 
ATOM   939  C C   . CYS A 1 101 ? -7.137  8.757   5.783   1.00 16.32 ? 1079 CYS A C   1 
ATOM   940  O O   . CYS A 1 101 ? -7.642  7.591   5.835   1.00 17.92 ? 1079 CYS A O   1 
ATOM   941  C CB  . CYS A 1 101 ? -6.722  9.915   7.964   1.00 19.29 ? 1079 CYS A CB  1 
ATOM   942  S SG  . CYS A 1 101 ? -5.598  10.007  9.415   1.00 23.64 ? 1079 CYS A SG  1 
ATOM   943  N N   . ALA A 1 102 ? -7.455  9.625   4.826   1.00 15.87 ? 1080 ALA A N   1 
ATOM   944  C CA  . ALA A 1 102 ? -8.431  9.299   3.754   1.00 16.93 ? 1080 ALA A CA  1 
ATOM   945  C C   . ALA A 1 102 ? -7.857  8.224   2.803   1.00 16.61 ? 1080 ALA A C   1 
ATOM   946  O O   . ALA A 1 102 ? -8.637  7.328   2.378   1.00 17.09 ? 1080 ALA A O   1 
ATOM   947  C CB  . ALA A 1 102 ? -8.846  10.547  2.996   1.00 15.68 ? 1080 ALA A CB  1 
ATOM   948  N N   . LEU A 1 103 ? -6.571  8.263   2.501   1.00 15.54 ? 1081 LEU A N   1 
ATOM   949  C CA  . LEU A 1 103 ? -5.908  7.201   1.651   1.00 15.29 ? 1081 LEU A CA  1 
ATOM   950  C C   . LEU A 1 103 ? -6.044  5.851   2.342   1.00 15.67 ? 1081 LEU A C   1 
ATOM   951  O O   . LEU A 1 103 ? -6.536  4.836   1.689   1.00 15.08 ? 1081 LEU A O   1 
ATOM   952  C CB  . LEU A 1 103 ? -4.423  7.555   1.420   1.00 15.13 ? 1081 LEU A CB  1 
ATOM   953  C CG  . LEU A 1 103 ? -3.634  6.456   0.700   1.00 17.61 ? 1081 LEU A CG  1 
ATOM   954  C CD1 . LEU A 1 103 ? -3.957  6.527   -0.726  1.00 19.54 ? 1081 LEU A CD1 1 
ATOM   955  C CD2 . LEU A 1 103 ? -2.129  6.644   0.927   1.00 22.98 ? 1081 LEU A CD2 1 
ATOM   956  N N   . ARG A 1 104 ? -5.709  5.763   3.622   1.00 15.35 ? 1082 ARG A N   1 
ATOM   957  C CA  . ARG A 1 104 ? -5.804  4.513   4.414   1.00 16.44 ? 1082 ARG A CA  1 
ATOM   958  C C   . ARG A 1 104 ? -7.252  4.034   4.457   1.00 16.43 ? 1082 ARG A C   1 
ATOM   959  O O   . ARG A 1 104 ? -7.539  2.835   4.142   1.00 16.18 ? 1082 ARG A O   1 
ATOM   960  C CB  . ARG A 1 104 ? -5.246  4.791   5.814   1.00 18.54 ? 1082 ARG A CB  1 
ATOM   961  C CG  . ARG A 1 104 ? -5.313  3.608   6.778   1.00 21.05 ? 1082 ARG A CG  1 
ATOM   962  C CD  . ARG A 1 104 ? -5.137  4.131   8.241   1.00 29.15 ? 1082 ARG A CD  1 
ATOM   963  N NE  . ARG A 1 104 ? -6.327  4.995   8.567   1.00 33.08 ? 1082 ARG A NE  1 
ATOM   964  C CZ  . ARG A 1 104 ? -6.396  5.945   9.508   1.00 33.46 ? 1082 ARG A CZ  1 
ATOM   965  N NH1 . ARG A 1 104 ? -7.510  6.635   9.674   1.00 36.44 ? 1082 ARG A NH1 1 
ATOM   966  N NH2 . ARG A 1 104 ? -5.362  6.165   10.318  1.00 36.85 ? 1082 ARG A NH2 1 
ATOM   967  N N   . ASP A 1 105 ? -8.193  4.921   4.848   1.00 16.11 ? 1083 ASP A N   1 
ATOM   968  C CA  . ASP A 1 105 ? -9.621  4.551   4.995   1.00 16.93 ? 1083 ASP A CA  1 
ATOM   969  C C   . ASP A 1 105 ? -10.215 4.103   3.631   1.00 15.78 ? 1083 ASP A C   1 
ATOM   970  O O   . ASP A 1 105 ? -11.051 3.074   3.635   1.00 16.72 ? 1083 ASP A O   1 
ATOM   971  C CB  . ASP A 1 105 ? -10.390 5.691   5.632   1.00 19.47 ? 1083 ASP A CB  1 
ATOM   972  C CG  . ASP A 1 105 ? -10.038 5.946   7.097   1.00 21.66 ? 1083 ASP A CG  1 
ATOM   973  O OD1 . ASP A 1 105 ? -9.327  5.163   7.742   1.00 24.06 ? 1083 ASP A OD1 1 
ATOM   974  O OD2 . ASP A 1 105 ? -10.480 7.043   7.549   1.00 27.48 ? 1083 ASP A OD2 1 
ATOM   975  N N   . THR A 1 106 ? -9.859  4.771   2.536   1.00 14.44 ? 1084 THR A N   1 
ATOM   976  C CA  . THR A 1 106 ? -10.355 4.414   1.211   1.00 15.57 ? 1084 THR A CA  1 
ATOM   977  C C   . THR A 1 106 ? -9.850  2.990   0.810   1.00 14.57 ? 1084 THR A C   1 
ATOM   978  O O   . THR A 1 106 ? -10.630 2.133   0.267   1.00 15.76 ? 1084 THR A O   1 
ATOM   979  C CB  . THR A 1 106 ? -10.030 5.512   0.201   1.00 15.85 ? 1084 THR A CB  1 
ATOM   980  O OG1 . THR A 1 106 ? -10.630 6.773   0.579   1.00 17.71 ? 1084 THR A OG1 1 
ATOM   981  C CG2 . THR A 1 106 ? -10.528 5.116   -1.157  1.00 17.90 ? 1084 THR A CG2 1 
ATOM   982  N N   . ALA A 1 107 ? -8.535  2.720   0.965   1.00 14.36 ? 1085 ALA A N   1 
ATOM   983  C CA  . ALA A 1 107 ? -7.967  1.387   0.645   1.00 13.66 ? 1085 ALA A CA  1 
ATOM   984  C C   . ALA A 1 107 ? -8.697  0.312   1.446   1.00 15.45 ? 1085 ALA A C   1 
ATOM   985  O O   . ALA A 1 107 ? -9.140  -0.740  0.873   1.00 14.83 ? 1085 ALA A O   1 
ATOM   986  C CB  . ALA A 1 107 ? -6.485  1.383   0.972   1.00 13.83 ? 1085 ALA A CB  1 
ATOM   987  N N   . TYR A 1 108 ? -8.844  0.485   2.754   1.00 14.03 ? 1086 TYR A N   1 
ATOM   988  C CA  . TYR A 1 108 ? -9.544  -0.520  3.582   1.00 14.94 ? 1086 TYR A CA  1 
ATOM   989  C C   . TYR A 1 108 ? -11.012 -0.673  3.138   1.00 15.79 ? 1086 TYR A C   1 
ATOM   990  O O   . TYR A 1 108 ? -11.488 -1.856  3.181   1.00 17.45 ? 1086 TYR A O   1 
ATOM   991  C CB  . TYR A 1 108 ? -9.438  -0.207  5.081   1.00 16.25 ? 1086 TYR A CB  1 
ATOM   992  C CG  . TYR A 1 108 ? -8.166  -0.665  5.760   1.00 16.37 ? 1086 TYR A CG  1 
ATOM   993  C CD1 . TYR A 1 108 ? -6.979  0.063   5.675   1.00 16.75 ? 1086 TYR A CD1 1 
ATOM   994  C CD2 . TYR A 1 108 ? -8.067  -1.868  6.474   1.00 18.75 ? 1086 TYR A CD2 1 
ATOM   995  C CE1 . TYR A 1 108 ? -5.829  -0.311  6.367   1.00 18.31 ? 1086 TYR A CE1 1 
ATOM   996  C CE2 . TYR A 1 108 ? -6.925  -2.278  7.148   1.00 21.53 ? 1086 TYR A CE2 1 
ATOM   997  C CZ  . TYR A 1 108 ? -5.766  -1.503  7.085   1.00 21.41 ? 1086 TYR A CZ  1 
ATOM   998  O OH  . TYR A 1 108 ? -4.627  -1.962  7.750   1.00 22.59 ? 1086 TYR A OH  1 
ATOM   999  N N   . ALA A 1 109 ? -11.723 0.384   2.741   1.00 15.66 ? 1087 ALA A N   1 
ATOM   1000 C CA  . ALA A 1 109 ? -13.148 0.286   2.352   1.00 15.95 ? 1087 ALA A CA  1 
ATOM   1001 C C   . ALA A 1 109 ? -13.296 -0.479  1.027   1.00 16.93 ? 1087 ALA A C   1 
ATOM   1002 O O   . ALA A 1 109 ? -14.251 -1.300  0.871   1.00 17.97 ? 1087 ALA A O   1 
ATOM   1003 C CB  . ALA A 1 109 ? -13.744 1.654   2.306   1.00 18.69 ? 1087 ALA A CB  1 
ATOM   1004 N N   . ILE A 1 110 ? -12.424 -0.216  0.051   1.00 15.06 ? 1088 ILE A N   1 
ATOM   1005 C CA  . ILE A 1 110 ? -12.441 -0.960  -1.254  1.00 15.35 ? 1088 ILE A CA  1 
ATOM   1006 C C   . ILE A 1 110 ? -12.199 -2.432  -0.948  1.00 14.16 ? 1088 ILE A C   1 
ATOM   1007 O O   . ILE A 1 110 ? -12.971 -3.322  -1.499  1.00 16.24 ? 1088 ILE A O   1 
ATOM   1008 C CB  . ILE A 1 110 ? -11.417 -0.405  -2.244  1.00 14.83 ? 1088 ILE A CB  1 
ATOM   1009 C CG1 . ILE A 1 110 ? -11.791 0.980   -2.702  1.00 16.31 ? 1088 ILE A CG1 1 
ATOM   1010 C CG2 . ILE A 1 110 ? -11.224 -1.351  -3.449  1.00 16.09 ? 1088 ILE A CG2 1 
ATOM   1011 C CD1 . ILE A 1 110 ? -10.711 1.710   -3.474  1.00 18.03 ? 1088 ILE A CD1 1 
ATOM   1012 N N   . ILE A 1 111 ? -11.209 -2.771  -0.139  1.00 15.69 ? 1089 ILE A N   1 
ATOM   1013 C CA  . ILE A 1 111 ? -10.896 -4.185  0.200   1.00 16.49 ? 1089 ILE A CA  1 
ATOM   1014 C C   . ILE A 1 111 ? -12.064 -4.829  0.959   1.00 19.12 ? 1089 ILE A C   1 
ATOM   1015 O O   . ILE A 1 111 ? -12.444 -6.002  0.638   1.00 18.94 ? 1089 ILE A O   1 
ATOM   1016 C CB  . ILE A 1 111 ? -9.517  -4.260  0.868   1.00 18.68 ? 1089 ILE A CB  1 
ATOM   1017 C CG1 . ILE A 1 111 ? -8.432  -4.018  -0.218  1.00 20.37 ? 1089 ILE A CG1 1 
ATOM   1018 C CG2 . ILE A 1 111 ? -9.365  -5.534  1.662   1.00 23.30 ? 1089 ILE A CG2 1 
ATOM   1019 C CD1 . ILE A 1 111 ? -7.080  -3.650  0.347   1.00 28.16 ? 1089 ILE A CD1 1 
ATOM   1020 N N   . LYS A 1 112 ? -12.680 -4.129  1.897   1.00 17.75 ? 1090 LYS A N   1 
ATOM   1021 C CA  . LYS A 1 112 ? -13.856 -4.707  2.624   1.00 20.55 ? 1090 LYS A CA  1 
ATOM   1022 C C   . LYS A 1 112 ? -14.982 -5.050  1.640   1.00 20.44 ? 1090 LYS A C   1 
ATOM   1023 O O   . LYS A 1 112 ? -15.564 -6.166  1.794   1.00 23.93 ? 1090 LYS A O   1 
ATOM   1024 C CB  . LYS A 1 112 ? -14.338 -3.747  3.717   1.00 22.73 ? 1090 LYS A CB  1 
ATOM   1025 C CG  . LYS A 1 112 ? -15.465 -4.384  4.570   1.00 29.00 ? 1090 LYS A CG  1 
ATOM   1026 C CD  . LYS A 1 112 ? -16.068 -3.445  5.580   1.00 39.24 ? 1090 LYS A CD  1 
ATOM   1027 C CE  . LYS A 1 112 ? -16.977 -4.196  6.551   1.00 47.19 ? 1090 LYS A CE  1 
ATOM   1028 N NZ  . LYS A 1 112 ? -17.448 -3.280  7.610   1.00 56.82 ? 1090 LYS A NZ  1 
ATOM   1029 N N   . GLU A 1 113 ? -15.269 -4.261  0.632   1.00 17.71 ? 1091 GLU A N   1 
ATOM   1030 C CA  . GLU A 1 113 ? -16.398 -4.467  -0.325  1.00 21.20 ? 1091 GLU A CA  1 
ATOM   1031 C C   . GLU A 1 113 ? -16.006 -5.468  -1.430  1.00 22.57 ? 1091 GLU A C   1 
ATOM   1032 O O   . GLU A 1 113 ? -16.957 -6.129  -1.979  1.00 26.11 ? 1091 GLU A O   1 
ATOM   1033 C CB  . GLU A 1 113 ? -16.874 -3.205  -1.042  1.00 26.52 ? 1091 GLU A CB  1 
ATOM   1034 C CG  . GLU A 1 113 ? -17.675 -2.204  -0.229  1.00 40.70 ? 1091 GLU A CG  1 
ATOM   1035 C CD  . GLU A 1 113 ? -18.494 -1.216  -1.079  1.00 54.86 ? 1091 GLU A CD  1 
ATOM   1036 O OE1 . GLU A 1 113 ? -17.951 -0.639  -2.103  1.00 48.76 ? 1091 GLU A OE1 1 
ATOM   1037 O OE2 . GLU A 1 113 ? -19.696 -1.022  -0.739  1.00 67.93 ? 1091 GLU A OE2 1 
ATOM   1038 N N   . GLU A 1 114 ? -14.729 -5.576  -1.835  1.00 16.31 ? 1092 GLU A N   1 
ATOM   1039 C CA  . GLU A 1 114 ? -14.358 -6.263  -3.118  1.00 16.31 ? 1092 GLU A CA  1 
ATOM   1040 C C   . GLU A 1 114 ? -13.423 -7.462  -2.920  1.00 16.30 ? 1092 GLU A C   1 
ATOM   1041 O O   . GLU A 1 114 ? -13.306 -8.254  -3.898  1.00 19.10 ? 1092 GLU A O   1 
ATOM   1042 C CB  . GLU A 1 114 ? -13.705 -5.259  -4.082  1.00 16.02 ? 1092 GLU A CB  1 
ATOM   1043 C CG  . GLU A 1 114 ? -14.656 -4.078  -4.434  1.00 15.98 ? 1092 GLU A CG  1 
ATOM   1044 C CD  . GLU A 1 114 ? -14.084 -3.036  -5.362  1.00 17.83 ? 1092 GLU A CD  1 
ATOM   1045 O OE1 . GLU A 1 114 ? -13.220 -3.368  -6.209  1.00 17.66 ? 1092 GLU A OE1 1 
ATOM   1046 O OE2 . GLU A 1 114 ? -14.544 -1.854  -5.288  1.00 17.73 ? 1092 GLU A OE2 1 
ATOM   1047 N N   . LEU A 1 115 ? -12.813 -7.680  -1.790  1.00 15.89 ? 1093 LEU A N   1 
ATOM   1048 C CA  . LEU A 1 115 ? -11.961 -8.863  -1.514  1.00 16.35 ? 1093 LEU A CA  1 
ATOM   1049 C C   . LEU A 1 115 ? -12.854 -9.962  -0.906  1.00 18.16 ? 1093 LEU A C   1 
ATOM   1050 O O   . LEU A 1 115 ? -13.434 -9.777  0.181   1.00 19.65 ? 1093 LEU A O   1 
ATOM   1051 C CB  . LEU A 1 115 ? -10.824 -8.488  -0.555  1.00 17.75 ? 1093 LEU A CB  1 
ATOM   1052 C CG  . LEU A 1 115 ? -9.969  -9.635  0.033   1.00 21.61 ? 1093 LEU A CG  1 
ATOM   1053 C CD1 . LEU A 1 115 ? -9.221  -10.329 -1.074  1.00 19.58 ? 1093 LEU A CD1 1 
ATOM   1054 C CD2 . LEU A 1 115 ? -9.028  -9.196  1.156   1.00 22.74 ? 1093 LEU A CD2 1 
ATOM   1055 N N   . ASP A 1 116 ? -12.863 -11.171 -1.475  1.00 17.46 ? 1094 ASP A N   1 
ATOM   1056 C CA  . ASP A 1 116 ? -13.519 -12.329 -0.816  1.00 19.16 ? 1094 ASP A CA  1 
ATOM   1057 C C   . ASP A 1 116 ? -12.622 -12.829 0.320   1.00 17.90 ? 1094 ASP A C   1 
ATOM   1058 O O   . ASP A 1 116 ? -11.409 -13.097 0.086   1.00 16.49 ? 1094 ASP A O   1 
ATOM   1059 C CB  . ASP A 1 116 ? -13.750 -13.391 -1.882  1.00 20.63 ? 1094 ASP A CB  1 
ATOM   1060 C CG  . ASP A 1 116 ? -14.690 -14.496 -1.383  1.00 24.58 ? 1094 ASP A CG  1 
ATOM   1061 O OD1 . ASP A 1 116 ? -14.400 -15.083 -0.314  1.00 25.59 ? 1094 ASP A OD1 1 
ATOM   1062 O OD2 . ASP A 1 116 ? -15.679 -14.796 -2.104  1.00 24.59 ? 1094 ASP A OD2 1 
ATOM   1063 N N   A GLU A 1 117 ? -13.177 -12.952 1.529   0.15 19.34 ? 1095 GLU A N   1 
ATOM   1064 N N   B GLU A 1 117 ? -13.179 -12.965 1.532   0.19 17.86 ? 1095 GLU A N   1 
ATOM   1065 N N   C GLU A 1 117 ? -13.177 -12.952 1.529   0.15 19.34 ? 1095 GLU A N   1 
ATOM   1066 C CA  A GLU A 1 117 ? -12.440 -13.413 2.738   0.15 21.03 ? 1095 GLU A CA  1 
ATOM   1067 C CA  B GLU A 1 117 ? -12.430 -13.403 2.745   0.19 18.60 ? 1095 GLU A CA  1 
ATOM   1068 C CA  C GLU A 1 117 ? -12.440 -13.413 2.738   0.15 21.03 ? 1095 GLU A CA  1 
ATOM   1069 C C   A GLU A 1 117 ? -11.809 -14.788 2.476   0.15 18.77 ? 1095 GLU A C   1 
ATOM   1070 C C   B GLU A 1 117 ? -11.825 -14.797 2.503   0.19 17.22 ? 1095 GLU A C   1 
ATOM   1071 C C   C GLU A 1 117 ? -11.809 -14.788 2.476   0.15 18.77 ? 1095 GLU A C   1 
ATOM   1072 O O   A GLU A 1 117 ? -10.711 -15.046 3.006   0.15 18.31 ? 1095 GLU A O   1 
ATOM   1073 O O   B GLU A 1 117 ? -10.745 -15.075 3.060   0.19 16.87 ? 1095 GLU A O   1 
ATOM   1074 O O   C GLU A 1 117 ? -10.711 -15.046 3.006   0.15 18.31 ? 1095 GLU A O   1 
ATOM   1075 C CB  A GLU A 1 117 ? -13.370 -13.474 3.954   0.15 25.11 ? 1095 GLU A CB  1 
ATOM   1076 C CB  B GLU A 1 117 ? -13.303 -13.342 4.015   0.19 20.70 ? 1095 GLU A CB  1 
ATOM   1077 C CB  C GLU A 1 117 ? -13.370 -13.474 3.954   0.15 25.11 ? 1095 GLU A CB  1 
ATOM   1078 C CG  A GLU A 1 117 ? -13.740 -12.112 4.512   0.15 29.22 ? 1095 GLU A CG  1 
ATOM   1079 C CG  B GLU A 1 117 ? -14.506 -14.281 4.016   0.19 21.78 ? 1095 GLU A CG  1 
ATOM   1080 C CG  C GLU A 1 117 ? -13.740 -12.112 4.512   0.15 29.22 ? 1095 GLU A CG  1 
ATOM   1081 C CD  A GLU A 1 117 ? -14.498 -12.166 5.832   0.15 32.95 ? 1095 GLU A CD  1 
ATOM   1082 C CD  B GLU A 1 117 ? -15.423 -14.265 5.240   0.19 25.27 ? 1095 GLU A CD  1 
ATOM   1083 C CD  C GLU A 1 117 ? -14.498 -12.166 5.832   0.15 32.95 ? 1095 GLU A CD  1 
ATOM   1084 O OE1 A GLU A 1 117 ? -14.205 -13.074 6.652   0.15 34.59 ? 1095 GLU A OE1 1 
ATOM   1085 O OE1 B GLU A 1 117 ? -15.262 -13.401 6.102   0.19 26.57 ? 1095 GLU A OE1 1 
ATOM   1086 O OE1 C GLU A 1 117 ? -14.205 -13.074 6.652   0.15 34.59 ? 1095 GLU A OE1 1 
ATOM   1087 O OE2 A GLU A 1 117 ? -15.390 -11.313 6.032   0.15 39.01 ? 1095 GLU A OE2 1 
ATOM   1088 O OE2 B GLU A 1 117 ? -16.310 -15.123 5.319   0.19 26.24 ? 1095 GLU A OE2 1 
ATOM   1089 O OE2 C GLU A 1 117 ? -15.390 -11.313 6.032   0.15 39.01 ? 1095 GLU A OE2 1 
ATOM   1090 N N   . ASP A 1 118 ? -12.477 -15.654 1.706   1.00 18.94 ? 1096 ASP A N   1 
ATOM   1091 C CA  . ASP A 1 118 ? -11.928 -17.022 1.444   1.00 17.73 ? 1096 ASP A CA  1 
ATOM   1092 C C   . ASP A 1 118 ? -10.757 -16.979 0.422   1.00 15.53 ? 1096 ASP A C   1 
ATOM   1093 O O   . ASP A 1 118 ? -9.850  -17.873 0.457   1.00 15.97 ? 1096 ASP A O   1 
ATOM   1094 C CB  . ASP A 1 118 ? -13.011 -18.027 0.997   1.00 19.27 ? 1096 ASP A CB  1 
ATOM   1095 C CG  . ASP A 1 118 ? -14.033 -18.355 2.087   1.00 23.30 ? 1096 ASP A CG  1 
ATOM   1096 O OD1 . ASP A 1 118 ? -13.735 -18.200 3.240   1.00 22.98 ? 1096 ASP A OD1 1 
ATOM   1097 O OD2 . ASP A 1 118 ? -15.149 -18.664 1.686   1.00 28.82 ? 1096 ASP A OD2 1 
ATOM   1098 N N   . PHE A 1 119 ? -10.703 -15.966 -0.467  1.00 16.03 ? 1097 PHE A N   1 
ATOM   1099 C CA  . PHE A 1 119 ? -9.544  -15.758 -1.375  1.00 14.75 ? 1097 PHE A CA  1 
ATOM   1100 C C   . PHE A 1 119 ? -8.318  -15.328 -0.536  1.00 14.54 ? 1097 PHE A C   1 
ATOM   1101 O O   . PHE A 1 119 ? -7.183  -15.907 -0.694  1.00 15.06 ? 1097 PHE A O   1 
ATOM   1102 C CB  . PHE A 1 119 ? -9.893  -14.734 -2.469  1.00 14.83 ? 1097 PHE A CB  1 
ATOM   1103 C CG  . PHE A 1 119 ? -8.741  -14.498 -3.428  1.00 14.63 ? 1097 PHE A CG  1 
ATOM   1104 C CD1 . PHE A 1 119 ? -8.530  -15.321 -4.517  1.00 16.10 ? 1097 PHE A CD1 1 
ATOM   1105 C CD2 . PHE A 1 119 ? -7.794  -13.507 -3.185  1.00 14.72 ? 1097 PHE A CD2 1 
ATOM   1106 C CE1 . PHE A 1 119 ? -7.431  -15.148 -5.337  1.00 17.96 ? 1097 PHE A CE1 1 
ATOM   1107 C CE2 . PHE A 1 119 ? -6.694  -13.342 -4.019  1.00 15.78 ? 1097 PHE A CE2 1 
ATOM   1108 C CZ  . PHE A 1 119 ? -6.518  -14.153 -5.084  1.00 15.50 ? 1097 PHE A CZ  1 
ATOM   1109 N N   . GLU A 1 120 ? -8.510  -14.390 0.398   1.00 14.98 ? 1098 GLU A N   1 
ATOM   1110 C CA  . GLU A 1 120 ? -7.405  -13.976 1.309   1.00 16.81 ? 1098 GLU A CA  1 
ATOM   1111 C C   . GLU A 1 120 ? -6.919  -15.166 2.149   1.00 17.03 ? 1098 GLU A C   1 
ATOM   1112 O O   . GLU A 1 120 ? -5.708  -15.342 2.314   1.00 16.33 ? 1098 GLU A O   1 
ATOM   1113 C CB  . GLU A 1 120 ? -7.835  -12.816 2.214   1.00 17.55 ? 1098 GLU A CB  1 
ATOM   1114 C CG  . GLU A 1 120 ? -6.786  -12.388 3.227   1.00 17.50 ? 1098 GLU A CG  1 
ATOM   1115 C CD  . GLU A 1 120 ? -5.450  -11.784 2.760   1.00 20.73 ? 1098 GLU A CD  1 
ATOM   1116 O OE1 . GLU A 1 120 ? -5.264  -11.680 1.517   1.00 20.15 ? 1098 GLU A OE1 1 
ATOM   1117 O OE2 . GLU A 1 120 ? -4.564  -11.435 3.666   1.00 22.74 ? 1098 GLU A OE2 1 
ATOM   1118 N N   . GLN A 1 121 ? -7.840  -15.977 2.677   1.00 16.67 ? 1099 GLN A N   1 
ATOM   1119 C CA  . GLN A 1 121 ? -7.405  -17.109 3.547   1.00 17.74 ? 1099 GLN A CA  1 
ATOM   1120 C C   . GLN A 1 121 ? -6.623  -18.136 2.733   1.00 15.61 ? 1099 GLN A C   1 
ATOM   1121 O O   . GLN A 1 121 ? -5.600  -18.667 3.244   1.00 16.94 ? 1099 GLN A O   1 
ATOM   1122 C CB  . GLN A 1 121 ? -8.643  -17.736 4.193   1.00 17.71 ? 1099 GLN A CB  1 
ATOM   1123 C CG  . GLN A 1 121 ? -8.310  -18.856 5.174   1.00 21.29 ? 1099 GLN A CG  1 
ATOM   1124 C CD  . GLN A 1 121 ? -7.633  -18.314 6.413   1.00 26.33 ? 1099 GLN A CD  1 
ATOM   1125 O OE1 . GLN A 1 121 ? -7.930  -17.179 6.829   1.00 28.43 ? 1099 GLN A OE1 1 
ATOM   1126 N NE2 . GLN A 1 121 ? -6.713  -19.101 6.987   1.00 25.55 ? 1099 GLN A NE2 1 
ATOM   1127 N N   . LEU A 1 122 ? -6.999  -18.373 1.446   1.00 15.42 ? 1100 LEU A N   1 
ATOM   1128 C CA  . LEU A 1 122 ? -6.244  -19.263 0.544   1.00 14.89 ? 1100 LEU A CA  1 
ATOM   1129 C C   . LEU A 1 122 ? -4.797  -18.713 0.363   1.00 17.21 ? 1100 LEU A C   1 
ATOM   1130 O O   . LEU A 1 122 ? -3.823  -19.475 0.514   1.00 17.82 ? 1100 LEU A O   1 
ATOM   1131 C CB  . LEU A 1 122 ? -6.969  -19.473 -0.783  1.00 14.97 ? 1100 LEU A CB  1 
ATOM   1132 C CG  . LEU A 1 122 ? -6.209  -20.287 -1.806  1.00 15.80 ? 1100 LEU A CG  1 
ATOM   1133 C CD1 . LEU A 1 122 ? -5.859  -21.706 -1.294  1.00 18.34 ? 1100 LEU A CD1 1 
ATOM   1134 C CD2 . LEU A 1 122 ? -6.950  -20.327 -3.123  1.00 17.60 ? 1100 LEU A CD2 1 
ATOM   1135 N N   . CYS A 1 123 ? -4.639  -17.402 0.065   1.00 15.83 ? 1101 CYS A N   1 
ATOM   1136 C CA  . CYS A 1 123 ? -3.283  -16.818 -0.099  1.00 15.59 ? 1101 CYS A CA  1 
ATOM   1137 C C   . CYS A 1 123 ? -2.472  -17.047 1.193   1.00 17.54 ? 1101 CYS A C   1 
ATOM   1138 O O   . CYS A 1 123 ? -1.288  -17.400 1.078   1.00 17.81 ? 1101 CYS A O   1 
ATOM   1139 C CB  . CYS A 1 123 ? -3.419  -15.311 -0.410  1.00 16.05 ? 1101 CYS A CB  1 
ATOM   1140 S SG  . CYS A 1 123 ? -4.058  -14.927 -2.057  1.00 17.27 ? 1101 CYS A SG  1 
ATOM   1141 N N   . GLU A 1 124 ? -3.055  -16.830 2.363   1.00 16.93 ? 1102 GLU A N   1 
ATOM   1142 C CA  . GLU A 1 124 ? -2.365  -16.948 3.687   1.00 18.83 ? 1102 GLU A CA  1 
ATOM   1143 C C   . GLU A 1 124 ? -1.882  -18.402 3.860   1.00 21.77 ? 1102 GLU A C   1 
ATOM   1144 O O   . GLU A 1 124 ? -0.695  -18.679 4.303   1.00 23.23 ? 1102 GLU A O   1 
ATOM   1145 C CB  . GLU A 1 124 ? -3.217  -16.423 4.840   1.00 21.19 ? 1102 GLU A CB  1 
ATOM   1146 C CG  . GLU A 1 124 ? -3.430  -14.904 4.843   1.00 27.13 ? 1102 GLU A CG  1 
ATOM   1147 C CD  . GLU A 1 124 ? -4.276  -14.212 5.932   1.00 40.42 ? 1102 GLU A CD  1 
ATOM   1148 O OE1 . GLU A 1 124 ? -4.491  -14.895 6.919   1.00 41.10 ? 1102 GLU A OE1 1 
ATOM   1149 O OE2 . GLU A 1 124 ? -4.734  -12.940 5.800   1.00 31.71 ? 1102 GLU A OE2 1 
ATOM   1150 N N   . GLU A 1 125 ? -2.723  -19.390 3.518   1.00 19.93 ? 1103 GLU A N   1 
ATOM   1151 C CA  . GLU A 1 125 ? -2.379  -20.831 3.677   1.00 19.32 ? 1103 GLU A CA  1 
ATOM   1152 C C   . GLU A 1 125 ? -1.309  -21.273 2.686   1.00 23.29 ? 1103 GLU A C   1 
ATOM   1153 O O   . GLU A 1 125 ? -0.359  -22.033 3.121   1.00 26.90 ? 1103 GLU A O   1 
ATOM   1154 C CB  . GLU A 1 125 ? -3.657  -21.712 3.714   1.00 17.74 ? 1103 GLU A CB  1 
ATOM   1155 C CG  . GLU A 1 125 ? -4.482  -21.493 4.947   1.00 17.66 ? 1103 GLU A CG  1 
ATOM   1156 C CD  . GLU A 1 125 ? -5.779  -22.271 5.211   1.00 18.15 ? 1103 GLU A CD  1 
ATOM   1157 O OE1 . GLU A 1 125 ? -6.080  -23.167 4.419   1.00 19.99 ? 1103 GLU A OE1 1 
ATOM   1158 O OE2 . GLU A 1 125 ? -6.472  -21.920 6.195   1.00 21.15 ? 1103 GLU A OE2 1 
ATOM   1159 N N   . ILE A 1 126 ? -1.310  -20.831 1.442   1.00 20.05 ? 1104 ILE A N   1 
ATOM   1160 C CA  . ILE A 1 126 ? -0.203  -21.129 0.514   1.00 19.75 ? 1104 ILE A CA  1 
ATOM   1161 C C   . ILE A 1 126 ? 1.078   -20.490 1.109   1.00 25.05 ? 1104 ILE A C   1 
ATOM   1162 O O   . ILE A 1 126 ? 2.115   -21.191 1.171   1.00 29.30 ? 1104 ILE A O   1 
ATOM   1163 C CB  . ILE A 1 126 ? -0.494  -20.622 -0.901  1.00 21.16 ? 1104 ILE A CB  1 
ATOM   1164 C CG1 . ILE A 1 126 ? -1.800  -21.161 -1.508  1.00 20.68 ? 1104 ILE A CG1 1 
ATOM   1165 C CG2 . ILE A 1 126 ? 0.704   -20.904 -1.772  1.00 21.26 ? 1104 ILE A CG2 1 
ATOM   1166 C CD1 . ILE A 1 126 ? -2.307  -20.474 -2.742  1.00 21.70 ? 1104 ILE A CD1 1 
ATOM   1167 N N   . GLN A 1 127 ? 1.055   -19.196 1.489   1.00 26.00 ? 1105 GLN A N   1 
ATOM   1168 C CA  . GLN A 1 127 ? 2.267   -18.460 2.051   1.00 28.13 ? 1105 GLN A CA  1 
ATOM   1169 C C   . GLN A 1 127 ? 2.886   -19.277 3.215   1.00 30.97 ? 1105 GLN A C   1 
ATOM   1170 O O   . GLN A 1 127 ? 4.157   -19.499 3.245   1.00 30.10 ? 1105 GLN A O   1 
ATOM   1171 C CB  . GLN A 1 127 ? 1.907   -17.015 2.462   1.00 27.43 ? 1105 GLN A CB  1 
ATOM   1172 C CG  . GLN A 1 127 ? 3.020   -16.206 3.184   1.00 33.09 ? 1105 GLN A CG  1 
ATOM   1173 C CD  . GLN A 1 127 ? 2.578   -14.834 3.661   1.00 35.44 ? 1105 GLN A CD  1 
ATOM   1174 O OE1 . GLN A 1 127 ? 1.672   -14.678 4.495   1.00 37.08 ? 1105 GLN A OE1 1 
ATOM   1175 N NE2 . GLN A 1 127 ? 3.226   -13.782 3.167   1.00 37.00 ? 1105 GLN A NE2 1 
ATOM   1176 N N   A GLU A 1 128 ? 2.050   -19.700 4.167   0.15 32.11 ? 1106 GLU A N   1 
ATOM   1177 N N   B GLU A 1 128 ? 2.040   -19.743 4.140   0.20 29.86 ? 1106 GLU A N   1 
ATOM   1178 N N   C GLU A 1 128 ? 2.050   -19.700 4.167   0.15 32.11 ? 1106 GLU A N   1 
ATOM   1179 C CA  A GLU A 1 128 ? 2.475   -20.467 5.372   0.15 35.02 ? 1106 GLU A CA  1 
ATOM   1180 C CA  B GLU A 1 128 ? 2.454   -20.461 5.381   0.20 31.81 ? 1106 GLU A CA  1 
ATOM   1181 C CA  C GLU A 1 128 ? 2.475   -20.467 5.372   0.15 35.02 ? 1106 GLU A CA  1 
ATOM   1182 C C   A GLU A 1 128 ? 3.178   -21.762 4.942   0.15 36.73 ? 1106 GLU A C   1 
ATOM   1183 C C   B GLU A 1 128 ? 3.022   -21.849 5.058   0.20 35.43 ? 1106 GLU A C   1 
ATOM   1184 C C   C GLU A 1 128 ? 3.178   -21.762 4.942   0.15 36.73 ? 1106 GLU A C   1 
ATOM   1185 O O   A GLU A 1 128 ? 4.216   -22.114 5.562   0.15 36.72 ? 1106 GLU A O   1 
ATOM   1186 O O   B GLU A 1 128 ? 3.746   -22.396 5.935   0.20 35.78 ? 1106 GLU A O   1 
ATOM   1187 O O   C GLU A 1 128 ? 4.216   -22.114 5.562   0.15 36.72 ? 1106 GLU A O   1 
ATOM   1188 C CB  A GLU A 1 128 ? 1.266   -20.728 6.271   0.15 37.04 ? 1106 GLU A CB  1 
ATOM   1189 C CB  B GLU A 1 128 ? 1.281   -20.604 6.353   0.20 31.39 ? 1106 GLU A CB  1 
ATOM   1190 C CB  C GLU A 1 128 ? 1.266   -20.728 6.271   0.15 37.04 ? 1106 GLU A CB  1 
ATOM   1191 C CG  A GLU A 1 128 ? 1.149   -19.726 7.404   0.15 39.76 ? 1106 GLU A CG  1 
ATOM   1192 C CG  B GLU A 1 128 ? 1.609   -21.484 7.551   0.20 31.85 ? 1106 GLU A CG  1 
ATOM   1193 C CG  C GLU A 1 128 ? 1.149   -19.726 7.404   0.15 39.76 ? 1106 GLU A CG  1 
ATOM   1194 C CD  A GLU A 1 128 ? -0.251  -19.213 7.682   0.15 42.73 ? 1106 GLU A CD  1 
ATOM   1195 C CD  B GLU A 1 128 ? 2.681   -20.922 8.467   0.20 33.49 ? 1106 GLU A CD  1 
ATOM   1196 C CD  C GLU A 1 128 ? -0.251  -19.213 7.682   0.15 42.73 ? 1106 GLU A CD  1 
ATOM   1197 O OE1 A GLU A 1 128 ? -1.226  -19.975 7.472   0.15 41.89 ? 1106 GLU A OE1 1 
ATOM   1198 O OE1 B GLU A 1 128 ? 3.378   -21.719 9.125   0.20 35.18 ? 1106 GLU A OE1 1 
ATOM   1199 O OE1 C GLU A 1 128 ? -1.226  -19.975 7.472   0.15 41.89 ? 1106 GLU A OE1 1 
ATOM   1200 O OE2 A GLU A 1 128 ? -0.365  -18.042 8.095   0.15 44.28 ? 1106 GLU A OE2 1 
ATOM   1201 O OE2 B GLU A 1 128 ? 2.807   -19.690 8.531   0.20 34.68 ? 1106 GLU A OE2 1 
ATOM   1202 O OE2 C GLU A 1 128 ? -0.365  -18.042 8.095   0.15 44.28 ? 1106 GLU A OE2 1 
ATOM   1203 N N   . SER A 1 129 ? 2.668   -22.423 3.900   1.00 36.51 ? 1107 SER A N   1 
ATOM   1204 C CA  . SER A 1 129 ? 3.201   -23.733 3.423   1.00 39.04 ? 1107 SER A CA  1 
ATOM   1205 C C   . SER A 1 129 ? 4.584   -23.614 2.764   1.00 46.30 ? 1107 SER A C   1 
ATOM   1206 O O   . SER A 1 129 ? 5.127   -24.676 2.419   1.00 47.57 ? 1107 SER A O   1 
ATOM   1207 C CB  . SER A 1 129 ? 2.256   -24.400 2.449   1.00 36.65 ? 1107 SER A CB  1 
ATOM   1208 O OG  . SER A 1 129 ? 2.446   -23.849 1.129   1.00 37.81 ? 1107 SER A OG  1 
ATOM   1209 N N   . ARG A 1 130 ? 5.104   -22.415 2.493   1.00 46.57 ? 1108 ARG A N   1 
ATOM   1210 C CA  . ARG A 1 130 ? 6.332   -22.253 1.672   1.00 49.24 ? 1108 ARG A CA  1 
ATOM   1211 C C   . ARG A 1 130 ? 7.565   -22.219 2.583   1.00 58.36 ? 1108 ARG A C   1 
ATOM   1212 O O   . ARG A 1 130 ? 7.475   -22.030 3.818   1.00 56.59 ? 1108 ARG A O   1 
ATOM   1213 C CB  . ARG A 1 130 ? 6.239   -21.004 0.794   1.00 49.78 ? 1108 ARG A CB  1 
ATOM   1214 C CG  . ARG A 1 130 ? 5.033   -21.074 -0.130  1.00 54.87 ? 1108 ARG A CG  1 
ATOM   1215 C CD  . ARG A 1 130 ? 5.323   -20.736 -1.568  1.00 54.87 ? 1108 ARG A CD  1 
ATOM   1216 N NE  . ARG A 1 130 ? 4.429   -21.453 -2.484  1.00 49.56 ? 1108 ARG A NE  1 
ATOM   1217 C CZ  . ARG A 1 130 ? 4.119   -21.031 -3.712  1.00 46.20 ? 1108 ARG A CZ  1 
ATOM   1218 N NH1 . ARG A 1 130 ? 4.676   -19.918 -4.176  1.00 58.51 ? 1108 ARG A NH1 1 
ATOM   1219 N NH2 . ARG A 1 130 ? 3.302   -21.731 -4.491  1.00 38.14 ? 1108 ARG A NH2 1 
ATOM   1220 O OXT . ARG A 1 130 ? 8.661   -22.408 2.008   1.00 59.87 ? 1108 ARG A OXT 1 
HETATM 1221 S S   . SO4 B 2 .   ? -5.413  24.849  18.191  1.00 30.03 ? 1201 SO4 A S   1 
HETATM 1222 O O1  . SO4 B 2 .   ? -5.294  26.207  18.564  1.00 31.76 ? 1201 SO4 A O1  1 
HETATM 1223 O O2  . SO4 B 2 .   ? -4.155  24.494  17.547  1.00 30.62 ? 1201 SO4 A O2  1 
HETATM 1224 O O3  . SO4 B 2 .   ? -5.841  24.050  19.224  1.00 27.34 ? 1201 SO4 A O3  1 
HETATM 1225 O O4  . SO4 B 2 .   ? -6.451  24.769  17.139  1.00 35.19 ? 1201 SO4 A O4  1 
HETATM 1226 S S   . SO4 C 2 .   ? 11.606  -5.953  1.393   0.50 32.56 ? 1202 SO4 A S   1 
HETATM 1227 O O1  . SO4 C 2 .   ? 12.255  -6.758  2.419   0.50 33.43 ? 1202 SO4 A O1  1 
HETATM 1228 O O2  . SO4 C 2 .   ? 11.244  -4.670  1.973   0.50 30.79 ? 1202 SO4 A O2  1 
HETATM 1229 O O3  . SO4 C 2 .   ? 10.399  -6.626  0.902   0.50 32.63 ? 1202 SO4 A O3  1 
HETATM 1230 O O4  . SO4 C 2 .   ? 12.502  -5.753  0.275   0.50 31.13 ? 1202 SO4 A O4  1 
HETATM 1231 C C1  . EDO D 3 .   ? -10.311 -10.758 -4.626  1.00 28.83 ? 1203 EDO A C1  1 
HETATM 1232 O O1  . EDO D 3 .   ? -11.359 -11.629 -4.188  1.00 24.05 ? 1203 EDO A O1  1 
HETATM 1233 C C2  . EDO D 3 .   ? -9.471  -11.403 -5.730  1.00 20.03 ? 1203 EDO A C2  1 
HETATM 1234 O O2  . EDO D 3 .   ? -10.118 -11.377 -6.979  1.00 21.67 ? 1203 EDO A O2  1 
HETATM 1235 C C1  . EDO E 3 .   ? -16.298 -9.954  -4.552  1.00 46.99 ? 1204 EDO A C1  1 
HETATM 1236 O O1  . EDO E 3 .   ? -17.315 -10.864 -4.999  1.00 51.37 ? 1204 EDO A O1  1 
HETATM 1237 C C2  . EDO E 3 .   ? -15.856 -10.237 -3.167  1.00 51.88 ? 1204 EDO A C2  1 
HETATM 1238 O O2  . EDO E 3 .   ? -16.799 -9.865  -2.180  1.00 54.06 ? 1204 EDO A O2  1 
HETATM 1239 C C1  . EDO F 3 .   ? 10.373  -0.671  -5.267  1.00 27.73 ? 1205 EDO A C1  1 
HETATM 1240 O O1  . EDO F 3 .   ? 10.563  -0.540  -3.859  1.00 29.50 ? 1205 EDO A O1  1 
HETATM 1241 C C2  . EDO F 3 .   ? 11.524  -1.380  -6.006  1.00 26.80 ? 1205 EDO A C2  1 
HETATM 1242 O O2  . EDO F 3 .   ? 12.623  -0.475  -6.020  1.00 32.12 ? 1205 EDO A O2  1 
HETATM 1243 C C1  . EDO G 3 .   ? 5.345   20.674  -3.674  0.62 68.78 ? 1206 EDO A C1  1 
HETATM 1244 O O1  . EDO G 3 .   ? 6.235   19.599  -3.904  0.62 67.63 ? 1206 EDO A O1  1 
HETATM 1245 C C2  . EDO G 3 .   ? 5.946   21.762  -2.866  0.62 68.42 ? 1206 EDO A C2  1 
HETATM 1246 O O2  . EDO G 3 .   ? 5.005   22.733  -2.457  0.62 69.02 ? 1206 EDO A O2  1 
HETATM 1247 C C13 . RKG H 4 .   ? 7.068   18.291  -0.028  0.62 28.01 ? 1207 RKG A C13 1 
HETATM 1248 C C01 . RKG H 4 .   ? 3.920   12.648  1.775   0.62 13.31 ? 1207 RKG A C01 1 
HETATM 1249 C C03 . RKG H 4 .   ? 5.110   14.439  2.673   0.62 15.68 ? 1207 RKG A C03 1 
HETATM 1250 C C06 . RKG H 4 .   ? 6.819   16.337  3.149   0.62 22.28 ? 1207 RKG A C06 1 
HETATM 1251 C C07 . RKG H 4 .   ? 7.011   17.784  2.406   0.62 25.98 ? 1207 RKG A C07 1 
HETATM 1252 C C08 . RKG H 4 .   ? 6.565   18.786  3.194   0.62 30.02 ? 1207 RKG A C08 1 
HETATM 1253 C C09 . RKG H 4 .   ? 5.885   19.700  2.389   0.62 31.42 ? 1207 RKG A C09 1 
HETATM 1254 C C11 . RKG H 4 .   ? 6.284   17.745  1.191   0.62 24.53 ? 1207 RKG A C11 1 
HETATM 1255 C C12 . RKG H 4 .   ? 5.680   16.261  0.977   0.62 21.51 ? 1207 RKG A C12 1 
HETATM 1256 C C14 . RKG H 4 .   ? 7.410   19.764  0.334   0.62 33.20 ? 1207 RKG A C14 1 
HETATM 1257 C C16 . RKG H 4 .   ? 8.158   21.821  0.506   0.62 37.56 ? 1207 RKG A C16 1 
HETATM 1258 C C18 . RKG H 4 .   ? 6.803   20.405  1.522   0.62 34.38 ? 1207 RKG A C18 1 
HETATM 1259 N N05 . RKG H 4 .   ? 5.683   15.729  2.384   0.62 18.06 ? 1207 RKG A N05 1 
HETATM 1260 N N15 . RKG H 4 .   ? 8.212   20.658  -0.244  0.62 37.73 ? 1207 RKG A N15 1 
HETATM 1261 N N17 . RKG H 4 .   ? 7.302   21.653  1.573   0.62 41.06 ? 1207 RKG A N17 1 
HETATM 1262 O O02 . RKG H 4 .   ? 4.543   13.903  1.510   0.62 13.89 ? 1207 RKG A O02 1 
HETATM 1263 O O04 . RKG H 4 .   ? 5.174   13.973  3.773   0.62 12.21 ? 1207 RKG A O04 1 
HETATM 1264 O O10 . RKG H 4 .   ? 5.033   18.677  1.459   0.62 28.66 ? 1207 RKG A O10 1 
HETATM 1265 C C1  . EDO I 3 .   ? 5.937   14.451  -2.225  0.62 30.80 ? 1208 EDO A C1  1 
HETATM 1266 O O1  . EDO I 3 .   ? 6.628   15.691  -2.290  0.62 32.21 ? 1208 EDO A O1  1 
HETATM 1267 C C2  . EDO I 3 .   ? 5.731   13.807  -3.540  0.62 29.50 ? 1208 EDO A C2  1 
HETATM 1268 O O2  . EDO I 3 .   ? 6.879   13.733  -4.374  0.62 30.79 ? 1208 EDO A O2  1 
HETATM 1269 O O   . HOH J 5 .   ? 8.694   16.099  -2.662  1.00 34.78 ? 1301 HOH A O   1 
HETATM 1270 O O   . HOH J 5 .   ? 12.302  17.769  10.253  1.00 48.72 ? 1302 HOH A O   1 
HETATM 1271 O O   . HOH J 5 .   ? -7.120  27.361  17.944  1.00 36.08 ? 1303 HOH A O   1 
HETATM 1272 O O   . HOH J 5 .   ? -2.715  -10.973 -18.778 1.00 26.96 ? 1304 HOH A O   1 
HETATM 1273 O O   . HOH J 5 .   ? 3.638   14.439  -6.837  0.62 41.20 ? 1305 HOH A O   1 
HETATM 1274 O O   . HOH J 5 .   ? 3.899   -16.209 -8.287  1.00 44.79 ? 1306 HOH A O   1 
HETATM 1275 O O   . HOH J 5 .   ? -0.909  -2.982  8.557   1.00 33.19 ? 1307 HOH A O   1 
HETATM 1276 O O   . HOH J 5 .   ? -16.351 -0.654  -3.933  1.00 36.58 ? 1308 HOH A O   1 
HETATM 1277 O O   . HOH J 5 .   ? -2.481  -26.634 -5.604  1.00 47.06 ? 1309 HOH A O   1 
HETATM 1278 O O   . HOH J 5 .   ? 2.536   7.760   12.868  1.00 42.51 ? 1310 HOH A O   1 
HETATM 1279 O O   . HOH J 5 .   ? -8.413  0.531   -11.388 1.00 40.94 ? 1311 HOH A O   1 
HETATM 1280 O O   . HOH J 5 .   ? 0.379   -16.323 5.889   1.00 47.99 ? 1312 HOH A O   1 
HETATM 1281 O O   . HOH J 5 .   ? 3.868   19.472  16.704  1.00 43.66 ? 1313 HOH A O   1 
HETATM 1282 O O   . HOH J 5 .   ? 5.422   -13.205 2.068   1.00 64.88 ? 1314 HOH A O   1 
HETATM 1283 O O   . HOH J 5 .   ? 0.438   -24.991 -0.337  1.00 35.60 ? 1315 HOH A O   1 
HETATM 1284 O O   . HOH J 5 .   ? 5.881   20.228  10.579  1.00 30.71 ? 1316 HOH A O   1 
HETATM 1285 O O   . HOH J 5 .   ? 2.668   -2.541  -13.606 1.00 40.22 ? 1317 HOH A O   1 
HETATM 1286 O O   . HOH J 5 .   ? -1.716  -22.496 7.359   1.00 36.83 ? 1318 HOH A O   1 
HETATM 1287 O O   . HOH J 5 .   ? 11.383  -0.494  1.983   1.00 21.07 ? 1319 HOH A O   1 
HETATM 1288 O O   . HOH J 5 .   ? -0.621  -23.908 4.892   1.00 30.13 ? 1320 HOH A O   1 
HETATM 1289 O O   . HOH J 5 .   ? 2.614   -15.931 -12.786 1.00 60.29 ? 1321 HOH A O   1 
HETATM 1290 O O   . HOH J 5 .   ? 2.274   11.927  -9.880  1.00 43.12 ? 1322 HOH A O   1 
HETATM 1291 O O   . HOH J 5 .   ? 6.488   13.427  14.823  1.00 33.42 ? 1323 HOH A O   1 
HETATM 1292 O O   . HOH J 5 .   ? -0.667  19.974  2.923   0.62 28.59 ? 1324 HOH A O   1 
HETATM 1293 O O   . HOH J 5 .   ? 4.675   17.648  -3.114  1.00 47.48 ? 1325 HOH A O   1 
HETATM 1294 O O   . HOH J 5 .   ? 2.714   24.861  13.007  1.00 43.80 ? 1326 HOH A O   1 
HETATM 1295 O O   . HOH J 5 .   ? -3.783  -16.165 -14.486 0.50 33.96 ? 1327 HOH A O   1 
HETATM 1296 O O   . HOH J 5 .   ? -10.130 8.659   9.617   1.00 54.73 ? 1328 HOH A O   1 
HETATM 1297 O O   . HOH J 5 .   ? 6.867   -2.426  -12.452 1.00 25.61 ? 1329 HOH A O   1 
HETATM 1298 O O   . HOH J 5 .   ? 9.274   0.237   8.856   1.00 29.28 ? 1330 HOH A O   1 
HETATM 1299 O O   . HOH J 5 .   ? 3.535   -23.833 -1.730  1.00 53.35 ? 1331 HOH A O   1 
HETATM 1300 O O   . HOH J 5 .   ? 5.335   11.378  4.627   1.00 17.17 ? 1332 HOH A O   1 
HETATM 1301 O O   . HOH J 5 .   ? 4.653   -5.509  3.413   1.00 35.23 ? 1333 HOH A O   1 
HETATM 1302 O O   . HOH J 5 .   ? 0.181   -12.163 5.480   1.00 34.27 ? 1334 HOH A O   1 
HETATM 1303 O O   . HOH J 5 .   ? -1.883  0.282   -10.628 1.00 43.34 ? 1335 HOH A O   1 
HETATM 1304 O O   . HOH J 5 .   ? -10.911 9.278   6.141   1.00 40.45 ? 1336 HOH A O   1 
HETATM 1305 O O   . HOH J 5 .   ? -6.650  -21.006 -12.264 1.00 39.32 ? 1337 HOH A O   1 
HETATM 1306 O O   . HOH J 5 .   ? 5.095   10.735  -1.179  1.00 21.40 ? 1338 HOH A O   1 
HETATM 1307 O O   . HOH J 5 .   ? 14.190  -3.688  -0.017  1.00 18.98 ? 1339 HOH A O   1 
HETATM 1308 O O   . HOH J 5 .   ? 14.753  -1.024  -4.472  1.00 24.15 ? 1340 HOH A O   1 
HETATM 1309 O O   . HOH J 5 .   ? -4.137  17.502  -5.881  1.00 37.50 ? 1341 HOH A O   1 
HETATM 1310 O O   . HOH J 5 .   ? 2.881   -0.538  8.483   1.00 21.15 ? 1342 HOH A O   1 
HETATM 1311 O O   . HOH J 5 .   ? -12.736 7.948   -0.627  1.00 28.87 ? 1343 HOH A O   1 
HETATM 1312 O O   . HOH J 5 .   ? 15.426  7.018   5.241   1.00 28.97 ? 1344 HOH A O   1 
HETATM 1313 O O   . HOH J 5 .   ? -10.313 6.969   -8.126  1.00 29.16 ? 1345 HOH A O   1 
HETATM 1314 O O   . HOH J 5 .   ? 4.550   8.989   0.730   1.00 21.30 ? 1346 HOH A O   1 
HETATM 1315 O O   . HOH J 5 .   ? 5.708   19.483  7.410   1.00 29.16 ? 1347 HOH A O   1 
HETATM 1316 O O   . HOH J 5 .   ? -7.398  -19.265 -6.777  1.00 27.20 ? 1348 HOH A O   1 
HETATM 1317 O O   . HOH J 5 .   ? 7.056   8.184   2.670   1.00 17.73 ? 1349 HOH A O   1 
HETATM 1318 O O   . HOH J 5 .   ? 7.883   -13.770 -4.133  1.00 49.48 ? 1350 HOH A O   1 
HETATM 1319 O O   . HOH J 5 .   ? 11.318  -8.021  4.643   1.00 38.06 ? 1351 HOH A O   1 
HETATM 1320 O O   . HOH J 5 .   ? -6.341  -22.432 8.869   1.00 35.34 ? 1352 HOH A O   1 
HETATM 1321 O O   . HOH J 5 .   ? 0.070   15.430  15.454  1.00 33.58 ? 1353 HOH A O   1 
HETATM 1322 O O   . HOH J 5 .   ? -12.301 2.275   5.926   1.00 24.21 ? 1354 HOH A O   1 
HETATM 1323 O O   . HOH J 5 .   ? 0.931   13.197  14.129  1.00 28.08 ? 1355 HOH A O   1 
HETATM 1324 O O   . HOH J 5 .   ? 7.996   -2.333  3.182   1.00 21.25 ? 1356 HOH A O   1 
HETATM 1325 O O   . HOH J 5 .   ? 9.066   6.486   -1.114  1.00 19.89 ? 1357 HOH A O   1 
HETATM 1326 O O   . HOH J 5 .   ? -11.755 -15.146 -7.135  1.00 20.68 ? 1358 HOH A O   1 
HETATM 1327 O O   . HOH J 5 .   ? -3.387  11.696  -7.714  1.00 20.27 ? 1359 HOH A O   1 
HETATM 1328 O O   . HOH J 5 .   ? -11.970 -18.157 5.357   1.00 33.39 ? 1360 HOH A O   1 
HETATM 1329 O O   . HOH J 5 .   ? -5.713  22.622  6.643   1.00 20.65 ? 1361 HOH A O   1 
HETATM 1330 O O   . HOH J 5 .   ? 9.690   2.252   -8.063  1.00 30.63 ? 1362 HOH A O   1 
HETATM 1331 O O   . HOH J 5 .   ? -13.123 -8.110  -6.656  1.00 21.53 ? 1363 HOH A O   1 
HETATM 1332 O O   . HOH J 5 .   ? 10.008  -3.185  7.129   1.00 41.56 ? 1364 HOH A O   1 
HETATM 1333 O O   . HOH J 5 .   ? -11.014 -9.057  -8.215  1.00 16.90 ? 1365 HOH A O   1 
HETATM 1334 O O   . HOH J 5 .   ? -5.124  -4.872  -12.611 1.00 13.85 ? 1366 HOH A O   1 
HETATM 1335 O O   . HOH J 5 .   ? 2.880   1.875   9.808   1.00 23.90 ? 1367 HOH A O   1 
HETATM 1336 O O   . HOH J 5 .   ? 6.001   5.501   10.048  1.00 21.20 ? 1368 HOH A O   1 
HETATM 1337 O O   . HOH J 5 .   ? -7.126  21.582  19.428  1.00 56.10 ? 1369 HOH A O   1 
HETATM 1338 O O   . HOH J 5 .   ? 7.757   -6.129  1.659   1.00 30.80 ? 1370 HOH A O   1 
HETATM 1339 O O   . HOH J 5 .   ? 11.395  -10.146 -5.592  1.00 46.80 ? 1371 HOH A O   1 
HETATM 1340 O O   . HOH J 5 .   ? -1.165  27.742  12.835  1.00 27.71 ? 1372 HOH A O   1 
HETATM 1341 O O   . HOH J 5 .   ? -16.448 -1.065  2.593   1.00 32.12 ? 1373 HOH A O   1 
HETATM 1342 O O   . HOH J 5 .   ? 13.040  9.693   13.423  1.00 44.06 ? 1374 HOH A O   1 
HETATM 1343 O O   . HOH J 5 .   ? 9.233   4.583   -7.037  1.00 38.15 ? 1375 HOH A O   1 
HETATM 1344 O O   . HOH J 5 .   ? 7.971   18.807  9.515   0.62 33.30 ? 1376 HOH A O   1 
HETATM 1345 O O   . HOH J 5 .   ? 17.980  7.563   8.002   1.00 45.96 ? 1377 HOH A O   1 
HETATM 1346 O O   . HOH J 5 .   ? 3.729   9.601   3.326   1.00 18.30 ? 1378 HOH A O   1 
HETATM 1347 O O   . HOH J 5 .   ? 4.054   4.061   13.488  1.00 56.51 ? 1379 HOH A O   1 
HETATM 1348 O O   . HOH J 5 .   ? -8.837  14.967  2.385   1.00 21.29 ? 1380 HOH A O   1 
HETATM 1349 O O   . HOH J 5 .   ? 11.178  -2.876  -2.398  1.00 24.77 ? 1381 HOH A O   1 
HETATM 1350 O O   . HOH J 5 .   ? -9.511  -4.715  -7.763  1.00 27.77 ? 1382 HOH A O   1 
HETATM 1351 O O   . HOH J 5 .   ? -15.948 -13.718 -4.712  1.00 32.92 ? 1383 HOH A O   1 
HETATM 1352 O O   . HOH J 5 .   ? 7.409   19.378  14.035  1.00 33.66 ? 1384 HOH A O   1 
HETATM 1353 O O   . HOH J 5 .   ? -9.606  -13.749 5.295   1.00 34.60 ? 1385 HOH A O   1 
HETATM 1354 O O   . HOH J 5 .   ? -0.576  19.356  16.223  1.00 33.81 ? 1386 HOH A O   1 
HETATM 1355 O O   . HOH J 5 .   ? -1.713  -5.403  7.392   1.00 28.22 ? 1387 HOH A O   1 
HETATM 1356 O O   . HOH J 5 .   ? 2.215   -16.308 -9.845  1.00 25.58 ? 1388 HOH A O   1 
HETATM 1357 O O   . HOH J 5 .   ? -10.961 13.339  -5.483  1.00 46.41 ? 1389 HOH A O   1 
HETATM 1358 O O   . HOH J 5 .   ? -5.666  12.507  -11.360 1.00 52.03 ? 1390 HOH A O   1 
HETATM 1359 O O   . HOH J 5 .   ? 0.294   25.952  6.771   1.00 45.33 ? 1391 HOH A O   1 
HETATM 1360 O O   . HOH J 5 .   ? 6.000   2.233   -10.547 1.00 27.18 ? 1392 HOH A O   1 
HETATM 1361 O O   . HOH J 5 .   ? -9.671  11.845  6.481   1.00 25.10 ? 1393 HOH A O   1 
HETATM 1362 O O   . HOH J 5 .   ? -10.902 -3.881  5.131   1.00 30.49 ? 1394 HOH A O   1 
HETATM 1363 O O   . HOH J 5 .   ? -3.105  19.668  15.248  1.00 28.55 ? 1395 HOH A O   1 
HETATM 1364 O O   . HOH J 5 .   ? 5.394   -2.444  5.648   1.00 31.87 ? 1396 HOH A O   1 
HETATM 1365 O O   . HOH J 5 .   ? -4.805  24.725  11.031  1.00 23.01 ? 1397 HOH A O   1 
HETATM 1366 O O   . HOH J 5 .   ? 4.090   12.522  -5.269  1.00 45.05 ? 1398 HOH A O   1 
HETATM 1367 O O   . HOH J 5 .   ? 3.219   19.068  -0.753  0.62 31.30 ? 1399 HOH A O   1 
HETATM 1368 O O   . HOH J 5 .   ? -1.457  9.552   -10.889 1.00 35.18 ? 1400 HOH A O   1 
HETATM 1369 O O   . HOH J 5 .   ? -7.387  -14.433 6.113   1.00 40.70 ? 1401 HOH A O   1 
HETATM 1370 O O   . HOH J 5 .   ? -13.773 3.089   -5.777  1.00 45.33 ? 1402 HOH A O   1 
HETATM 1371 O O   . HOH J 5 .   ? 9.446   5.011   8.348   1.00 17.43 ? 1403 HOH A O   1 
HETATM 1372 O O   . HOH J 5 .   ? 10.221  11.995  -6.392  1.00 38.87 ? 1404 HOH A O   1 
HETATM 1373 O O   . HOH J 5 .   ? -6.162  16.650  10.058  1.00 35.83 ? 1405 HOH A O   1 
HETATM 1374 O O   . HOH J 5 .   ? 15.495  13.351  2.221   1.00 33.94 ? 1406 HOH A O   1 
HETATM 1375 O O   . HOH J 5 .   ? -15.994 -12.276 1.828   1.00 32.65 ? 1407 HOH A O   1 
HETATM 1376 O O   . HOH J 5 .   ? -13.184 10.059  2.070   1.00 43.94 ? 1408 HOH A O   1 
HETATM 1377 O O   . HOH J 5 .   ? 14.668  6.389   0.348   1.00 45.86 ? 1409 HOH A O   1 
HETATM 1378 O O   . HOH J 5 .   ? 16.841  4.723   6.849   1.00 25.76 ? 1410 HOH A O   1 
HETATM 1379 O O   . HOH J 5 .   ? -3.392  -1.168  10.839  1.00 53.41 ? 1411 HOH A O   1 
HETATM 1380 O O   . HOH J 5 .   ? -2.253  15.443  -2.683  1.00 20.62 ? 1412 HOH A O   1 
HETATM 1381 O O   . HOH J 5 .   ? -12.183 -13.052 -10.271 1.00 15.45 ? 1413 HOH A O   1 
HETATM 1382 O O   . HOH J 5 .   ? -1.261  3.797   9.533   1.00 31.10 ? 1414 HOH A O   1 
HETATM 1383 O O   . HOH J 5 .   ? -16.668 -17.091 -0.288  1.00 42.03 ? 1415 HOH A O   1 
HETATM 1384 O O   . HOH J 5 .   ? 8.225   -10.860 -0.070  1.00 37.82 ? 1416 HOH A O   1 
HETATM 1385 O O   . HOH J 5 .   ? 12.232  -9.794  -1.423  1.00 47.93 ? 1417 HOH A O   1 
HETATM 1386 O O   . HOH J 5 .   ? -13.354 -13.089 -5.813  1.00 32.24 ? 1418 HOH A O   1 
HETATM 1387 O O   . HOH J 5 .   ? 12.277  1.470   -8.230  1.00 33.70 ? 1419 HOH A O   1 
HETATM 1388 O O   . HOH J 5 .   ? 9.034   -10.446 -10.881 1.00 35.05 ? 1420 HOH A O   1 
HETATM 1389 O O   . HOH J 5 .   ? 19.261  5.798   11.412  1.00 32.13 ? 1421 HOH A O   1 
HETATM 1390 O O   . HOH J 5 .   ? 3.163   -8.926  -5.333  1.00 15.70 ? 1422 HOH A O   1 
HETATM 1391 O O   . HOH J 5 .   ? 5.929   -7.878  1.779   1.00 28.26 ? 1423 HOH A O   1 
HETATM 1392 O O   . HOH J 5 .   ? 5.076   -12.887 -13.319 1.00 43.21 ? 1424 HOH A O   1 
HETATM 1393 O O   . HOH J 5 .   ? 8.788   -3.687  -10.738 1.00 21.59 ? 1425 HOH A O   1 
HETATM 1394 O O   . HOH J 5 .   ? 8.707   8.900   0.056   1.00 21.37 ? 1426 HOH A O   1 
HETATM 1395 O O   . HOH J 5 .   ? 6.610   -8.425  -13.472 1.00 34.52 ? 1427 HOH A O   1 
HETATM 1396 O O   . HOH J 5 .   ? -10.159 12.833  -8.223  1.00 31.78 ? 1428 HOH A O   1 
HETATM 1397 O O   . HOH J 5 .   ? -4.152  -4.918  7.902   1.00 35.37 ? 1429 HOH A O   1 
HETATM 1398 O O   . HOH J 5 .   ? -2.142  24.940  19.763  1.00 34.95 ? 1430 HOH A O   1 
HETATM 1399 O O   . HOH J 5 .   ? 1.605   6.526   -8.476  1.00 32.93 ? 1431 HOH A O   1 
HETATM 1400 O O   . HOH J 5 .   ? 4.354   -23.228 -7.527  1.00 52.30 ? 1432 HOH A O   1 
HETATM 1401 O O   . HOH J 5 .   ? 0.470   -27.669 -3.182  1.00 49.07 ? 1433 HOH A O   1 
HETATM 1402 O O   . HOH J 5 .   ? 0.950   -28.092 -11.049 1.00 53.03 ? 1434 HOH A O   1 
HETATM 1403 O O   . HOH J 5 .   ? -9.755  2.172   8.073   1.00 49.50 ? 1435 HOH A O   1 
HETATM 1404 O O   . HOH J 5 .   ? -11.300 13.621  2.007   1.00 21.62 ? 1436 HOH A O   1 
HETATM 1405 O O   . HOH J 5 .   ? -1.090  17.736  1.134   0.62 18.71 ? 1437 HOH A O   1 
HETATM 1406 O O   . HOH J 5 .   ? 2.181   16.705  -5.119  0.62 39.25 ? 1438 HOH A O   1 
HETATM 1407 O O   . HOH J 5 .   ? -12.670 3.854   -7.507  1.00 32.53 ? 1439 HOH A O   1 
HETATM 1408 O O   . HOH J 5 .   ? 3.005   -12.321 -5.992  1.00 20.74 ? 1440 HOH A O   1 
HETATM 1409 O O   . HOH J 5 .   ? 7.710   -2.435  6.790   1.00 54.16 ? 1441 HOH A O   1 
HETATM 1410 O O   . HOH J 5 .   ? 10.483  6.420   10.570  1.00 23.19 ? 1442 HOH A O   1 
HETATM 1411 O O   . HOH J 5 .   ? 7.663   -15.599 -7.489  1.00 55.90 ? 1443 HOH A O   1 
HETATM 1412 O O   . HOH J 5 .   ? -4.593  -22.598 -5.173  1.00 35.21 ? 1444 HOH A O   1 
HETATM 1413 O O   . HOH J 5 .   ? -12.690 -8.575  2.924   1.00 47.75 ? 1445 HOH A O   1 
HETATM 1414 O O   . HOH J 5 .   ? -7.653  8.547   12.101  1.00 51.95 ? 1446 HOH A O   1 
HETATM 1415 O O   . HOH J 5 .   ? -9.877  6.679   -4.632  1.00 30.86 ? 1447 HOH A O   1 
HETATM 1416 O O   . HOH J 5 .   ? -4.978  0.900   9.909   1.00 42.15 ? 1448 HOH A O   1 
HETATM 1417 O O   . HOH J 5 .   ? 0.968   4.037   -8.604  1.00 39.54 ? 1449 HOH A O   1 
HETATM 1418 O O   . HOH J 5 .   ? 6.755   -18.411 -2.343  1.00 52.30 ? 1450 HOH A O   1 
HETATM 1419 O O   . HOH J 5 .   ? -8.061  -16.410 9.915   1.00 61.47 ? 1451 HOH A O   1 
HETATM 1420 O O   . HOH J 5 .   ? -3.597  21.229  -2.579  1.00 40.66 ? 1452 HOH A O   1 
HETATM 1421 O O   . HOH J 5 .   ? 2.136   22.867  16.593  1.00 21.53 ? 1453 HOH A O   1 
HETATM 1422 O O   . HOH J 5 .   ? -6.626  -21.646 -8.197  1.00 40.89 ? 1454 HOH A O   1 
HETATM 1423 O O   . HOH J 5 .   ? -17.431 0.869   0.743   1.00 56.40 ? 1455 HOH A O   1 
HETATM 1424 O O   . HOH J 5 .   ? -15.420 1.303   -1.162  1.00 48.86 ? 1456 HOH A O   1 
HETATM 1425 O O   . HOH J 5 .   ? -3.999  13.013  12.424  1.00 42.33 ? 1457 HOH A O   1 
HETATM 1426 O O   . HOH J 5 .   ? -4.538  15.125  14.313  1.00 72.09 ? 1458 HOH A O   1 
HETATM 1427 O O   . HOH J 5 .   ? -2.232  -21.653 -16.181 1.00 68.25 ? 1459 HOH A O   1 
HETATM 1428 O O   . HOH J 5 .   ? -11.987 8.244   3.333   1.00 43.44 ? 1460 HOH A O   1 
HETATM 1429 O O   . HOH J 5 .   ? 14.681  -8.602  -0.669  1.00 35.52 ? 1461 HOH A O   1 
HETATM 1430 O O   . HOH J 5 .   ? -18.392 0.457   -5.374  1.00 42.91 ? 1462 HOH A O   1 
HETATM 1431 O O   . HOH J 5 .   ? -4.888  -2.038  -12.907 1.00 26.59 ? 1463 HOH A O   1 
HETATM 1432 O O   . HOH J 5 .   ? -1.171  17.961  -3.586  0.62 33.73 ? 1464 HOH A O   1 
HETATM 1433 O O   . HOH J 5 .   ? 4.439   -14.827 -6.172  1.00 31.16 ? 1465 HOH A O   1 
HETATM 1434 O O   . HOH J 5 .   ? 9.135   -6.073  -12.180 1.00 24.46 ? 1466 HOH A O   1 
HETATM 1435 O O   . HOH J 5 .   ? -6.358  13.940  10.354  1.00 44.49 ? 1467 HOH A O   1 
HETATM 1436 O O   . HOH J 5 .   ? 6.535   0.272   -12.414 1.00 35.84 ? 1468 HOH A O   1 
HETATM 1437 O O   . HOH J 5 .   ? 1.554   -25.361 5.849   1.00 46.38 ? 1469 HOH A O   1 
HETATM 1438 O O   . HOH J 5 .   ? 3.080   12.265  15.604  1.00 52.24 ? 1470 HOH A O   1 
HETATM 1439 O O   . HOH J 5 .   ? -13.496 5.827   3.053   1.00 38.44 ? 1471 HOH A O   1 
HETATM 1440 O O   . HOH J 5 .   ? 1.001   -2.050  9.929   1.00 30.57 ? 1472 HOH A O   1 
HETATM 1441 O O   . HOH J 5 .   ? -13.599 -0.134  5.974   1.00 30.49 ? 1473 HOH A O   1 
HETATM 1442 O O   . HOH J 5 .   ? 3.346   3.654   -11.382 1.00 57.60 ? 1474 HOH A O   1 
HETATM 1443 O O   . HOH J 5 .   ? 1.841   27.673  8.844   1.00 51.34 ? 1475 HOH A O   1 
HETATM 1444 O O   . HOH J 5 .   ? -1.613  5.701   10.861  1.00 46.20 ? 1476 HOH A O   1 
HETATM 1445 O O   . HOH J 5 .   ? -18.365 -3.403  2.699   1.00 45.70 ? 1477 HOH A O   1 
HETATM 1446 O O   . HOH J 5 .   ? -11.677 -6.599  4.711   1.00 51.76 ? 1478 HOH A O   1 
HETATM 1447 O O   . HOH J 5 .   ? -10.848 9.625   -9.158  1.00 50.28 ? 1479 HOH A O   1 
HETATM 1448 O O   . HOH J 5 .   ? -10.460 11.849  8.962   1.00 56.94 ? 1480 HOH A O   1 
HETATM 1449 O O   . HOH J 5 .   ? -12.119 12.244  4.233   1.00 28.97 ? 1481 HOH A O   1 
HETATM 1450 O O   . HOH J 5 .   ? -15.156 10.601  1.072   1.00 69.40 ? 1482 HOH A O   1 
HETATM 1451 O O   . HOH J 5 .   ? 5.373   1.598   11.094  1.00 44.43 ? 1483 HOH A O   1 
HETATM 1452 O O   . HOH J 5 .   ? -14.189 4.092   5.900   1.00 40.87 ? 1484 HOH A O   1 
HETATM 1453 O O   . HOH J 5 .   ? -7.607  1.193   8.916   1.00 67.81 ? 1485 HOH A O   1 
HETATM 1454 O O   . HOH J 5 .   ? 5.726   18.091  17.754  1.00 53.69 ? 1486 HOH A O   1 
HETATM 1455 O O   . HOH J 5 .   ? 5.533   -1.497  8.271   1.00 45.33 ? 1487 HOH A O   1 
HETATM 1456 O O   . HOH J 5 .   ? 0.696   18.627  -1.029  0.62 28.35 ? 1488 HOH A O   1 
HETATM 1457 O O   . HOH J 5 .   ? 5.191   -15.473 -12.879 1.00 51.19 ? 1489 HOH A O   1 
HETATM 1458 O O   . HOH J 5 .   ? -12.275 -2.480  7.168   1.00 39.09 ? 1490 HOH A O   1 
HETATM 1459 O O   . HOH J 5 .   ? -9.614  -6.910  -9.535  1.00 17.39 ? 1491 HOH A O   1 
HETATM 1460 O O   . HOH J 5 .   ? -1.700  12.093  14.127  1.00 43.12 ? 1492 HOH A O   1 
HETATM 1461 O O   . HOH J 5 .   ? -13.361 6.755   -3.132  1.00 52.25 ? 1493 HOH A O   1 
HETATM 1462 O O   . HOH J 5 .   ? 0.469   1.917   11.291  1.00 48.91 ? 1494 HOH A O   1 
HETATM 1463 O O   . HOH J 5 .   ? -8.253  -21.172 10.251  1.00 46.14 ? 1495 HOH A O   1 
HETATM 1464 O O   . HOH J 5 .   ? -10.292 16.273  -4.959  1.00 52.28 ? 1496 HOH A O   1 
HETATM 1465 O O   . HOH J 5 .   ? -1.751  2.901   -11.806 1.00 46.85 ? 1497 HOH A O   1 
HETATM 1466 O O   . HOH J 5 .   ? 0.601   6.543   13.012  1.00 47.86 ? 1498 HOH A O   1 
HETATM 1467 O O   . HOH J 5 .   ? 6.999   3.233   11.146  1.00 28.66 ? 1499 HOH A O   1 
HETATM 1468 O O   . HOH J 5 .   ? -14.461 3.559   -0.943  1.00 52.75 ? 1500 HOH A O   1 
HETATM 1469 O O   . HOH J 5 .   ? 9.497   2.645   9.796   1.00 25.52 ? 1501 HOH A O   1 
HETATM 1470 O O   . HOH J 5 .   ? 11.249  5.275   12.657  1.00 56.55 ? 1502 HOH A O   1 
HETATM 1471 O O   . HOH J 5 .   ? 10.900  -8.042  -12.296 1.00 30.54 ? 1503 HOH A O   1 
HETATM 1472 O O   . HOH J 5 .   ? -14.593 5.051   1.384   1.00 51.48 ? 1504 HOH A O   1 
HETATM 1473 O O   . HOH J 5 .   ? 0.845   7.965   -10.537 1.00 42.40 ? 1505 HOH A O   1 
HETATM 1474 O O   . HOH J 5 .   ? -16.145 0.075   4.998   1.00 34.59 ? 1506 HOH A O   1 
HETATM 1475 O O   . HOH J 5 .   ? -3.708  13.571  -9.607  1.00 37.26 ? 1507 HOH A O   1 
HETATM 1476 O O   . HOH J 5 .   ? 4.028   0.259   -14.284 1.00 53.91 ? 1508 HOH A O   1 
HETATM 1477 O O   . HOH J 5 .   ? 1.308   3.963   13.687  1.00 53.13 ? 1509 HOH A O   1 
HETATM 1478 O O   . HOH J 5 .   ? -10.491 -10.712 4.376   1.00 39.61 ? 1510 HOH A O   1 
HETATM 1479 O O   . HOH J 5 .   ? 7.393   21.000  6.041   0.62 42.00 ? 1511 HOH A O   1 
HETATM 1480 O O   . HOH J 5 .   ? -17.435 -15.199 -6.304  1.00 49.66 ? 1512 HOH A O   1 
HETATM 1481 O O   . HOH J 5 .   ? 0.011   -1.162  -12.318 1.00 38.36 ? 1513 HOH A O   1 
HETATM 1482 O O   . HOH J 5 .   ? 10.076  -1.442  10.871  1.00 43.67 ? 1514 HOH A O   1 
HETATM 1483 O O   . HOH J 5 .   ? 7.018   -0.396  9.813   1.00 43.99 ? 1515 HOH A O   1 
HETATM 1484 O O   . HOH J 5 .   ? -6.438  23.290  9.393   1.00 22.52 ? 1516 HOH A O   1 
HETATM 1485 O O   . HOH J 5 .   ? -12.008 5.240   -4.701  1.00 39.53 ? 1517 HOH A O   1 
HETATM 1486 O O   . HOH J 5 .   ? 7.497   -17.558 0.024   1.00 50.53 ? 1518 HOH A O   1 
HETATM 1487 O O   . HOH J 5 .   ? -7.299  -31.417 -7.367  1.00 55.19 ? 1519 HOH A O   1 
HETATM 1488 O O   . HOH J 5 .   ? 11.376  2.602   11.868  1.00 41.21 ? 1520 HOH A O   1 
HETATM 1489 O O   . HOH J 5 .   ? -16.393 2.835   5.127   1.00 44.31 ? 1521 HOH A O   1 
HETATM 1490 O O   . HOH J 5 .   ? -16.980 3.503   2.615   1.00 57.80 ? 1522 HOH A O   1 
HETATM 1491 O O   . HOH J 5 .   ? 1.883   2.173   -12.935 1.00 58.33 ? 1523 HOH A O   1 
# 
